data_9BTY
#
_entry.id   9BTY
#
_cell.length_a   216.843
_cell.length_b   70.281
_cell.length_c   143.207
_cell.angle_alpha   90.000
_cell.angle_beta   104.120
_cell.angle_gamma   90.000
#
_symmetry.space_group_name_H-M   'C 1 2 1'
#
loop_
_entity.id
_entity.type
_entity.pdbx_description
1 polymer 'Major histocompatibility complex class I-related gene protein'
2 polymer Beta-2-microglobulin
3 polymer 'Human TCR TRAV1-2_ALPHA'
4 polymer 'Human TCR TRBV6-1_BETA'
5 non-polymer 3,4-dimethoxybenzaldehyde
6 non-polymer 'ACETATE ION'
7 non-polymer GLYCEROL
8 water water
#
loop_
_entity_poly.entity_id
_entity_poly.type
_entity_poly.pdbx_seq_one_letter_code
_entity_poly.pdbx_strand_id
1 'polypeptide(L)'
;MRTHSLRYFRLGVSDPIHGVPEFISVGYVDSHPITTYDSVTRQKEPRAPWMAENLAPDHWERYTQLLRGWQQMFKVELKR
LQRHYNHSGSHTYQRMIGCELLEDGSTTGFLQYAYDGQDFLIFNKDTLSWLAVDNVAHTIKQAWEANQHELLYQKNWLEE
ECIAWLKRFLEYGKDTLQRTEPPLVRVNRKETFPGVTALFCKAHGFYPPEIYMTWMKNGEEIVQEIDYGDILPSGDGTYQ
AWASIELDPQSSNLYSCHVEHSGVHMVLQVP
;
A,C
2 'polypeptide(L)'
;MIQRTPKIQVYSRHPAENGKSNFLNCYVSGFHPSDIEVDLLKNGERIEKVEHSDLSFSKDWSFYLLYYTEFTPTEKDEYA
CRVNHVTLSQPKIVKWDRDM
;
B,F
3 'polypeptide(L)'
;MGQNIDQPTEMTATEGAIVQINCTYQTSGFNGLFWYQQHAGEAPTFLSYNVLDGLEEKGRFSSFLSRSKGYSYLLLKELQ
MKDSASYLCAVKDSNYQLIWGAGTKLIIKPDIQNPDPAVYQLRDSKSSDKSVCLFTDFDSQTNVSQSKDSDVYITDKCVL
DMRSMDFKSNSAVAWSNKSDFACANAFNNSIIPEDTFFPSPESS
;
D,G
4 'polypeptide(L)'
;MNAGVTQTPKFQVLKTGQSMTLQCAQDMNHNSMYWYRQDPGMGLRLIYYSASEGTTDKGEVPNGYNVSRLNKREFSLRLE
SAAPSQTSVYFCASSVWTGEGSGELFFGEGSRLTVLEDLKNVFPPEVAVFEPSEAEISHTQKATLVCLATGFYPDHVELS
WWVNGKEVHSGVCTDPQPLKEQPALNDSRYALSSRLRVSATFWQNPRNHFRCQVQFYGLSENDEWTQDRAKPVTQIVSAE
AWGRAD
;
E,H
#
loop_
_chem_comp.id
_chem_comp.type
_chem_comp.name
_chem_comp.formula
ACT non-polymer 'ACETATE ION' 'C2 H3 O2 -1'
GOL non-polymer GLYCEROL 'C3 H8 O3'
XIK non-polymer 3,4-dimethoxybenzaldehyde 'C9 H10 O3'
#
# COMPACT_ATOMS: atom_id res chain seq x y z
N MET A 1 59.07 25.19 -18.57
CA MET A 1 58.11 26.24 -18.86
C MET A 1 58.36 27.44 -17.96
N ARG A 2 57.70 28.56 -18.23
CA ARG A 2 57.73 29.63 -17.26
C ARG A 2 56.80 29.27 -16.10
N THR A 3 56.78 30.14 -15.09
CA THR A 3 55.79 30.01 -14.04
C THR A 3 54.39 30.23 -14.58
N HIS A 4 53.52 29.27 -14.36
CA HIS A 4 52.11 29.46 -14.64
C HIS A 4 51.32 29.30 -13.35
N SER A 5 50.15 29.94 -13.31
CA SER A 5 49.28 29.88 -12.15
C SER A 5 47.82 29.70 -12.56
N LEU A 6 47.04 29.14 -11.65
CA LEU A 6 45.59 29.07 -11.76
C LEU A 6 44.98 29.65 -10.49
N ARG A 7 44.06 30.62 -10.61
CA ARG A 7 43.34 31.07 -9.43
C ARG A 7 41.86 31.33 -9.74
N TYR A 8 41.02 31.15 -8.71
CA TYR A 8 39.59 31.40 -8.75
C TYR A 8 39.23 32.44 -7.68
N PHE A 9 38.37 33.39 -8.05
CA PHE A 9 37.94 34.49 -7.20
C PHE A 9 36.43 34.45 -7.02
N ARG A 10 35.97 34.82 -5.83
CA ARG A 10 34.55 35.03 -5.53
C ARG A 10 34.40 36.39 -4.86
N LEU A 11 33.33 37.08 -5.22
CA LEU A 11 32.95 38.34 -4.59
C LEU A 11 31.49 38.23 -4.19
N GLY A 12 31.20 38.59 -2.97
CA GLY A 12 29.83 38.73 -2.51
C GLY A 12 29.65 40.14 -1.97
N VAL A 13 28.46 40.70 -2.21
CA VAL A 13 28.10 42.03 -1.69
C VAL A 13 26.75 41.92 -1.00
N SER A 14 26.64 42.47 0.21
CA SER A 14 25.48 42.20 1.05
C SER A 14 24.25 42.99 0.63
N ASP A 15 24.41 44.28 0.30
CA ASP A 15 23.28 45.13 -0.10
C ASP A 15 23.58 45.80 -1.43
N PRO A 16 23.53 45.04 -2.53
CA PRO A 16 23.99 45.58 -3.81
C PRO A 16 23.00 46.59 -4.38
N ILE A 17 23.54 47.63 -5.02
CA ILE A 17 22.71 48.64 -5.66
C ILE A 17 21.96 47.97 -6.80
N HIS A 18 20.96 48.65 -7.36
CA HIS A 18 20.07 48.02 -8.32
C HIS A 18 20.83 47.47 -9.53
N GLY A 19 20.55 46.21 -9.88
CA GLY A 19 21.11 45.58 -11.05
C GLY A 19 22.50 45.01 -10.90
N VAL A 20 23.30 45.53 -9.96
CA VAL A 20 24.63 44.98 -9.67
C VAL A 20 24.49 43.63 -8.99
N PRO A 21 25.29 42.62 -9.37
CA PRO A 21 25.07 41.26 -8.87
C PRO A 21 25.50 41.11 -7.42
N GLU A 22 24.90 40.12 -6.77
CA GLU A 22 25.23 39.83 -5.37
C GLU A 22 26.43 38.90 -5.26
N PHE A 23 26.69 38.11 -6.30
CA PHE A 23 27.75 37.11 -6.32
C PHE A 23 28.35 37.10 -7.71
N ILE A 24 29.68 37.06 -7.78
CA ILE A 24 30.42 36.93 -9.03
C ILE A 24 31.54 35.95 -8.75
N SER A 25 31.93 35.19 -9.76
CA SER A 25 33.15 34.41 -9.60
C SER A 25 33.84 34.19 -10.94
N VAL A 26 35.11 34.58 -11.01
CA VAL A 26 35.90 34.47 -12.22
C VAL A 26 37.10 33.58 -11.91
N GLY A 27 37.51 32.80 -12.91
CA GLY A 27 38.76 32.06 -12.83
C GLY A 27 39.74 32.58 -13.87
N TYR A 28 41.02 32.54 -13.53
CA TYR A 28 42.11 33.00 -14.38
C TYR A 28 43.14 31.88 -14.55
N VAL A 29 43.71 31.79 -15.74
CA VAL A 29 45.03 31.18 -15.93
C VAL A 29 45.97 32.32 -16.26
N ASP A 30 46.98 32.53 -15.42
CA ASP A 30 47.89 33.67 -15.57
C ASP A 30 47.02 34.92 -15.58
N SER A 31 47.16 35.82 -16.54
CA SER A 31 46.40 37.06 -16.64
CA SER A 31 46.35 37.04 -16.55
C SER A 31 45.08 36.90 -17.37
N HIS A 32 44.82 35.72 -17.97
CA HIS A 32 43.65 35.49 -18.83
C HIS A 32 42.46 35.01 -18.05
N PRO A 33 41.31 35.69 -18.11
CA PRO A 33 40.07 35.08 -17.59
C PRO A 33 39.71 33.83 -18.40
N ILE A 34 39.20 32.82 -17.70
CA ILE A 34 38.87 31.57 -18.37
C ILE A 34 37.41 31.18 -18.09
N THR A 35 36.87 31.59 -16.96
CA THR A 35 35.49 31.24 -16.61
C THR A 35 34.85 32.39 -15.87
N THR A 36 33.51 32.40 -15.89
CA THR A 36 32.74 33.36 -15.10
C THR A 36 31.39 32.77 -14.78
N TYR A 37 30.79 33.29 -13.70
CA TYR A 37 29.45 32.97 -13.20
C TYR A 37 29.01 34.15 -12.36
N ASP A 38 27.71 34.40 -12.32
CA ASP A 38 27.23 35.43 -11.40
C ASP A 38 25.76 35.19 -11.07
N SER A 39 25.32 35.85 -10.00
CA SER A 39 23.98 35.67 -9.44
C SER A 39 22.88 36.17 -10.39
N VAL A 40 23.24 36.81 -11.50
CA VAL A 40 22.27 37.31 -12.46
C VAL A 40 22.09 36.32 -13.61
N THR A 41 23.18 35.99 -14.31
CA THR A 41 23.08 35.00 -15.39
C THR A 41 22.82 33.60 -14.84
N ARG A 42 23.30 33.29 -13.63
CA ARG A 42 23.10 32.00 -12.96
C ARG A 42 23.69 30.81 -13.73
N GLN A 43 24.63 31.09 -14.65
CA GLN A 43 25.25 30.10 -15.52
C GLN A 43 26.76 30.23 -15.43
N LYS A 44 27.47 29.11 -15.45
CA LYS A 44 28.92 29.15 -15.58
C LYS A 44 29.29 29.03 -17.05
N GLU A 45 29.96 30.05 -17.58
CA GLU A 45 30.30 30.05 -18.99
C GLU A 45 31.75 30.45 -19.18
N PRO A 46 32.39 30.00 -20.26
CA PRO A 46 33.79 30.34 -20.47
C PRO A 46 33.98 31.82 -20.78
N ARG A 47 35.21 32.27 -20.54
CA ARG A 47 35.67 33.61 -20.90
C ARG A 47 36.81 33.56 -21.89
N ALA A 48 37.29 32.37 -22.25
CA ALA A 48 38.34 32.23 -23.22
C ALA A 48 37.91 31.20 -24.25
N PRO A 49 38.32 31.36 -25.51
CA PRO A 49 37.85 30.43 -26.54
C PRO A 49 38.40 29.03 -26.39
N TRP A 50 39.68 28.89 -26.10
CA TRP A 50 40.29 27.57 -25.95
C TRP A 50 39.75 26.82 -24.75
N MET A 51 39.14 27.53 -23.80
CA MET A 51 38.38 26.85 -22.76
C MET A 51 37.12 26.24 -23.35
N ALA A 52 36.35 27.07 -24.09
CA ALA A 52 35.08 26.65 -24.67
C ALA A 52 35.23 25.42 -25.55
N GLU A 53 36.31 25.36 -26.33
CA GLU A 53 36.52 24.35 -27.36
C GLU A 53 36.99 23.01 -26.83
N ASN A 54 37.33 22.90 -25.54
CA ASN A 54 37.92 21.70 -24.99
C ASN A 54 37.17 21.11 -23.80
N LEU A 55 36.16 21.80 -23.30
CA LEU A 55 35.36 21.32 -22.19
C LEU A 55 33.96 21.15 -22.72
N ALA A 56 33.43 19.93 -22.57
CA ALA A 56 32.13 19.57 -23.12
C ALA A 56 31.01 20.24 -22.33
N PRO A 57 29.84 20.41 -22.95
CA PRO A 57 28.75 21.10 -22.24
C PRO A 57 28.38 20.46 -20.89
N ASP A 58 28.58 19.15 -20.70
CA ASP A 58 28.29 18.55 -19.40
C ASP A 58 29.13 19.17 -18.30
N HIS A 59 30.32 19.67 -18.65
CA HIS A 59 31.18 20.31 -17.67
C HIS A 59 30.60 21.65 -17.22
N TRP A 60 30.15 22.48 -18.15
CA TRP A 60 29.51 23.72 -17.77
C TRP A 60 28.21 23.46 -17.01
N GLU A 61 27.51 22.38 -17.35
CA GLU A 61 26.27 22.07 -16.67
C GLU A 61 26.54 21.67 -15.23
N ARG A 62 27.57 20.86 -15.02
CA ARG A 62 27.91 20.43 -13.67
C ARG A 62 28.34 21.61 -12.79
N TYR A 63 29.25 22.45 -13.27
CA TYR A 63 29.76 23.54 -12.44
C TYR A 63 28.76 24.68 -12.29
N THR A 64 27.76 24.76 -13.16
CA THR A 64 26.67 25.69 -12.89
C THR A 64 25.90 25.27 -11.65
N GLN A 65 25.58 23.97 -11.53
CA GLN A 65 24.90 23.51 -10.32
C GLN A 65 25.72 23.80 -9.09
N LEU A 66 27.00 23.42 -9.10
CA LEU A 66 27.86 23.69 -7.95
C LEU A 66 27.86 25.16 -7.58
N LEU A 67 28.02 26.03 -8.58
CA LEU A 67 28.19 27.46 -8.28
C LEU A 67 26.91 28.08 -7.77
N ARG A 68 25.75 27.57 -8.19
CA ARG A 68 24.50 28.02 -7.58
C ARG A 68 24.47 27.65 -6.11
N GLY A 69 25.04 26.49 -5.75
CA GLY A 69 25.17 26.13 -4.36
C GLY A 69 26.15 27.01 -3.62
N TRP A 70 27.32 27.26 -4.21
CA TRP A 70 28.34 28.08 -3.55
C TRP A 70 27.91 29.53 -3.43
N GLN A 71 27.04 30.00 -4.32
CA GLN A 71 26.53 31.36 -4.22
C GLN A 71 25.75 31.54 -2.92
N GLN A 72 24.93 30.54 -2.58
CA GLN A 72 24.11 30.57 -1.38
C GLN A 72 24.96 30.42 -0.12
N MET A 73 25.88 29.47 -0.12
CA MET A 73 26.83 29.33 0.98
C MET A 73 27.62 30.61 1.19
N PHE A 74 27.91 31.33 0.11
CA PHE A 74 28.61 32.60 0.24
C PHE A 74 27.71 33.69 0.84
N LYS A 75 26.42 33.73 0.45
CA LYS A 75 25.49 34.67 1.08
C LYS A 75 25.36 34.42 2.58
N VAL A 76 25.21 33.13 2.96
CA VAL A 76 25.11 32.75 4.36
C VAL A 76 26.34 33.20 5.15
N GLU A 77 27.53 32.94 4.59
CA GLU A 77 28.77 33.31 5.30
C GLU A 77 28.87 34.82 5.50
N LEU A 78 28.51 35.60 4.47
CA LEU A 78 28.58 37.05 4.61
C LEU A 78 27.55 37.57 5.59
N LYS A 79 26.36 36.99 5.59
CA LYS A 79 25.38 37.32 6.62
C LYS A 79 25.97 37.13 8.02
N ARG A 80 26.59 35.97 8.26
CA ARG A 80 27.15 35.69 9.57
C ARG A 80 28.29 36.64 9.90
N LEU A 81 29.11 37.02 8.92
CA LEU A 81 30.20 37.96 9.15
C LEU A 81 29.68 39.35 9.51
N GLN A 82 28.74 39.86 8.73
CA GLN A 82 28.24 41.20 8.96
C GLN A 82 27.56 41.33 10.33
N ARG A 83 26.85 40.28 10.77
CA ARG A 83 26.17 40.36 12.05
C ARG A 83 27.18 40.34 13.21
N HIS A 84 28.24 39.54 13.10
CA HIS A 84 29.22 39.47 14.18
C HIS A 84 30.04 40.77 14.30
N TYR A 85 30.19 41.52 13.21
CA TYR A 85 30.85 42.83 13.21
C TYR A 85 29.90 43.96 13.61
N ASN A 86 28.59 43.68 13.72
CA ASN A 86 27.57 44.69 14.01
C ASN A 86 27.63 45.82 12.98
N HIS A 87 27.63 45.44 11.71
CA HIS A 87 27.87 46.35 10.58
C HIS A 87 26.60 46.57 9.77
N SER A 88 26.30 47.84 9.47
CA SER A 88 25.14 48.23 8.68
C SER A 88 25.55 48.53 7.24
N GLY A 89 24.56 48.52 6.36
CA GLY A 89 24.83 48.90 4.98
C GLY A 89 25.37 47.74 4.16
N SER A 90 26.21 48.07 3.19
CA SER A 90 26.70 47.10 2.22
C SER A 90 28.17 46.81 2.46
N HIS A 91 28.51 45.52 2.54
CA HIS A 91 29.89 45.11 2.76
C HIS A 91 30.22 43.98 1.79
N THR A 92 31.51 43.76 1.57
CA THR A 92 31.93 42.76 0.60
C THR A 92 32.67 41.62 1.28
N TYR A 93 32.58 40.44 0.67
CA TYR A 93 33.30 39.26 1.12
C TYR A 93 33.95 38.64 -0.10
N GLN A 94 35.21 38.25 0.02
CA GLN A 94 36.02 37.81 -1.12
C GLN A 94 36.77 36.56 -0.75
N ARG A 95 36.98 35.70 -1.75
CA ARG A 95 37.79 34.51 -1.59
C ARG A 95 38.70 34.37 -2.81
N MET A 96 39.94 33.96 -2.59
CA MET A 96 40.83 33.54 -3.66
C MET A 96 41.40 32.16 -3.36
N ILE A 97 41.45 31.29 -4.37
CA ILE A 97 42.09 29.98 -4.24
C ILE A 97 42.87 29.70 -5.50
N GLY A 98 43.98 29.00 -5.36
CA GLY A 98 44.71 28.57 -6.55
C GLY A 98 46.12 28.10 -6.25
N CYS A 99 46.90 28.01 -7.31
CA CYS A 99 48.17 27.31 -7.24
C CYS A 99 49.08 27.82 -8.36
N GLU A 100 50.38 27.65 -8.14
CA GLU A 100 51.41 28.00 -9.10
C GLU A 100 52.23 26.77 -9.42
N LEU A 101 52.42 26.48 -10.71
CA LEU A 101 53.39 25.50 -11.15
C LEU A 101 54.62 26.26 -11.62
N LEU A 102 55.73 26.10 -10.90
CA LEU A 102 56.96 26.87 -11.12
C LEU A 102 57.78 26.28 -12.26
N GLU A 103 58.79 27.07 -12.68
CA GLU A 103 59.68 26.64 -13.76
C GLU A 103 60.48 25.39 -13.36
N ASP A 104 61.11 25.41 -12.18
CA ASP A 104 61.91 24.28 -11.73
C ASP A 104 61.08 23.04 -11.41
N GLY A 105 59.76 23.14 -11.37
CA GLY A 105 58.89 22.00 -11.14
C GLY A 105 58.23 21.98 -9.78
N SER A 106 58.63 22.87 -8.88
CA SER A 106 57.96 22.98 -7.60
C SER A 106 56.59 23.63 -7.77
N THR A 107 55.77 23.51 -6.74
CA THR A 107 54.42 24.03 -6.78
C THR A 107 54.18 24.86 -5.52
N THR A 108 53.19 25.74 -5.60
CA THR A 108 52.70 26.45 -4.43
C THR A 108 51.18 26.41 -4.44
N GLY A 109 50.58 26.86 -3.35
CA GLY A 109 49.14 26.80 -3.23
C GLY A 109 48.62 27.64 -2.10
N PHE A 110 47.52 28.35 -2.35
CA PHE A 110 47.02 29.38 -1.48
C PHE A 110 45.50 29.34 -1.47
N LEU A 111 44.92 29.70 -0.32
CA LEU A 111 43.49 29.93 -0.13
C LEU A 111 43.34 30.99 0.97
N GLN A 112 42.62 32.07 0.67
CA GLN A 112 42.47 33.11 1.67
C GLN A 112 41.22 33.92 1.40
N TYR A 113 40.72 34.57 2.45
CA TYR A 113 39.45 35.29 2.47
C TYR A 113 39.67 36.75 2.82
N ALA A 114 38.73 37.60 2.40
CA ALA A 114 38.85 39.03 2.64
C ALA A 114 37.49 39.60 3.00
N TYR A 115 37.50 40.61 3.87
CA TYR A 115 36.28 41.33 4.23
C TYR A 115 36.51 42.83 4.11
N ASP A 116 35.75 43.47 3.22
CA ASP A 116 35.95 44.88 2.85
C ASP A 116 37.35 45.09 2.28
N GLY A 117 37.77 44.17 1.42
CA GLY A 117 39.03 44.28 0.72
C GLY A 117 40.25 44.13 1.60
N GLN A 118 40.08 43.66 2.82
CA GLN A 118 41.19 43.45 3.75
C GLN A 118 41.29 41.96 4.07
N ASP A 119 42.52 41.48 4.31
CA ASP A 119 42.70 40.08 4.69
C ASP A 119 41.84 39.75 5.88
N PHE A 120 41.24 38.56 5.83
CA PHE A 120 40.39 38.08 6.90
C PHE A 120 40.92 36.78 7.50
N LEU A 121 41.12 35.77 6.66
CA LEU A 121 41.64 34.45 7.04
C LEU A 121 42.56 33.92 5.95
N ILE A 122 43.73 33.42 6.32
CA ILE A 122 44.69 32.88 5.36
C ILE A 122 45.05 31.45 5.78
N PHE A 123 44.93 30.52 4.84
CA PHE A 123 45.17 29.11 5.10
C PHE A 123 46.66 28.80 4.94
N ASN A 124 47.17 27.96 5.83
CA ASN A 124 48.55 27.47 5.80
C ASN A 124 48.48 25.94 5.71
N LYS A 125 48.72 25.39 4.50
CA LYS A 125 48.53 23.97 4.23
C LYS A 125 49.68 23.11 4.73
N ASP A 126 50.72 23.72 5.29
CA ASP A 126 51.78 22.95 5.94
C ASP A 126 51.43 22.70 7.40
N THR A 127 51.18 23.77 8.17
CA THR A 127 50.76 23.57 9.55
C THR A 127 49.28 23.20 9.66
N LEU A 128 48.52 23.19 8.57
CA LEU A 128 47.10 22.81 8.52
C LEU A 128 46.28 23.61 9.52
N SER A 129 46.31 24.93 9.34
CA SER A 129 45.62 25.87 10.22
C SER A 129 45.36 27.15 9.46
N TRP A 130 44.50 27.98 10.05
CA TRP A 130 44.06 29.26 9.51
C TRP A 130 44.60 30.41 10.37
N LEU A 131 45.05 31.47 9.71
CA LEU A 131 45.47 32.69 10.39
C LEU A 131 44.31 33.68 10.48
N ALA A 132 44.13 34.28 11.65
CA ALA A 132 42.99 35.14 11.89
C ALA A 132 43.47 36.56 12.17
N VAL A 133 42.87 37.54 11.49
CA VAL A 133 43.29 38.92 11.59
C VAL A 133 42.60 39.64 12.75
N ASP A 134 41.34 39.34 13.02
CA ASP A 134 40.60 39.93 14.12
C ASP A 134 39.82 38.81 14.82
N ASN A 135 38.86 39.19 15.66
CA ASN A 135 38.17 38.20 16.48
C ASN A 135 36.90 37.64 15.84
N VAL A 136 36.30 38.34 14.87
CA VAL A 136 35.31 37.67 14.03
C VAL A 136 36.00 36.56 13.25
N ALA A 137 37.19 36.85 12.72
CA ALA A 137 37.93 35.82 12.00
C ALA A 137 38.35 34.71 12.96
N HIS A 138 38.71 35.06 14.20
CA HIS A 138 39.11 34.04 15.17
C HIS A 138 37.98 33.05 15.43
N THR A 139 36.76 33.53 15.57
CA THR A 139 35.64 32.64 15.82
C THR A 139 35.41 31.68 14.65
N ILE A 140 35.47 32.18 13.41
CA ILE A 140 35.35 31.32 12.24
C ILE A 140 36.50 30.31 12.18
N LYS A 141 37.73 30.74 12.46
CA LYS A 141 38.86 29.83 12.49
C LYS A 141 38.60 28.64 13.40
N GLN A 142 38.14 28.90 14.63
CA GLN A 142 37.94 27.82 15.61
C GLN A 142 36.93 26.80 15.10
N ALA A 143 35.92 27.25 14.33
CA ALA A 143 34.91 26.36 13.77
C ALA A 143 35.44 25.57 12.59
N TRP A 144 36.28 26.19 11.75
CA TRP A 144 36.83 25.53 10.59
C TRP A 144 37.89 24.50 11.00
N GLU A 145 38.75 24.86 11.96
CA GLU A 145 39.84 23.99 12.41
C GLU A 145 39.33 22.76 13.16
N ALA A 146 38.11 22.80 13.70
CA ALA A 146 37.53 21.62 14.32
C ALA A 146 37.37 20.49 13.31
N ASN A 147 36.86 20.81 12.12
CA ASN A 147 36.64 19.85 11.06
C ASN A 147 37.99 19.50 10.44
N GLN A 148 38.72 18.60 11.11
CA GLN A 148 40.04 18.24 10.64
C GLN A 148 40.01 17.66 9.23
N HIS A 149 38.97 16.89 8.92
CA HIS A 149 38.86 16.27 7.60
C HIS A 149 38.76 17.33 6.50
N GLU A 150 38.04 18.41 6.77
CA GLU A 150 37.86 19.43 5.75
C GLU A 150 39.18 20.17 5.48
N LEU A 151 40.02 20.37 6.50
CA LEU A 151 41.33 20.97 6.26
C LEU A 151 42.18 20.07 5.39
N LEU A 152 42.20 18.77 5.71
CA LEU A 152 42.94 17.79 4.92
C LEU A 152 42.50 17.81 3.46
N TYR A 153 41.22 18.05 3.23
CA TYR A 153 40.70 18.12 1.88
C TYR A 153 41.28 19.32 1.12
N GLN A 154 41.32 20.50 1.76
CA GLN A 154 41.92 21.67 1.13
C GLN A 154 43.37 21.40 0.76
N LYS A 155 44.14 20.83 1.69
CA LYS A 155 45.53 20.51 1.41
C LYS A 155 45.67 19.66 0.16
N ASN A 156 44.86 18.60 0.05
CA ASN A 156 44.95 17.73 -1.11
C ASN A 156 44.53 18.44 -2.39
N TRP A 157 43.49 19.27 -2.33
CA TRP A 157 43.05 19.97 -3.53
C TRP A 157 44.12 20.95 -4.01
N LEU A 158 44.64 21.78 -3.13
CA LEU A 158 45.66 22.74 -3.54
C LEU A 158 46.88 22.06 -4.11
N GLU A 159 47.37 21.00 -3.46
CA GLU A 159 48.59 20.35 -3.93
C GLU A 159 48.40 19.38 -5.09
N GLU A 160 47.20 18.84 -5.32
CA GLU A 160 47.03 17.86 -6.40
C GLU A 160 46.00 18.27 -7.44
N GLU A 161 44.79 18.50 -6.96
CA GLU A 161 43.67 18.76 -7.85
C GLU A 161 43.91 20.03 -8.64
N CYS A 162 44.29 21.11 -7.95
CA CYS A 162 44.56 22.38 -8.61
C CYS A 162 45.72 22.26 -9.60
N ILE A 163 46.82 21.63 -9.19
CA ILE A 163 47.95 21.52 -10.12
C ILE A 163 47.55 20.68 -11.33
N ALA A 164 46.64 19.72 -11.15
CA ALA A 164 46.28 18.89 -12.30
C ALA A 164 45.38 19.65 -13.26
N TRP A 165 44.44 20.44 -12.75
CA TRP A 165 43.67 21.31 -13.62
C TRP A 165 44.59 22.27 -14.37
N LEU A 166 45.56 22.85 -13.67
CA LEU A 166 46.45 23.82 -14.29
C LEU A 166 47.17 23.19 -15.50
N LYS A 167 47.69 21.98 -15.32
CA LYS A 167 48.36 21.30 -16.43
C LYS A 167 47.40 21.09 -17.58
N ARG A 168 46.17 20.68 -17.29
CA ARG A 168 45.18 20.45 -18.32
C ARG A 168 44.86 21.73 -19.09
N PHE A 169 44.65 22.85 -18.37
CA PHE A 169 44.35 24.11 -19.05
C PHE A 169 45.54 24.63 -19.85
N LEU A 170 46.76 24.41 -19.35
CA LEU A 170 47.96 24.78 -20.05
C LEU A 170 48.04 24.14 -21.42
N GLU A 171 47.50 22.92 -21.57
CA GLU A 171 47.50 22.29 -22.88
C GLU A 171 46.42 22.88 -23.77
N TYR A 172 45.20 23.06 -23.23
CA TYR A 172 44.13 23.61 -24.04
C TYR A 172 44.56 24.96 -24.60
N GLY A 173 45.20 25.80 -23.78
CA GLY A 173 45.52 27.15 -24.22
C GLY A 173 46.96 27.38 -24.61
N LYS A 174 47.67 26.32 -25.00
CA LYS A 174 49.12 26.39 -25.15
C LYS A 174 49.55 27.39 -26.24
N ASP A 175 48.81 27.45 -27.35
CA ASP A 175 49.12 28.45 -28.39
C ASP A 175 49.13 29.86 -27.83
N THR A 176 48.28 30.12 -26.83
CA THR A 176 48.24 31.42 -26.18
C THR A 176 49.29 31.53 -25.07
N LEU A 177 49.24 30.62 -24.10
CA LEU A 177 49.91 30.86 -22.83
C LEU A 177 51.42 30.71 -22.94
N GLN A 178 51.90 29.89 -23.88
CA GLN A 178 53.31 29.53 -23.93
C GLN A 178 54.10 30.23 -25.03
N ARG A 179 53.42 30.98 -25.89
CA ARG A 179 54.10 31.79 -26.91
C ARG A 179 54.94 32.88 -26.27
N THR A 180 55.86 33.43 -27.07
CA THR A 180 56.60 34.64 -26.72
C THR A 180 56.46 35.66 -27.84
N GLU A 181 56.06 36.87 -27.47
CA GLU A 181 56.25 38.03 -28.32
C GLU A 181 57.24 38.94 -27.61
N PRO A 182 58.48 39.06 -28.09
CA PRO A 182 59.48 39.91 -27.41
C PRO A 182 59.17 41.38 -27.57
N PRO A 183 59.75 42.23 -26.74
CA PRO A 183 59.30 43.62 -26.65
C PRO A 183 60.04 44.59 -27.56
N LEU A 184 59.36 45.71 -27.84
CA LEU A 184 59.93 46.81 -28.62
C LEU A 184 60.35 47.96 -27.69
N VAL A 185 61.65 48.11 -27.48
CA VAL A 185 62.18 49.03 -26.50
C VAL A 185 62.76 50.26 -27.20
N ARG A 186 62.44 51.43 -26.67
CA ARG A 186 62.99 52.68 -27.17
C ARG A 186 63.30 53.58 -25.97
N VAL A 187 64.10 54.62 -26.21
CA VAL A 187 64.38 55.68 -25.25
C VAL A 187 63.96 57.02 -25.84
N ASN A 188 63.48 57.93 -25.00
CA ASN A 188 63.33 59.33 -25.39
C ASN A 188 63.38 60.20 -24.13
N ARG A 189 63.10 61.50 -24.28
CA ARG A 189 63.35 62.49 -23.23
C ARG A 189 62.13 63.37 -22.96
N LYS A 190 61.99 63.79 -21.70
CA LYS A 190 60.98 64.77 -21.30
C LYS A 190 61.29 65.31 -19.90
N THR A 197 64.66 67.43 -16.82
CA THR A 197 64.32 66.54 -17.94
C THR A 197 64.79 65.09 -17.72
N ALA A 198 63.99 64.14 -18.19
CA ALA A 198 64.10 62.75 -17.81
C ALA A 198 64.34 61.83 -19.00
N LEU A 199 64.85 60.64 -18.70
CA LEU A 199 65.06 59.58 -19.69
C LEU A 199 64.00 58.50 -19.49
N PHE A 200 63.13 58.31 -20.46
CA PHE A 200 62.11 57.28 -20.42
C PHE A 200 62.51 56.08 -21.28
N CYS A 201 62.29 54.89 -20.75
CA CYS A 201 62.55 53.64 -21.46
C CYS A 201 61.22 52.94 -21.65
N LYS A 202 60.76 52.80 -22.89
CA LYS A 202 59.37 52.40 -23.14
C LYS A 202 59.34 51.11 -23.96
N ALA A 203 58.80 50.04 -23.38
CA ALA A 203 58.64 48.77 -24.07
C ALA A 203 57.19 48.54 -24.43
N HIS A 204 56.95 47.81 -25.52
CA HIS A 204 55.57 47.55 -25.92
C HIS A 204 55.52 46.34 -26.84
N GLY A 205 54.33 45.76 -26.95
CA GLY A 205 54.11 44.62 -27.81
C GLY A 205 54.64 43.30 -27.30
N PHE A 206 54.80 43.10 -25.98
CA PHE A 206 55.33 41.85 -25.47
C PHE A 206 54.28 40.99 -24.76
N TYR A 207 54.52 39.67 -24.80
CA TYR A 207 53.80 38.63 -24.10
C TYR A 207 54.85 37.57 -23.78
N PRO A 208 54.87 36.99 -22.56
CA PRO A 208 54.03 37.19 -21.38
C PRO A 208 54.22 38.57 -20.78
N PRO A 209 53.37 38.99 -19.86
CA PRO A 209 53.48 40.34 -19.27
C PRO A 209 54.61 40.50 -18.26
N GLU A 210 55.32 39.44 -17.90
CA GLU A 210 56.41 39.53 -16.94
C GLU A 210 57.65 40.13 -17.61
N ILE A 211 57.94 41.40 -17.33
CA ILE A 211 59.14 42.08 -17.85
C ILE A 211 59.81 42.88 -16.74
N TYR A 212 61.14 42.85 -16.71
CA TYR A 212 61.95 43.58 -15.74
C TYR A 212 62.70 44.71 -16.45
N MET A 213 62.53 45.94 -15.98
CA MET A 213 63.16 47.11 -16.59
C MET A 213 63.77 47.99 -15.51
N THR A 214 65.09 48.08 -15.48
CA THR A 214 65.80 48.95 -14.56
C THR A 214 66.79 49.83 -15.33
N TRP A 215 67.12 50.98 -14.74
CA TRP A 215 68.16 51.87 -15.26
C TRP A 215 69.49 51.65 -14.55
N MET A 216 70.55 52.16 -15.15
CA MET A 216 71.90 51.91 -14.68
C MET A 216 72.75 53.15 -14.92
N LYS A 217 73.32 53.70 -13.86
CA LYS A 217 74.16 54.88 -13.94
C LYS A 217 75.61 54.43 -13.90
N ASN A 218 76.32 54.66 -15.00
CA ASN A 218 77.76 54.36 -15.12
C ASN A 218 78.09 52.93 -14.72
N GLY A 219 77.11 52.01 -14.80
CA GLY A 219 77.34 50.64 -14.44
C GLY A 219 76.94 50.24 -13.02
N GLU A 220 76.25 51.10 -12.29
CA GLU A 220 75.75 50.78 -10.96
C GLU A 220 74.25 50.95 -10.95
N GLU A 221 73.56 49.97 -10.37
CA GLU A 221 72.11 50.01 -10.32
C GLU A 221 71.61 51.12 -9.41
N ILE A 222 70.45 51.64 -9.74
CA ILE A 222 69.81 52.68 -8.95
C ILE A 222 68.49 52.12 -8.46
N VAL A 223 68.08 52.54 -7.26
CA VAL A 223 66.79 52.18 -6.69
C VAL A 223 65.97 53.41 -6.40
N GLN A 224 66.55 54.38 -5.69
CA GLN A 224 65.82 55.56 -5.25
C GLN A 224 65.51 56.50 -6.41
N GLU A 225 66.42 56.64 -7.36
CA GLU A 225 66.20 57.59 -8.45
C GLU A 225 65.13 57.12 -9.43
N ILE A 226 64.99 55.81 -9.61
CA ILE A 226 64.20 55.27 -10.72
C ILE A 226 62.70 55.39 -10.46
N ASP A 227 61.97 55.79 -11.49
CA ASP A 227 60.51 55.89 -11.49
C ASP A 227 59.96 54.77 -12.37
N TYR A 228 59.19 53.86 -11.79
CA TYR A 228 58.70 52.68 -12.48
C TYR A 228 57.24 52.85 -12.86
N GLY A 229 56.93 52.55 -14.12
CA GLY A 229 55.55 52.48 -14.56
C GLY A 229 54.95 51.09 -14.42
N ASP A 230 53.63 51.04 -14.39
CA ASP A 230 52.94 49.77 -14.30
C ASP A 230 53.07 49.00 -15.63
N ILE A 231 52.79 47.71 -15.59
CA ILE A 231 52.64 46.91 -16.79
C ILE A 231 51.18 46.95 -17.18
N LEU A 232 50.89 47.31 -18.43
CA LEU A 232 49.52 47.61 -18.82
C LEU A 232 49.06 46.77 -20.00
N PRO A 233 47.79 46.38 -20.04
CA PRO A 233 47.23 45.81 -21.28
C PRO A 233 47.13 46.85 -22.39
N SER A 234 47.49 46.43 -23.61
CA SER A 234 47.35 47.30 -24.77
C SER A 234 45.98 47.20 -25.42
N GLY A 235 45.29 46.08 -25.23
CA GLY A 235 44.03 45.80 -25.88
C GLY A 235 44.11 44.78 -26.98
N ASP A 236 45.29 44.22 -27.26
CA ASP A 236 45.43 43.29 -28.36
C ASP A 236 46.06 41.97 -27.94
N GLY A 237 46.12 41.71 -26.63
CA GLY A 237 46.80 40.54 -26.11
C GLY A 237 48.24 40.76 -25.71
N THR A 238 48.70 42.01 -25.68
CA THR A 238 50.10 42.32 -25.41
C THR A 238 50.16 43.48 -24.43
N TYR A 239 51.31 43.61 -23.79
CA TYR A 239 51.46 44.56 -22.70
C TYR A 239 52.57 45.55 -22.99
N GLN A 240 52.46 46.74 -22.40
CA GLN A 240 53.45 47.80 -22.50
C GLN A 240 53.84 48.29 -21.11
N ALA A 241 55.10 48.63 -20.93
CA ALA A 241 55.54 49.25 -19.69
C ALA A 241 56.62 50.29 -19.98
N TRP A 242 56.99 51.05 -18.95
CA TRP A 242 58.03 52.05 -19.06
C TRP A 242 58.76 52.16 -17.72
N ALA A 243 59.85 52.93 -17.72
CA ALA A 243 60.58 53.25 -16.50
C ALA A 243 61.46 54.47 -16.76
N SER A 244 61.25 55.53 -15.99
CA SER A 244 61.96 56.79 -16.20
C SER A 244 63.08 56.97 -15.19
N ILE A 245 63.94 57.94 -15.50
CA ILE A 245 64.95 58.39 -14.56
C ILE A 245 65.22 59.87 -14.84
N GLU A 246 65.65 60.59 -13.81
CA GLU A 246 65.87 62.02 -13.87
C GLU A 246 67.36 62.32 -14.00
N LEU A 247 67.73 63.12 -15.01
CA LEU A 247 69.11 63.22 -15.47
C LEU A 247 69.85 64.38 -14.79
N ASP A 248 71.10 64.13 -14.38
CA ASP A 248 71.91 65.10 -13.63
C ASP A 248 72.36 66.26 -14.52
N PRO A 249 71.96 67.51 -14.23
CA PRO A 249 72.29 68.61 -15.13
C PRO A 249 73.71 69.15 -14.98
N GLN A 250 74.51 68.64 -14.04
CA GLN A 250 75.82 69.22 -13.72
C GLN A 250 76.99 68.31 -14.04
N SER A 251 76.82 66.99 -14.00
CA SER A 251 77.84 66.04 -14.41
C SER A 251 77.24 65.09 -15.45
N SER A 252 78.08 64.62 -16.35
CA SER A 252 77.65 63.64 -17.36
C SER A 252 77.77 62.24 -16.79
N ASN A 253 76.85 61.35 -17.22
CA ASN A 253 76.86 59.95 -16.79
C ASN A 253 76.46 59.05 -17.96
N LEU A 254 76.97 57.81 -17.93
CA LEU A 254 76.62 56.80 -18.92
C LEU A 254 75.35 56.09 -18.42
N TYR A 255 74.19 56.54 -18.89
CA TYR A 255 72.92 55.90 -18.58
C TYR A 255 72.58 54.80 -19.58
N SER A 256 72.14 53.64 -19.08
CA SER A 256 71.75 52.55 -19.95
C SER A 256 70.54 51.83 -19.39
N CYS A 257 69.49 51.72 -20.23
CA CYS A 257 68.29 50.98 -19.89
C CYS A 257 68.53 49.48 -20.06
N HIS A 258 68.16 48.70 -19.03
CA HIS A 258 68.20 47.25 -19.07
C HIS A 258 66.78 46.71 -19.07
N VAL A 259 66.50 45.78 -19.98
CA VAL A 259 65.21 45.11 -20.05
C VAL A 259 65.44 43.60 -20.05
N GLU A 260 64.65 42.90 -19.24
CA GLU A 260 64.71 41.45 -19.13
C GLU A 260 63.32 40.88 -19.36
N HIS A 261 63.22 39.90 -20.25
CA HIS A 261 61.92 39.37 -20.62
C HIS A 261 62.11 38.00 -21.24
N SER A 262 61.57 36.96 -20.58
CA SER A 262 61.42 35.63 -21.17
C SER A 262 62.77 35.05 -21.55
N GLY A 263 63.75 35.20 -20.66
CA GLY A 263 65.08 34.67 -20.89
C GLY A 263 65.95 35.42 -21.89
N VAL A 264 65.70 36.70 -22.12
CA VAL A 264 66.50 37.48 -23.06
C VAL A 264 66.74 38.85 -22.43
N HIS A 265 68.00 39.14 -22.14
CA HIS A 265 68.38 40.43 -21.56
C HIS A 265 68.94 41.35 -22.65
N MET A 266 68.59 42.63 -22.58
CA MET A 266 68.96 43.59 -23.62
C MET A 266 69.27 44.96 -22.99
N VAL A 267 70.21 45.68 -23.61
CA VAL A 267 70.75 46.94 -23.05
C VAL A 267 70.63 48.05 -24.08
N LEU A 268 70.21 49.24 -23.62
CA LEU A 268 70.15 50.42 -24.49
C LEU A 268 71.02 51.54 -23.92
N GLN A 269 72.23 51.72 -24.48
CA GLN A 269 73.12 52.84 -24.14
C GLN A 269 72.58 54.17 -24.63
N VAL A 270 72.86 55.22 -23.87
CA VAL A 270 72.46 56.57 -24.26
C VAL A 270 73.69 57.50 -24.40
N ILE B 2 37.84 49.43 4.58
CA ILE B 2 38.75 50.43 4.03
C ILE B 2 38.45 50.66 2.55
N GLN B 3 38.34 51.91 2.14
CA GLN B 3 38.10 52.26 0.74
C GLN B 3 39.43 52.57 0.06
N ARG B 4 39.58 52.10 -1.16
CA ARG B 4 40.79 52.30 -1.97
C ARG B 4 40.39 52.98 -3.26
N THR B 5 41.11 54.04 -3.61
CA THR B 5 40.71 54.97 -4.65
C THR B 5 41.40 54.64 -5.98
N PRO B 6 40.71 54.79 -7.12
CA PRO B 6 41.22 54.21 -8.37
C PRO B 6 42.41 54.96 -8.95
N LYS B 7 43.35 54.21 -9.52
CA LYS B 7 44.48 54.75 -10.26
C LYS B 7 44.15 54.71 -11.76
N ILE B 8 44.07 55.89 -12.36
CA ILE B 8 43.64 56.07 -13.74
C ILE B 8 44.86 56.27 -14.64
N GLN B 9 44.90 55.57 -15.75
CA GLN B 9 45.99 55.70 -16.71
C GLN B 9 45.41 55.68 -18.13
N VAL B 10 45.72 56.72 -18.91
CA VAL B 10 45.27 56.86 -20.29
C VAL B 10 46.48 56.76 -21.21
N TYR B 11 46.37 55.92 -22.23
CA TYR B 11 47.49 55.63 -23.12
C TYR B 11 46.91 55.09 -24.41
N SER B 12 47.75 54.96 -25.43
CA SER B 12 47.31 54.42 -26.71
C SER B 12 47.85 53.02 -26.90
N ARG B 13 47.14 52.22 -27.70
CA ARG B 13 47.59 50.86 -27.95
C ARG B 13 48.99 50.84 -28.53
N HIS B 14 49.21 51.59 -29.61
CA HIS B 14 50.50 51.77 -30.25
C HIS B 14 51.01 53.17 -30.03
N PRO B 15 52.31 53.40 -30.23
CA PRO B 15 52.78 54.79 -30.35
C PRO B 15 52.03 55.48 -31.48
N ALA B 16 51.30 56.52 -31.11
CA ALA B 16 50.40 57.15 -32.07
C ALA B 16 51.19 58.03 -33.03
N GLU B 17 50.97 57.80 -34.32
CA GLU B 17 51.37 58.74 -35.36
C GLU B 17 50.11 59.45 -35.84
N ASN B 18 50.16 60.78 -35.90
CA ASN B 18 48.98 61.55 -36.30
C ASN B 18 48.37 60.99 -37.58
N GLY B 19 47.05 60.85 -37.59
CA GLY B 19 46.37 60.34 -38.77
C GLY B 19 46.35 58.83 -38.88
N LYS B 20 47.36 58.15 -38.32
CA LYS B 20 47.35 56.70 -38.28
C LYS B 20 46.29 56.23 -37.29
N SER B 21 45.61 55.14 -37.63
CA SER B 21 44.56 54.64 -36.77
C SER B 21 45.15 53.97 -35.53
N ASN B 22 44.41 54.00 -34.43
CA ASN B 22 44.96 53.55 -33.16
C ASN B 22 43.79 53.25 -32.22
N PHE B 23 44.13 52.90 -30.98
CA PHE B 23 43.15 52.56 -29.95
C PHE B 23 43.51 53.32 -28.68
N LEU B 24 42.54 54.01 -28.09
CA LEU B 24 42.77 54.77 -26.87
C LEU B 24 42.25 54.01 -25.66
N ASN B 25 43.12 53.77 -24.68
CA ASN B 25 42.82 52.98 -23.50
C ASN B 25 42.73 53.85 -22.26
N CYS B 26 41.74 53.58 -21.42
CA CYS B 26 41.71 54.05 -20.04
C CYS B 26 41.68 52.82 -19.13
N TYR B 27 42.65 52.73 -18.21
CA TYR B 27 42.88 51.55 -17.40
C TYR B 27 42.76 51.94 -15.93
N VAL B 28 41.66 51.52 -15.31
CA VAL B 28 41.31 51.90 -13.94
C VAL B 28 41.57 50.70 -13.03
N SER B 29 42.40 50.89 -12.02
CA SER B 29 42.84 49.77 -11.21
C SER B 29 43.03 50.21 -9.76
N GLY B 30 43.02 49.22 -8.86
CA GLY B 30 43.32 49.42 -7.47
C GLY B 30 42.21 49.95 -6.62
N PHE B 31 40.99 49.99 -7.13
CA PHE B 31 39.89 50.56 -6.37
C PHE B 31 39.12 49.48 -5.60
N HIS B 32 38.46 49.92 -4.52
CA HIS B 32 37.54 49.10 -3.75
C HIS B 32 36.54 50.02 -3.05
N PRO B 33 35.22 49.72 -3.06
CA PRO B 33 34.56 48.57 -3.70
C PRO B 33 34.47 48.67 -5.22
N SER B 34 33.57 47.90 -5.81
CA SER B 34 33.65 47.56 -7.23
C SER B 34 32.74 48.39 -8.12
N ASP B 35 31.80 49.13 -7.56
CA ASP B 35 30.94 49.98 -8.38
C ASP B 35 31.77 51.14 -8.92
N ILE B 36 31.68 51.39 -10.23
CA ILE B 36 32.51 52.42 -10.84
C ILE B 36 31.87 52.85 -12.13
N GLU B 37 32.14 54.10 -12.52
CA GLU B 37 31.65 54.71 -13.76
C GLU B 37 32.84 55.27 -14.51
N VAL B 38 32.99 54.88 -15.77
CA VAL B 38 34.12 55.31 -16.59
C VAL B 38 33.60 55.80 -17.93
N ASP B 39 34.11 56.95 -18.37
CA ASP B 39 33.77 57.55 -19.66
C ASP B 39 35.03 58.03 -20.38
N LEU B 40 34.98 57.95 -21.71
CA LEU B 40 36.02 58.51 -22.57
C LEU B 40 35.50 59.78 -23.24
N LEU B 41 36.33 60.81 -23.28
CA LEU B 41 35.91 62.13 -23.77
C LEU B 41 36.64 62.49 -25.07
N LYS B 42 35.86 62.92 -26.06
CA LYS B 42 36.38 63.58 -27.25
C LYS B 42 36.13 65.09 -27.09
N ASN B 43 37.20 65.84 -26.84
CA ASN B 43 37.13 67.30 -26.66
C ASN B 43 36.12 67.69 -25.60
N GLY B 44 35.91 66.81 -24.62
CA GLY B 44 34.95 67.03 -23.57
C GLY B 44 33.62 66.32 -23.77
N GLU B 45 33.33 65.86 -24.99
CA GLU B 45 32.08 65.14 -25.23
C GLU B 45 32.29 63.66 -24.98
N ARG B 46 31.29 63.01 -24.40
CA ARG B 46 31.38 61.59 -24.09
C ARG B 46 31.30 60.76 -25.37
N ILE B 47 32.29 59.91 -25.61
CA ILE B 47 32.28 59.05 -26.78
C ILE B 47 31.12 58.06 -26.67
N GLU B 48 30.29 58.01 -27.71
CA GLU B 48 29.07 57.20 -27.63
C GLU B 48 29.40 55.73 -27.47
N LYS B 49 30.10 55.14 -28.44
CA LYS B 49 30.36 53.71 -28.44
C LYS B 49 31.78 53.47 -27.95
N VAL B 50 31.89 53.19 -26.65
CA VAL B 50 33.14 52.77 -26.02
C VAL B 50 32.93 51.35 -25.49
N GLU B 51 33.81 50.44 -25.87
CA GLU B 51 33.79 49.08 -25.32
C GLU B 51 34.59 49.00 -24.02
N HIS B 52 34.34 47.96 -23.23
CA HIS B 52 35.19 47.73 -22.07
C HIS B 52 35.25 46.24 -21.73
N SER B 53 36.27 45.87 -20.96
CA SER B 53 36.46 44.50 -20.47
C SER B 53 35.55 44.24 -19.27
N ASP B 54 35.65 43.04 -18.72
CA ASP B 54 34.91 42.74 -17.51
C ASP B 54 35.74 43.09 -16.27
N LEU B 55 35.02 43.33 -15.18
CA LEU B 55 35.67 43.62 -13.89
C LEU B 55 36.63 42.49 -13.54
N SER B 56 37.84 42.85 -13.14
CA SER B 56 38.88 41.87 -12.91
C SER B 56 39.37 41.99 -11.48
N PHE B 57 39.94 40.90 -10.97
CA PHE B 57 40.35 40.82 -9.58
C PHE B 57 41.86 40.73 -9.46
N SER B 58 42.38 41.33 -8.39
CA SER B 58 43.79 41.30 -8.00
C SER B 58 44.00 40.50 -6.72
N LYS B 59 45.22 39.99 -6.57
CA LYS B 59 45.58 39.22 -5.39
C LYS B 59 45.56 40.06 -4.12
N ASP B 60 45.46 41.39 -4.23
CA ASP B 60 45.34 42.25 -3.06
C ASP B 60 43.91 42.73 -2.84
N TRP B 61 42.95 42.11 -3.51
CA TRP B 61 41.51 42.25 -3.30
C TRP B 61 40.92 43.51 -3.92
N SER B 62 41.69 44.26 -4.71
CA SER B 62 41.18 45.39 -5.47
C SER B 62 40.87 44.95 -6.90
N PHE B 63 40.17 45.81 -7.63
CA PHE B 63 39.66 45.49 -8.95
C PHE B 63 40.34 46.31 -10.05
N TYR B 64 40.29 45.83 -11.28
CA TYR B 64 40.76 46.61 -12.41
C TYR B 64 39.85 46.41 -13.61
N LEU B 65 39.84 47.42 -14.48
CA LEU B 65 39.02 47.51 -15.69
C LEU B 65 39.84 48.14 -16.80
N LEU B 66 39.53 47.79 -18.05
CA LEU B 66 40.08 48.46 -19.23
C LEU B 66 38.93 48.98 -20.06
N TYR B 67 38.91 50.28 -20.29
CA TYR B 67 38.00 50.91 -21.24
C TYR B 67 38.80 51.36 -22.44
N TYR B 68 38.31 51.07 -23.64
CA TYR B 68 39.03 51.41 -24.85
C TYR B 68 38.07 51.80 -25.95
N THR B 69 38.58 52.61 -26.88
CA THR B 69 37.85 53.00 -28.08
C THR B 69 38.84 53.16 -29.22
N GLU B 70 38.36 52.90 -30.43
CA GLU B 70 39.16 53.10 -31.62
C GLU B 70 39.08 54.56 -32.05
N PHE B 71 40.17 55.06 -32.62
CA PHE B 71 40.22 56.47 -32.95
C PHE B 71 41.38 56.71 -33.89
N THR B 72 41.53 57.97 -34.28
CA THR B 72 42.68 58.41 -35.04
C THR B 72 43.14 59.74 -34.45
N PRO B 73 44.37 59.80 -33.93
CA PRO B 73 44.83 61.02 -33.25
C PRO B 73 45.12 62.14 -34.25
N THR B 74 44.42 63.27 -34.08
CA THR B 74 44.71 64.48 -34.85
C THR B 74 45.28 65.55 -33.92
N GLU B 75 46.04 66.47 -34.51
CA GLU B 75 46.77 67.44 -33.71
C GLU B 75 45.84 68.34 -32.91
N LYS B 76 44.66 68.65 -33.45
CA LYS B 76 43.74 69.59 -32.81
C LYS B 76 42.85 68.96 -31.74
N ASP B 77 42.79 67.63 -31.66
CA ASP B 77 41.84 66.94 -30.79
C ASP B 77 42.43 66.59 -29.43
N GLU B 78 41.62 66.73 -28.38
CA GLU B 78 42.01 66.38 -27.01
C GLU B 78 41.11 65.28 -26.46
N TYR B 79 41.73 64.31 -25.76
CA TYR B 79 41.03 63.12 -25.27
C TYR B 79 41.26 62.93 -23.76
N ALA B 80 40.20 62.56 -23.04
CA ALA B 80 40.29 62.41 -21.59
C ALA B 80 39.56 61.16 -21.11
N CYS B 81 39.77 60.82 -19.84
CA CYS B 81 39.02 59.76 -19.16
C CYS B 81 38.34 60.33 -17.93
N ARG B 82 37.06 60.02 -17.76
CA ARG B 82 36.28 60.51 -16.63
C ARG B 82 35.79 59.34 -15.78
N VAL B 83 36.35 59.22 -14.58
CA VAL B 83 36.06 58.12 -13.65
C VAL B 83 35.20 58.64 -12.50
N ASN B 84 34.27 57.82 -12.05
CA ASN B 84 33.48 58.15 -10.86
C ASN B 84 33.44 56.98 -9.88
N HIS B 85 33.65 57.30 -8.59
CA HIS B 85 33.80 56.29 -7.56
C HIS B 85 33.28 56.82 -6.24
N VAL B 86 32.96 55.90 -5.32
CA VAL B 86 32.50 56.28 -3.99
C VAL B 86 33.57 57.05 -3.23
N THR B 87 34.84 56.90 -3.60
CA THR B 87 35.95 57.58 -2.95
C THR B 87 36.24 58.94 -3.56
N LEU B 88 35.38 59.45 -4.43
CA LEU B 88 35.65 60.67 -5.18
C LEU B 88 34.47 61.62 -5.06
N SER B 89 34.78 62.89 -4.80
CA SER B 89 33.78 63.91 -4.51
C SER B 89 33.03 64.33 -5.76
N GLN B 90 33.73 64.92 -6.69
CA GLN B 90 33.26 65.06 -8.04
C GLN B 90 34.14 64.21 -8.94
N PRO B 91 33.63 63.75 -10.08
CA PRO B 91 34.43 62.88 -10.96
C PRO B 91 35.81 63.43 -11.22
N LYS B 92 36.77 62.52 -11.35
CA LYS B 92 38.13 62.82 -11.73
C LYS B 92 38.25 62.74 -13.25
N ILE B 93 39.16 63.54 -13.80
CA ILE B 93 39.40 63.58 -15.25
C ILE B 93 40.89 63.51 -15.50
N VAL B 94 41.28 62.65 -16.44
CA VAL B 94 42.67 62.49 -16.85
C VAL B 94 42.74 62.68 -18.36
N LYS B 95 43.64 63.54 -18.82
CA LYS B 95 43.79 63.84 -20.23
C LYS B 95 44.93 63.02 -20.81
N TRP B 96 44.77 62.56 -22.05
CA TRP B 96 45.83 61.83 -22.76
C TRP B 96 46.84 62.84 -23.31
N ASP B 97 48.15 62.64 -23.02
CA ASP B 97 49.12 63.71 -23.25
C ASP B 97 50.34 63.27 -24.07
N ARG B 98 50.17 62.36 -25.02
CA ARG B 98 51.26 61.81 -25.85
C ARG B 98 52.47 62.74 -26.11
N MET C 1 -7.17 -1.96 24.07
CA MET C 1 -7.73 -2.78 25.14
C MET C 1 -6.94 -4.08 25.36
N ARG C 2 -7.55 -5.01 26.08
CA ARG C 2 -7.03 -6.36 26.20
C ARG C 2 -7.57 -7.19 25.05
N THR C 3 -7.30 -8.50 25.07
CA THR C 3 -7.68 -9.38 23.98
C THR C 3 -9.09 -9.92 24.22
N HIS C 4 -9.99 -9.65 23.29
CA HIS C 4 -11.37 -10.12 23.35
C HIS C 4 -11.67 -11.05 22.18
N SER C 5 -12.71 -11.86 22.33
CA SER C 5 -13.08 -12.81 21.31
C SER C 5 -14.56 -13.14 21.40
N LEU C 6 -15.07 -13.65 20.28
CA LEU C 6 -16.44 -14.12 20.15
C LEU C 6 -16.42 -15.48 19.47
N ARG C 7 -17.13 -16.47 20.04
CA ARG C 7 -17.11 -17.84 19.52
C ARG C 7 -18.53 -18.40 19.52
N TYR C 8 -18.88 -19.13 18.45
CA TYR C 8 -20.12 -19.91 18.41
C TYR C 8 -19.78 -21.38 18.25
N PHE C 9 -20.41 -22.21 19.08
CA PHE C 9 -20.24 -23.65 19.04
C PHE C 9 -21.55 -24.30 18.64
N ARG C 10 -21.44 -25.47 18.00
CA ARG C 10 -22.58 -26.34 17.70
C ARG C 10 -22.25 -27.78 18.08
N LEU C 11 -23.24 -28.47 18.61
CA LEU C 11 -23.06 -29.88 18.91
C LEU C 11 -24.20 -30.66 18.29
N GLY C 12 -23.88 -31.74 17.59
CA GLY C 12 -24.93 -32.62 17.13
C GLY C 12 -24.72 -34.03 17.61
N VAL C 13 -25.68 -34.58 18.35
CA VAL C 13 -25.59 -35.96 18.82
C VAL C 13 -26.61 -36.78 18.04
N SER C 14 -26.15 -37.85 17.38
CA SER C 14 -27.05 -38.81 16.76
C SER C 14 -27.45 -39.85 17.79
N ASP C 15 -28.72 -40.21 17.79
CA ASP C 15 -29.28 -41.16 18.76
C ASP C 15 -29.06 -40.74 20.20
N PRO C 16 -29.43 -39.51 20.56
CA PRO C 16 -29.26 -39.10 21.95
C PRO C 16 -30.09 -39.95 22.89
N ILE C 17 -29.47 -40.37 23.99
CA ILE C 17 -30.14 -41.21 24.98
C ILE C 17 -30.80 -40.30 26.00
N HIS C 18 -32.07 -40.57 26.30
CA HIS C 18 -32.82 -39.93 27.39
C HIS C 18 -32.74 -38.41 27.22
N GLY C 19 -32.26 -37.68 28.22
CA GLY C 19 -32.40 -36.22 28.24
C GLY C 19 -31.58 -35.49 27.20
N VAL C 20 -30.39 -35.99 26.86
CA VAL C 20 -29.44 -35.32 25.97
C VAL C 20 -30.13 -34.84 24.69
N PRO C 21 -29.95 -33.58 24.33
CA PRO C 21 -30.58 -33.05 23.11
C PRO C 21 -29.84 -33.48 21.85
N GLU C 22 -30.53 -33.31 20.73
CA GLU C 22 -29.94 -33.69 19.44
C GLU C 22 -29.01 -32.61 18.92
N PHE C 23 -29.22 -31.35 19.32
CA PHE C 23 -28.51 -30.20 18.79
C PHE C 23 -28.43 -29.13 19.87
N ILE C 24 -27.23 -28.65 20.16
CA ILE C 24 -27.05 -27.50 21.05
C ILE C 24 -26.20 -26.45 20.33
N SER C 25 -26.56 -25.19 20.51
CA SER C 25 -25.73 -24.11 19.99
C SER C 25 -25.60 -23.01 21.03
N VAL C 26 -24.36 -22.70 21.37
CA VAL C 26 -24.03 -21.76 22.44
C VAL C 26 -23.01 -20.78 21.91
N GLY C 27 -23.14 -19.51 22.31
CA GLY C 27 -22.20 -18.47 21.93
C GLY C 27 -21.62 -17.80 23.14
N TYR C 28 -20.34 -17.43 23.06
CA TYR C 28 -19.56 -16.86 24.15
C TYR C 28 -18.88 -15.56 23.74
N VAL C 29 -18.83 -14.58 24.64
CA VAL C 29 -17.89 -13.47 24.48
C VAL C 29 -16.86 -13.60 25.60
N ASP C 30 -15.60 -13.82 25.21
CA ASP C 30 -14.55 -14.25 26.14
C ASP C 30 -15.02 -15.55 26.78
N SER C 31 -15.08 -15.64 28.11
CA SER C 31 -15.62 -16.83 28.77
C SER C 31 -17.08 -16.67 29.17
N HIS C 32 -17.72 -15.57 28.79
CA HIS C 32 -19.11 -15.36 29.17
C HIS C 32 -20.03 -15.94 28.10
N PRO C 33 -20.94 -16.85 28.46
CA PRO C 33 -22.01 -17.25 27.52
C PRO C 33 -22.93 -16.08 27.23
N ILE C 34 -23.38 -15.99 25.96
CA ILE C 34 -24.26 -14.88 25.57
C ILE C 34 -25.56 -15.38 24.95
N THR C 35 -25.48 -16.38 24.08
CA THR C 35 -26.68 -16.91 23.44
C THR C 35 -26.70 -18.43 23.57
N THR C 36 -27.92 -18.99 23.56
CA THR C 36 -28.04 -20.44 23.57
C THR C 36 -29.28 -20.86 22.79
N TYR C 37 -29.20 -22.05 22.20
CA TYR C 37 -30.31 -22.67 21.49
C TYR C 37 -30.12 -24.18 21.56
N ASP C 38 -31.22 -24.92 21.63
CA ASP C 38 -31.10 -26.36 21.51
C ASP C 38 -32.42 -26.95 21.02
N SER C 39 -32.34 -28.19 20.53
CA SER C 39 -33.44 -28.81 19.82
C SER C 39 -34.59 -29.19 20.74
N VAL C 40 -34.41 -29.12 22.06
CA VAL C 40 -35.54 -29.33 22.96
C VAL C 40 -36.43 -28.09 23.03
N THR C 41 -35.86 -26.95 23.44
CA THR C 41 -36.63 -25.70 23.56
C THR C 41 -36.93 -25.06 22.20
N ARG C 42 -36.04 -25.23 21.23
CA ARG C 42 -36.17 -24.70 19.87
C ARG C 42 -36.32 -23.18 19.84
N GLN C 43 -35.73 -22.52 20.84
CA GLN C 43 -35.75 -21.07 20.98
C GLN C 43 -34.33 -20.56 21.17
N LYS C 44 -33.97 -19.49 20.45
CA LYS C 44 -32.71 -18.81 20.70
C LYS C 44 -32.94 -17.81 21.82
N GLU C 45 -32.20 -17.96 22.92
CA GLU C 45 -32.44 -17.22 24.14
C GLU C 45 -31.15 -16.57 24.63
N PRO C 46 -31.25 -15.46 25.34
CA PRO C 46 -30.06 -14.82 25.88
C PRO C 46 -29.57 -15.53 27.13
N ARG C 47 -28.25 -15.48 27.33
CA ARG C 47 -27.62 -16.06 28.50
C ARG C 47 -26.81 -15.04 29.29
N ALA C 48 -26.92 -13.75 28.98
CA ALA C 48 -26.25 -12.66 29.68
C ALA C 48 -27.23 -11.51 29.85
N PRO C 49 -27.29 -10.88 31.03
CA PRO C 49 -28.27 -9.79 31.21
C PRO C 49 -28.10 -8.67 30.21
N TRP C 50 -26.85 -8.31 29.90
CA TRP C 50 -26.59 -7.22 28.97
C TRP C 50 -26.83 -7.59 27.51
N MET C 51 -27.20 -8.84 27.21
CA MET C 51 -27.62 -9.22 25.87
C MET C 51 -29.12 -9.06 25.72
N ALA C 52 -29.86 -9.51 26.74
CA ALA C 52 -31.32 -9.34 26.80
C ALA C 52 -31.72 -7.86 26.78
N GLU C 53 -31.01 -7.02 27.55
CA GLU C 53 -31.36 -5.59 27.64
C GLU C 53 -31.14 -4.84 26.33
N ASN C 54 -30.20 -5.27 25.48
CA ASN C 54 -29.76 -4.49 24.33
C ASN C 54 -30.12 -5.08 22.97
N LEU C 55 -30.87 -6.16 22.92
CA LEU C 55 -31.23 -6.77 21.64
C LEU C 55 -32.74 -6.93 21.60
N ALA C 56 -33.36 -6.34 20.57
CA ALA C 56 -34.81 -6.28 20.45
C ALA C 56 -35.38 -7.67 20.17
N PRO C 57 -36.66 -7.90 20.50
CA PRO C 57 -37.20 -9.26 20.39
C PRO C 57 -37.07 -9.86 19.00
N ASP C 58 -37.15 -9.05 17.95
CA ASP C 58 -37.10 -9.59 16.60
C ASP C 58 -35.72 -10.16 16.25
N HIS C 59 -34.65 -9.72 16.91
CA HIS C 59 -33.36 -10.38 16.73
C HIS C 59 -33.43 -11.84 17.16
N TRP C 60 -34.02 -12.10 18.34
CA TRP C 60 -34.15 -13.47 18.82
C TRP C 60 -35.11 -14.28 17.96
N GLU C 61 -36.22 -13.66 17.55
CA GLU C 61 -37.13 -14.31 16.61
C GLU C 61 -36.42 -14.69 15.30
N ARG C 62 -35.57 -13.80 14.79
CA ARG C 62 -34.93 -14.04 13.50
C ARG C 62 -33.85 -15.11 13.59
N TYR C 63 -33.08 -15.12 14.68
CA TYR C 63 -32.08 -16.16 14.75
C TYR C 63 -32.65 -17.50 15.21
N THR C 64 -33.84 -17.52 15.77
CA THR C 64 -34.50 -18.79 16.02
C THR C 64 -34.82 -19.49 14.70
N GLN C 65 -35.24 -18.73 13.70
CA GLN C 65 -35.57 -19.34 12.42
C GLN C 65 -34.33 -19.90 11.74
N LEU C 66 -33.18 -19.23 11.91
CA LEU C 66 -31.95 -19.74 11.31
C LEU C 66 -31.46 -21.00 12.03
N LEU C 67 -31.42 -20.95 13.36
CA LEU C 67 -30.94 -22.10 14.12
C LEU C 67 -31.81 -23.32 13.88
N ARG C 68 -33.10 -23.11 13.67
CA ARG C 68 -33.96 -24.23 13.31
C ARG C 68 -33.50 -24.85 11.99
N GLY C 69 -33.11 -24.02 11.03
CA GLY C 69 -32.54 -24.56 9.81
C GLY C 69 -31.17 -25.19 10.00
N TRP C 70 -30.30 -24.55 10.79
CA TRP C 70 -28.97 -25.10 11.01
C TRP C 70 -29.04 -26.40 11.80
N GLN C 71 -30.06 -26.53 12.65
CA GLN C 71 -30.32 -27.80 13.30
C GLN C 71 -30.50 -28.91 12.28
N GLN C 72 -31.26 -28.63 11.22
CA GLN C 72 -31.51 -29.62 10.19
C GLN C 72 -30.27 -29.89 9.34
N MET C 73 -29.53 -28.83 8.97
CA MET C 73 -28.24 -28.99 8.30
C MET C 73 -27.37 -30.01 9.04
N PHE C 74 -27.21 -29.80 10.36
CA PHE C 74 -26.28 -30.60 11.13
C PHE C 74 -26.69 -32.06 11.18
N LYS C 75 -27.99 -32.32 11.41
CA LYS C 75 -28.53 -33.68 11.47
C LYS C 75 -28.16 -34.50 10.24
N VAL C 76 -28.24 -33.87 9.07
CA VAL C 76 -27.99 -34.52 7.80
C VAL C 76 -26.50 -34.74 7.56
N GLU C 77 -25.69 -33.70 7.78
CA GLU C 77 -24.24 -33.83 7.65
C GLU C 77 -23.71 -34.94 8.54
N LEU C 78 -24.25 -35.04 9.76
CA LEU C 78 -23.82 -36.11 10.66
C LEU C 78 -24.16 -37.47 10.06
N LYS C 79 -25.34 -37.57 9.43
CA LYS C 79 -25.77 -38.82 8.81
C LYS C 79 -24.82 -39.25 7.70
N ARG C 80 -24.40 -38.31 6.84
CA ARG C 80 -23.46 -38.64 5.78
C ARG C 80 -22.04 -38.86 6.29
N LEU C 81 -21.68 -38.29 7.44
CA LEU C 81 -20.39 -38.61 8.03
C LEU C 81 -20.34 -40.06 8.49
N GLN C 82 -21.39 -40.49 9.20
CA GLN C 82 -21.41 -41.86 9.65
C GLN C 82 -21.42 -42.82 8.47
N ARG C 83 -22.14 -42.46 7.41
CA ARG C 83 -22.16 -43.32 6.23
C ARG C 83 -20.75 -43.44 5.64
N HIS C 84 -20.03 -42.33 5.53
CA HIS C 84 -18.67 -42.36 4.98
C HIS C 84 -17.75 -43.24 5.83
N TYR C 85 -17.89 -43.18 7.16
CA TYR C 85 -17.06 -43.96 8.05
C TYR C 85 -17.58 -45.38 8.27
N ASN C 86 -18.73 -45.73 7.67
CA ASN C 86 -19.42 -46.99 7.96
C ASN C 86 -19.54 -47.20 9.46
N HIS C 87 -20.02 -46.15 10.13
CA HIS C 87 -20.27 -46.13 11.57
C HIS C 87 -21.75 -46.24 11.84
N SER C 88 -22.12 -47.15 12.73
CA SER C 88 -23.45 -47.16 13.30
C SER C 88 -23.36 -46.66 14.73
N GLY C 89 -24.51 -46.33 15.31
CA GLY C 89 -24.52 -45.95 16.69
C GLY C 89 -24.65 -44.46 16.91
N SER C 90 -24.17 -44.00 18.06
CA SER C 90 -24.24 -42.61 18.48
C SER C 90 -22.85 -42.00 18.33
N HIS C 91 -22.76 -40.93 17.51
CA HIS C 91 -21.54 -40.17 17.28
C HIS C 91 -21.86 -38.68 17.35
N THR C 92 -20.83 -37.86 17.44
CA THR C 92 -21.03 -36.42 17.60
C THR C 92 -20.41 -35.64 16.45
N TYR C 93 -20.86 -34.41 16.30
CA TYR C 93 -20.42 -33.50 15.26
C TYR C 93 -20.40 -32.10 15.86
N GLN C 94 -19.24 -31.43 15.78
CA GLN C 94 -19.04 -30.13 16.41
C GLN C 94 -18.50 -29.12 15.41
N ARG C 95 -18.89 -27.86 15.61
CA ARG C 95 -18.40 -26.76 14.81
C ARG C 95 -18.05 -25.60 15.73
N MET C 96 -16.89 -25.00 15.50
CA MET C 96 -16.49 -23.77 16.18
C MET C 96 -16.15 -22.71 15.13
N ILE C 97 -16.75 -21.53 15.28
CA ILE C 97 -16.45 -20.36 14.46
C ILE C 97 -16.25 -19.21 15.42
N GLY C 98 -15.39 -18.26 15.04
CA GLY C 98 -15.20 -17.11 15.88
C GLY C 98 -14.03 -16.26 15.41
N CYS C 99 -13.70 -15.28 16.25
CA CYS C 99 -12.76 -14.25 15.86
C CYS C 99 -12.19 -13.65 17.13
N GLU C 100 -11.01 -13.05 17.00
CA GLU C 100 -10.37 -12.37 18.12
C GLU C 100 -10.03 -10.94 17.72
N LEU C 101 -10.15 -10.03 18.69
CA LEU C 101 -9.72 -8.64 18.57
C LEU C 101 -8.51 -8.47 19.47
N LEU C 102 -7.34 -8.29 18.87
CA LEU C 102 -6.07 -8.29 19.59
C LEU C 102 -5.82 -6.98 20.30
N GLU C 103 -4.88 -7.01 21.25
CA GLU C 103 -4.49 -5.80 21.97
C GLU C 103 -3.94 -4.74 21.02
N ASP C 104 -3.13 -5.16 20.04
CA ASP C 104 -2.47 -4.24 19.11
C ASP C 104 -3.32 -3.91 17.88
N GLY C 105 -4.57 -4.34 17.83
CA GLY C 105 -5.48 -3.95 16.77
C GLY C 105 -5.59 -4.91 15.61
N SER C 106 -4.68 -5.89 15.51
CA SER C 106 -4.78 -6.95 14.50
C SER C 106 -5.91 -7.92 14.87
N THR C 107 -6.26 -8.81 13.93
CA THR C 107 -7.36 -9.74 14.15
C THR C 107 -7.03 -11.14 13.64
N THR C 108 -7.74 -12.12 14.21
CA THR C 108 -7.73 -13.51 13.79
C THR C 108 -9.16 -13.99 13.54
N GLY C 109 -9.28 -15.08 12.80
CA GLY C 109 -10.55 -15.78 12.68
C GLY C 109 -10.32 -17.26 12.49
N PHE C 110 -11.24 -18.07 13.02
CA PHE C 110 -11.17 -19.53 12.95
C PHE C 110 -12.54 -20.10 12.63
N LEU C 111 -12.55 -21.17 11.84
CA LEU C 111 -13.76 -21.92 11.55
C LEU C 111 -13.34 -23.38 11.43
N GLN C 112 -13.80 -24.21 12.38
CA GLN C 112 -13.31 -25.56 12.61
C GLN C 112 -14.47 -26.52 12.79
N TYR C 113 -14.25 -27.80 12.41
CA TYR C 113 -15.21 -28.88 12.59
C TYR C 113 -14.53 -30.07 13.25
N ALA C 114 -15.33 -30.90 13.92
CA ALA C 114 -14.79 -32.06 14.61
C ALA C 114 -15.81 -33.19 14.65
N TYR C 115 -15.32 -34.44 14.59
CA TYR C 115 -16.15 -35.63 14.57
C TYR C 115 -15.71 -36.59 15.67
N ASP C 116 -16.64 -36.99 16.53
CA ASP C 116 -16.32 -37.67 17.79
C ASP C 116 -15.24 -36.92 18.57
N GLY C 117 -15.43 -35.60 18.68
CA GLY C 117 -14.53 -34.76 19.47
C GLY C 117 -13.09 -34.70 19.00
N GLN C 118 -12.86 -34.83 17.69
CA GLN C 118 -11.52 -34.81 17.13
C GLN C 118 -11.49 -33.97 15.86
N ASP C 119 -10.33 -33.36 15.57
CA ASP C 119 -10.23 -32.43 14.45
C ASP C 119 -10.56 -33.11 13.13
N PHE C 120 -11.49 -32.50 12.38
CA PHE C 120 -11.97 -33.05 11.12
C PHE C 120 -11.68 -32.11 9.95
N LEU C 121 -12.13 -30.84 10.02
CA LEU C 121 -11.82 -29.86 8.99
C LEU C 121 -11.42 -28.53 9.62
N ILE C 122 -10.53 -27.81 8.94
CA ILE C 122 -10.03 -26.51 9.41
C ILE C 122 -9.98 -25.57 8.21
N PHE C 123 -10.68 -24.45 8.31
CA PHE C 123 -10.68 -23.44 7.25
C PHE C 123 -9.45 -22.56 7.38
N ASN C 124 -8.78 -22.29 6.26
CA ASN C 124 -7.74 -21.25 6.21
C ASN C 124 -8.26 -20.06 5.41
N LYS C 125 -8.65 -19.00 6.11
CA LYS C 125 -9.26 -17.86 5.41
C LYS C 125 -8.26 -17.09 4.56
N ASP C 126 -6.96 -17.20 4.84
CA ASP C 126 -5.96 -16.43 4.09
C ASP C 126 -5.51 -17.16 2.84
N THR C 127 -5.95 -18.40 2.64
CA THR C 127 -5.76 -19.13 1.40
C THR C 127 -7.06 -19.71 0.84
N LEU C 128 -8.18 -19.59 1.59
CA LEU C 128 -9.48 -20.11 1.17
C LEU C 128 -9.39 -21.58 0.79
N SER C 129 -8.81 -22.37 1.67
CA SER C 129 -8.80 -23.82 1.52
C SER C 129 -9.19 -24.48 2.83
N TRP C 130 -9.68 -25.70 2.72
CA TRP C 130 -10.03 -26.53 3.87
C TRP C 130 -8.94 -27.58 4.10
N LEU C 131 -8.46 -27.68 5.32
CA LEU C 131 -7.46 -28.68 5.68
C LEU C 131 -8.15 -29.89 6.31
N ALA C 132 -7.90 -31.08 5.75
CA ALA C 132 -8.61 -32.31 6.07
C ALA C 132 -7.67 -33.29 6.77
N VAL C 133 -8.17 -33.96 7.81
CA VAL C 133 -7.31 -34.86 8.58
C VAL C 133 -7.25 -36.31 8.09
N ASP C 134 -8.20 -36.73 7.25
CA ASP C 134 -8.23 -38.10 6.74
C ASP C 134 -8.97 -38.13 5.41
N ASN C 135 -9.08 -39.33 4.81
CA ASN C 135 -9.66 -39.45 3.47
C ASN C 135 -11.14 -39.07 3.44
N VAL C 136 -11.86 -39.28 4.54
CA VAL C 136 -13.26 -38.86 4.59
C VAL C 136 -13.36 -37.34 4.58
N ALA C 137 -12.57 -36.67 5.43
CA ALA C 137 -12.54 -35.22 5.43
C ALA C 137 -12.17 -34.69 4.06
N HIS C 138 -11.26 -35.38 3.36
CA HIS C 138 -10.87 -34.93 2.02
C HIS C 138 -12.04 -34.96 1.04
N THR C 139 -12.96 -35.91 1.19
CA THR C 139 -14.15 -35.94 0.34
C THR C 139 -15.05 -34.73 0.56
N ILE C 140 -15.35 -34.42 1.82
CA ILE C 140 -16.18 -33.25 2.12
C ILE C 140 -15.47 -31.97 1.68
N LYS C 141 -14.15 -31.92 1.88
CA LYS C 141 -13.36 -30.74 1.51
C LYS C 141 -13.53 -30.40 0.03
N GLN C 142 -13.54 -31.41 -0.84
CA GLN C 142 -13.60 -31.16 -2.28
C GLN C 142 -14.89 -30.49 -2.67
N ALA C 143 -16.01 -30.94 -2.10
CA ALA C 143 -17.29 -30.28 -2.34
C ALA C 143 -17.24 -28.82 -1.90
N TRP C 144 -16.66 -28.56 -0.73
CA TRP C 144 -16.72 -27.23 -0.15
C TRP C 144 -15.89 -26.23 -0.94
N GLU C 145 -14.72 -26.64 -1.40
CA GLU C 145 -13.84 -25.82 -2.23
C GLU C 145 -14.28 -25.72 -3.68
N ALA C 146 -15.23 -26.55 -4.10
CA ALA C 146 -15.85 -26.34 -5.40
C ALA C 146 -16.61 -25.02 -5.44
N ASN C 147 -17.24 -24.63 -4.33
CA ASN C 147 -18.09 -23.44 -4.28
C ASN C 147 -17.23 -22.23 -3.95
N GLN C 148 -16.76 -21.56 -5.00
CA GLN C 148 -15.85 -20.43 -4.84
C GLN C 148 -16.49 -19.30 -4.03
N HIS C 149 -17.75 -18.96 -4.35
CA HIS C 149 -18.41 -17.81 -3.75
C HIS C 149 -18.66 -18.02 -2.26
N GLU C 150 -18.92 -19.26 -1.83
CA GLU C 150 -19.16 -19.49 -0.41
C GLU C 150 -17.87 -19.34 0.39
N LEU C 151 -16.74 -19.77 -0.19
CA LEU C 151 -15.44 -19.55 0.45
C LEU C 151 -15.17 -18.06 0.66
N LEU C 152 -15.48 -17.24 -0.36
CA LEU C 152 -15.37 -15.79 -0.22
C LEU C 152 -16.31 -15.26 0.86
N TYR C 153 -17.54 -15.78 0.92
CA TYR C 153 -18.47 -15.34 1.96
C TYR C 153 -17.94 -15.66 3.35
N GLN C 154 -17.37 -16.86 3.53
CA GLN C 154 -16.84 -17.26 4.83
C GLN C 154 -15.75 -16.33 5.30
N LYS C 155 -14.83 -15.97 4.39
CA LYS C 155 -13.74 -15.06 4.73
C LYS C 155 -14.30 -13.71 5.15
N ASN C 156 -15.28 -13.20 4.41
CA ASN C 156 -15.79 -11.87 4.72
C ASN C 156 -16.47 -11.84 6.08
N TRP C 157 -17.10 -12.95 6.47
CA TRP C 157 -17.76 -13.01 7.78
C TRP C 157 -16.72 -12.99 8.90
N LEU C 158 -15.62 -13.71 8.71
CA LEU C 158 -14.65 -13.88 9.78
C LEU C 158 -13.81 -12.64 10.00
N GLU C 159 -13.55 -11.87 8.94
CA GLU C 159 -12.75 -10.67 9.06
C GLU C 159 -13.57 -9.42 9.30
N GLU C 160 -14.82 -9.38 8.81
CA GLU C 160 -15.64 -8.17 8.92
C GLU C 160 -16.85 -8.37 9.81
N GLU C 161 -17.74 -9.30 9.46
CA GLU C 161 -18.99 -9.44 10.20
C GLU C 161 -18.73 -9.81 11.65
N CYS C 162 -17.91 -10.84 11.86
CA CYS C 162 -17.65 -11.31 13.22
C CYS C 162 -17.06 -10.21 14.10
N ILE C 163 -16.04 -9.51 13.59
CA ILE C 163 -15.36 -8.47 14.37
C ILE C 163 -16.29 -7.31 14.69
N ALA C 164 -17.26 -7.02 13.81
CA ALA C 164 -18.26 -5.99 14.11
C ALA C 164 -19.22 -6.43 15.22
N TRP C 165 -19.71 -7.68 15.18
CA TRP C 165 -20.55 -8.21 16.25
C TRP C 165 -19.82 -8.20 17.58
N LEU C 166 -18.55 -8.59 17.59
CA LEU C 166 -17.75 -8.58 18.81
C LEU C 166 -17.63 -7.18 19.39
N LYS C 167 -17.33 -6.19 18.54
CA LYS C 167 -17.26 -4.81 19.01
C LYS C 167 -18.59 -4.34 19.57
N ARG C 168 -19.70 -4.86 19.03
CA ARG C 168 -21.02 -4.49 19.51
C ARG C 168 -21.30 -5.09 20.88
N PHE C 169 -20.94 -6.36 21.07
CA PHE C 169 -21.18 -7.00 22.37
C PHE C 169 -20.28 -6.43 23.45
N LEU C 170 -19.06 -6.06 23.06
CA LEU C 170 -18.17 -5.37 23.98
C LEU C 170 -18.84 -4.15 24.59
N GLU C 171 -19.41 -3.29 23.75
CA GLU C 171 -20.08 -2.10 24.27
C GLU C 171 -21.27 -2.48 25.14
N TYR C 172 -22.17 -3.32 24.61
CA TYR C 172 -23.34 -3.79 25.36
C TYR C 172 -23.02 -4.22 26.80
N GLY C 173 -21.95 -4.99 26.98
CA GLY C 173 -21.59 -5.46 28.30
C GLY C 173 -20.26 -4.99 28.82
N LYS C 174 -19.92 -3.71 28.59
CA LYS C 174 -18.59 -3.22 28.94
C LYS C 174 -18.37 -3.20 30.46
N ASP C 175 -19.41 -2.90 31.25
CA ASP C 175 -19.23 -2.93 32.69
C ASP C 175 -18.79 -4.29 33.20
N THR C 176 -19.06 -5.37 32.46
CA THR C 176 -18.59 -6.71 32.84
C THR C 176 -17.22 -7.01 32.24
N LEU C 177 -17.12 -6.95 30.91
CA LEU C 177 -15.99 -7.51 30.17
C LEU C 177 -14.73 -6.68 30.30
N GLN C 178 -14.86 -5.40 30.57
CA GLN C 178 -13.70 -4.52 30.61
C GLN C 178 -13.33 -4.11 32.03
N ARG C 179 -14.06 -4.58 33.03
CA ARG C 179 -13.65 -4.33 34.40
C ARG C 179 -12.33 -5.05 34.70
N THR C 180 -11.74 -4.71 35.83
CA THR C 180 -10.53 -5.36 36.29
C THR C 180 -10.63 -5.53 37.78
N GLU C 181 -10.43 -6.76 38.25
CA GLU C 181 -10.34 -7.04 39.67
C GLU C 181 -8.97 -7.63 39.92
N PRO C 182 -8.13 -6.99 40.70
CA PRO C 182 -6.77 -7.45 40.88
C PRO C 182 -6.72 -8.72 41.70
N PRO C 183 -5.68 -9.52 41.55
CA PRO C 183 -5.57 -10.75 42.33
C PRO C 183 -5.20 -10.49 43.78
N LEU C 184 -5.76 -11.29 44.67
CA LEU C 184 -5.22 -11.44 46.02
C LEU C 184 -4.21 -12.58 45.99
N VAL C 185 -2.94 -12.26 46.25
CA VAL C 185 -1.84 -13.21 46.13
C VAL C 185 -1.16 -13.36 47.48
N ARG C 186 -0.95 -14.60 47.90
CA ARG C 186 -0.24 -14.96 49.11
C ARG C 186 0.73 -16.10 48.80
N VAL C 187 1.78 -16.21 49.62
CA VAL C 187 2.73 -17.32 49.53
C VAL C 187 2.62 -18.14 50.81
N ASN C 188 2.58 -19.46 50.67
CA ASN C 188 2.59 -20.39 51.79
C ASN C 188 3.87 -21.21 51.76
N ARG C 189 4.44 -21.44 52.93
CA ARG C 189 5.63 -22.26 53.09
C ARG C 189 5.33 -23.39 54.04
N LYS C 190 5.89 -24.57 53.77
CA LYS C 190 5.53 -25.76 54.55
C LYS C 190 6.52 -26.89 54.30
N GLU C 191 6.95 -27.55 55.37
CA GLU C 191 7.82 -28.72 55.22
C GLU C 191 6.91 -29.92 55.11
N THR C 192 7.09 -30.72 54.07
CA THR C 192 6.12 -31.75 53.73
C THR C 192 6.62 -33.15 54.04
N PHE C 193 7.51 -33.69 53.24
CA PHE C 193 8.24 -34.92 53.42
C PHE C 193 9.56 -34.57 54.09
N PRO C 194 10.07 -35.41 55.02
CA PRO C 194 11.29 -35.02 55.76
C PRO C 194 12.38 -34.45 54.86
N GLY C 195 12.73 -33.17 55.08
CA GLY C 195 13.73 -32.52 54.25
C GLY C 195 13.24 -31.79 53.00
N VAL C 196 11.96 -31.89 52.65
CA VAL C 196 11.40 -31.23 51.46
C VAL C 196 10.53 -30.09 51.93
N THR C 197 10.74 -28.90 51.39
CA THR C 197 9.88 -27.74 51.64
C THR C 197 9.13 -27.40 50.37
N ALA C 198 7.83 -27.13 50.51
CA ALA C 198 6.97 -26.81 49.38
C ALA C 198 6.49 -25.38 49.50
N LEU C 199 6.79 -24.57 48.49
CA LEU C 199 6.33 -23.19 48.43
C LEU C 199 5.16 -23.09 47.47
N PHE C 200 4.05 -22.54 47.95
CA PHE C 200 2.83 -22.39 47.15
C PHE C 200 2.50 -20.92 46.96
N CYS C 201 2.30 -20.50 45.72
CA CYS C 201 1.87 -19.15 45.39
C CYS C 201 0.42 -19.21 44.96
N LYS C 202 -0.49 -18.66 45.77
CA LYS C 202 -1.93 -18.76 45.53
C LYS C 202 -2.50 -17.39 45.15
N ALA C 203 -3.26 -17.33 44.06
CA ALA C 203 -3.98 -16.12 43.70
C ALA C 203 -5.47 -16.42 43.63
N HIS C 204 -6.28 -15.42 43.95
CA HIS C 204 -7.72 -15.53 43.79
C HIS C 204 -8.32 -14.13 43.76
N GLY C 205 -9.58 -14.06 43.34
CA GLY C 205 -10.28 -12.80 43.30
C GLY C 205 -10.13 -12.02 42.04
N PHE C 206 -9.35 -12.49 41.08
CA PHE C 206 -9.04 -11.67 39.93
C PHE C 206 -10.01 -11.90 38.76
N TYR C 207 -10.13 -10.87 37.92
CA TYR C 207 -10.81 -10.91 36.63
C TYR C 207 -10.17 -9.80 35.83
N PRO C 208 -9.85 -10.01 34.53
CA PRO C 208 -10.12 -11.18 33.69
C PRO C 208 -9.33 -12.42 34.10
N PRO C 209 -9.71 -13.58 33.58
CA PRO C 209 -9.03 -14.83 34.01
C PRO C 209 -7.58 -14.94 33.56
N GLU C 210 -7.13 -14.18 32.57
CA GLU C 210 -5.75 -14.32 32.11
C GLU C 210 -4.77 -13.71 33.13
N ILE C 211 -3.90 -14.55 33.72
CA ILE C 211 -2.89 -14.13 34.68
C ILE C 211 -1.61 -14.91 34.44
N TYR C 212 -0.46 -14.27 34.69
CA TYR C 212 0.85 -14.92 34.62
C TYR C 212 1.46 -15.06 36.02
N MET C 213 1.84 -16.29 36.39
CA MET C 213 2.52 -16.56 37.65
C MET C 213 3.75 -17.40 37.37
N THR C 214 4.86 -17.04 38.02
CA THR C 214 6.08 -17.84 37.93
C THR C 214 6.98 -17.63 39.14
N TRP C 215 7.85 -18.60 39.39
CA TRP C 215 8.80 -18.58 40.48
C TRP C 215 10.19 -18.27 39.92
N MET C 216 10.93 -17.41 40.60
CA MET C 216 12.28 -17.05 40.18
C MET C 216 13.26 -17.20 41.33
N LYS C 217 14.43 -17.77 41.01
CA LYS C 217 15.53 -17.97 41.96
C LYS C 217 16.51 -16.83 41.80
N ASN C 218 16.94 -16.26 42.93
CA ASN C 218 17.97 -15.20 42.96
C ASN C 218 17.70 -14.09 41.95
N GLY C 219 16.43 -13.85 41.65
CA GLY C 219 15.96 -12.74 40.86
C GLY C 219 16.14 -12.88 39.37
N GLU C 220 16.76 -13.97 38.90
CA GLU C 220 17.07 -13.95 37.47
C GLU C 220 16.58 -15.14 36.68
N GLU C 221 16.88 -16.36 37.09
CA GLU C 221 16.49 -17.53 36.30
C GLU C 221 15.26 -18.17 36.88
N ILE C 222 14.32 -18.58 36.02
CA ILE C 222 13.16 -19.28 36.56
C ILE C 222 13.58 -20.67 37.06
N VAL C 223 12.97 -21.11 38.15
CA VAL C 223 13.29 -22.39 38.75
C VAL C 223 12.57 -23.50 37.98
N GLN C 224 13.19 -24.68 37.91
CA GLN C 224 12.61 -25.80 37.18
C GLN C 224 11.76 -26.68 38.09
N GLU C 225 10.88 -27.47 37.46
CA GLU C 225 9.92 -28.31 38.17
C GLU C 225 8.89 -27.47 38.93
N ILE C 226 8.48 -26.36 38.32
CA ILE C 226 7.31 -25.64 38.80
C ILE C 226 6.07 -26.46 38.47
N ASP C 227 5.09 -26.43 39.36
CA ASP C 227 3.81 -27.09 39.18
C ASP C 227 2.74 -26.00 39.09
N TYR C 228 1.87 -26.06 38.08
CA TYR C 228 0.85 -25.03 37.88
C TYR C 228 -0.57 -25.56 38.09
N GLY C 229 -1.35 -24.82 38.87
CA GLY C 229 -2.77 -25.11 38.97
C GLY C 229 -3.58 -24.47 37.85
N ASP C 230 -4.71 -25.10 37.54
CA ASP C 230 -5.60 -24.51 36.55
C ASP C 230 -6.15 -23.20 37.06
N ILE C 231 -6.58 -22.35 36.13
CA ILE C 231 -7.26 -21.12 36.46
C ILE C 231 -8.74 -21.45 36.60
N LEU C 232 -9.20 -21.62 37.86
CA LEU C 232 -10.55 -22.13 38.10
C LEU C 232 -11.54 -21.01 38.34
N PRO C 233 -12.77 -21.17 37.83
CA PRO C 233 -13.84 -20.20 38.15
C PRO C 233 -14.22 -20.32 39.61
N SER C 234 -14.31 -19.18 40.30
CA SER C 234 -14.70 -19.17 41.70
C SER C 234 -16.20 -19.10 41.93
N GLY C 235 -17.01 -18.84 40.90
CA GLY C 235 -18.44 -18.83 41.02
C GLY C 235 -19.06 -17.45 41.12
N ASP C 236 -18.26 -16.44 41.47
CA ASP C 236 -18.72 -15.07 41.64
C ASP C 236 -18.27 -14.16 40.50
N GLY C 237 -17.88 -14.72 39.37
CA GLY C 237 -17.36 -13.92 38.30
C GLY C 237 -15.87 -13.71 38.30
N THR C 238 -15.17 -14.22 39.31
CA THR C 238 -13.72 -14.12 39.41
C THR C 238 -13.08 -15.50 39.45
N TYR C 239 -11.74 -15.52 39.44
CA TYR C 239 -10.96 -16.71 39.16
C TYR C 239 -9.80 -16.86 40.15
N GLN C 240 -9.30 -18.09 40.29
CA GLN C 240 -8.16 -18.41 41.15
C GLN C 240 -7.18 -19.31 40.41
N ALA C 241 -5.92 -19.30 40.85
CA ALA C 241 -4.89 -20.18 40.31
C ALA C 241 -3.70 -20.20 41.27
N TRP C 242 -2.72 -21.04 40.98
CA TRP C 242 -1.53 -21.11 41.83
C TRP C 242 -0.33 -21.66 41.05
N ALA C 243 0.82 -21.69 41.72
CA ALA C 243 2.03 -22.30 41.19
C ALA C 243 2.90 -22.70 42.37
N SER C 244 3.57 -23.85 42.28
CA SER C 244 4.38 -24.30 43.41
C SER C 244 5.72 -24.88 42.96
N ILE C 245 6.71 -24.76 43.85
CA ILE C 245 8.06 -25.28 43.66
C ILE C 245 8.50 -25.91 44.98
N GLU C 246 9.64 -26.60 44.95
CA GLU C 246 10.29 -27.10 46.15
C GLU C 246 11.72 -26.58 46.24
N LEU C 247 12.34 -26.78 47.40
CA LEU C 247 13.68 -26.24 47.64
C LEU C 247 14.40 -26.93 48.81
N ASN C 253 20.03 -19.58 49.17
CA ASN C 253 19.25 -19.02 48.05
C ASN C 253 17.93 -18.33 48.48
N LEU C 254 17.50 -17.33 47.71
CA LEU C 254 16.27 -16.60 47.96
C LEU C 254 15.31 -16.76 46.77
N TYR C 255 14.06 -17.14 47.04
CA TYR C 255 13.04 -17.37 46.03
C TYR C 255 11.99 -16.28 46.05
N SER C 256 11.27 -16.13 44.93
CA SER C 256 10.23 -15.11 44.89
C SER C 256 9.15 -15.49 43.89
N CYS C 257 7.91 -15.15 44.22
CA CYS C 257 6.80 -15.33 43.31
C CYS C 257 6.62 -14.07 42.50
N HIS C 258 6.38 -14.23 41.19
CA HIS C 258 6.07 -13.13 40.29
C HIS C 258 4.68 -13.33 39.71
N VAL C 259 3.83 -12.32 39.84
CA VAL C 259 2.47 -12.35 39.31
C VAL C 259 2.29 -11.13 38.41
N GLU C 260 1.74 -11.34 37.22
CA GLU C 260 1.43 -10.24 36.32
C GLU C 260 -0.01 -10.37 35.90
N HIS C 261 -0.75 -9.26 35.92
CA HIS C 261 -2.19 -9.29 35.68
C HIS C 261 -2.67 -7.87 35.35
N SER C 262 -3.38 -7.73 34.23
CA SER C 262 -3.84 -6.45 33.70
C SER C 262 -2.79 -5.35 33.79
N GLY C 263 -1.59 -5.64 33.30
CA GLY C 263 -0.56 -4.63 33.26
C GLY C 263 -0.06 -4.17 34.61
N VAL C 264 -0.09 -5.04 35.62
CA VAL C 264 0.43 -4.71 36.93
C VAL C 264 1.28 -5.87 37.37
N HIS C 265 2.55 -5.62 37.62
CA HIS C 265 3.46 -6.65 38.08
C HIS C 265 3.49 -6.64 39.59
N MET C 266 3.57 -7.84 40.17
CA MET C 266 3.64 -8.06 41.61
C MET C 266 4.78 -9.03 41.90
N VAL C 267 5.46 -8.85 43.02
CA VAL C 267 6.55 -9.73 43.43
C VAL C 267 6.39 -10.04 44.90
N LEU C 268 6.41 -11.31 45.25
CA LEU C 268 6.24 -11.76 46.64
C LEU C 268 7.52 -12.50 47.02
N GLN C 269 8.37 -11.85 47.80
CA GLN C 269 9.61 -12.46 48.25
C GLN C 269 9.33 -13.45 49.37
N VAL C 270 9.88 -14.65 49.27
CA VAL C 270 9.76 -15.64 50.35
C VAL C 270 10.72 -15.26 51.46
N PRO C 271 10.26 -15.21 52.74
CA PRO C 271 11.16 -14.82 53.83
C PRO C 271 12.38 -15.74 53.90
N GLY D 2 -30.54 -3.94 7.01
CA GLY D 2 -30.36 -2.50 6.92
C GLY D 2 -31.57 -1.78 6.32
N GLN D 3 -31.43 -0.49 6.02
CA GLN D 3 -32.54 0.31 5.52
C GLN D 3 -32.57 0.49 4.00
N ASN D 4 -31.62 1.22 3.41
CA ASN D 4 -31.78 1.72 2.05
C ASN D 4 -30.89 0.99 1.05
N ILE D 5 -31.46 0.71 -0.12
CA ILE D 5 -30.75 0.31 -1.32
C ILE D 5 -31.30 1.15 -2.47
N ASP D 6 -30.42 1.79 -3.22
CA ASP D 6 -30.86 2.74 -4.23
C ASP D 6 -30.23 2.37 -5.58
N GLN D 7 -31.05 2.29 -6.62
CA GLN D 7 -30.60 2.17 -7.99
C GLN D 7 -31.49 3.04 -8.89
N PRO D 8 -30.94 3.60 -9.96
CA PRO D 8 -31.77 4.45 -10.85
C PRO D 8 -33.02 3.73 -11.35
N THR D 9 -34.08 4.51 -11.57
CA THR D 9 -35.34 3.96 -12.04
C THR D 9 -35.24 3.46 -13.48
N GLU D 10 -34.75 4.28 -14.40
CA GLU D 10 -34.64 3.88 -15.79
C GLU D 10 -33.28 4.30 -16.36
N MET D 11 -32.83 3.56 -17.38
CA MET D 11 -31.56 3.83 -18.06
C MET D 11 -31.71 3.45 -19.53
N THR D 12 -31.19 4.30 -20.42
CA THR D 12 -31.29 4.06 -21.85
C THR D 12 -29.92 4.20 -22.49
N ALA D 13 -29.65 3.33 -23.46
CA ALA D 13 -28.35 3.28 -24.12
C ALA D 13 -28.52 2.67 -25.50
N THR D 14 -27.49 2.83 -26.33
CA THR D 14 -27.50 2.40 -27.72
C THR D 14 -26.95 0.99 -27.83
N GLU D 15 -27.55 0.19 -28.70
CA GLU D 15 -27.07 -1.17 -28.89
C GLU D 15 -25.66 -1.13 -29.44
N GLY D 16 -24.83 -2.06 -28.97
CA GLY D 16 -23.41 -2.07 -29.25
C GLY D 16 -22.58 -1.28 -28.26
N ALA D 17 -23.19 -0.51 -27.37
CA ALA D 17 -22.44 0.36 -26.48
C ALA D 17 -22.23 -0.36 -25.15
N ILE D 18 -21.96 0.46 -24.13
CA ILE D 18 -21.63 0.01 -22.80
C ILE D 18 -22.48 0.81 -21.82
N VAL D 19 -23.25 0.11 -20.97
CA VAL D 19 -23.97 0.76 -19.88
C VAL D 19 -23.55 0.16 -18.54
N GLN D 20 -23.53 1.01 -17.52
CA GLN D 20 -23.15 0.61 -16.16
C GLN D 20 -24.27 1.01 -15.20
N ILE D 21 -24.75 0.05 -14.40
CA ILE D 21 -25.92 0.23 -13.55
C ILE D 21 -25.46 0.25 -12.11
N ASN D 22 -25.62 1.37 -11.43
CA ASN D 22 -25.12 1.50 -10.08
C ASN D 22 -26.14 1.08 -9.04
N CYS D 23 -25.65 0.44 -7.97
CA CYS D 23 -26.44 0.12 -6.80
C CYS D 23 -25.64 0.56 -5.58
N THR D 24 -26.10 1.59 -4.88
CA THR D 24 -25.48 2.01 -3.63
C THR D 24 -26.36 1.58 -2.46
N TYR D 25 -25.74 1.12 -1.37
CA TYR D 25 -26.48 0.53 -0.27
C TYR D 25 -25.99 1.06 1.07
N GLN D 26 -26.94 1.36 1.95
CA GLN D 26 -26.70 1.66 3.34
C GLN D 26 -27.42 0.59 4.14
N THR D 27 -26.67 -0.37 4.69
CA THR D 27 -27.23 -1.47 5.47
C THR D 27 -26.37 -1.70 6.70
N SER D 28 -26.99 -2.33 7.71
CA SER D 28 -26.32 -2.70 8.95
C SER D 28 -25.80 -4.13 8.77
N GLY D 29 -24.50 -4.26 8.55
CA GLY D 29 -23.94 -5.52 8.18
C GLY D 29 -24.05 -5.75 6.68
N PHE D 30 -23.21 -6.66 6.19
CA PHE D 30 -23.15 -6.92 4.76
C PHE D 30 -22.62 -8.32 4.57
N ASN D 31 -23.43 -9.19 3.98
CA ASN D 31 -23.04 -10.57 3.72
C ASN D 31 -23.12 -10.93 2.24
N GLY D 32 -23.12 -9.94 1.36
CA GLY D 32 -23.14 -10.21 -0.06
C GLY D 32 -24.03 -9.22 -0.81
N LEU D 33 -23.86 -9.19 -2.13
CA LEU D 33 -24.66 -8.35 -3.01
C LEU D 33 -24.98 -9.12 -4.28
N PHE D 34 -26.28 -9.18 -4.63
CA PHE D 34 -26.78 -9.93 -5.76
C PHE D 34 -27.31 -9.01 -6.85
N TRP D 35 -27.17 -9.45 -8.11
CA TRP D 35 -27.79 -8.80 -9.24
C TRP D 35 -28.66 -9.84 -9.92
N TYR D 36 -29.94 -9.50 -10.12
CA TYR D 36 -30.87 -10.38 -10.80
C TYR D 36 -31.40 -9.70 -12.06
N GLN D 37 -31.70 -10.52 -13.07
CA GLN D 37 -32.28 -10.05 -14.31
C GLN D 37 -33.74 -10.50 -14.39
N GLN D 38 -34.62 -9.56 -14.74
CA GLN D 38 -36.05 -9.84 -14.90
C GLN D 38 -36.55 -9.25 -16.22
N HIS D 39 -36.75 -10.10 -17.21
CA HIS D 39 -37.46 -9.69 -18.42
C HIS D 39 -38.92 -9.39 -18.10
N ALA D 40 -39.45 -8.35 -18.74
CA ALA D 40 -40.83 -7.96 -18.52
C ALA D 40 -41.74 -9.16 -18.80
N GLY D 41 -42.70 -9.38 -17.90
CA GLY D 41 -43.58 -10.51 -17.97
C GLY D 41 -43.08 -11.73 -17.24
N GLU D 42 -41.79 -11.84 -16.99
CA GLU D 42 -41.16 -13.07 -16.51
C GLU D 42 -40.70 -12.92 -15.05
N ALA D 43 -39.96 -13.97 -14.56
CA ALA D 43 -39.46 -14.06 -13.19
C ALA D 43 -37.97 -13.73 -13.12
N PRO D 44 -37.48 -13.27 -11.97
CA PRO D 44 -36.07 -12.91 -11.89
C PRO D 44 -35.17 -14.13 -12.01
N THR D 45 -33.94 -13.91 -12.47
CA THR D 45 -32.95 -14.97 -12.54
C THR D 45 -31.61 -14.45 -12.02
N PHE D 46 -30.85 -15.34 -11.38
CA PHE D 46 -29.58 -14.96 -10.81
C PHE D 46 -28.58 -14.60 -11.89
N LEU D 47 -27.74 -13.57 -11.61
CA LEU D 47 -26.71 -13.05 -12.51
C LEU D 47 -25.33 -12.97 -11.89
N SER D 48 -25.25 -12.64 -10.61
CA SER D 48 -23.97 -12.19 -10.06
C SER D 48 -24.06 -12.11 -8.55
N TYR D 49 -22.97 -12.51 -7.89
CA TYR D 49 -22.82 -12.37 -6.45
C TYR D 49 -21.43 -11.84 -6.13
N ASN D 50 -21.37 -10.81 -5.29
CA ASN D 50 -20.11 -10.22 -4.86
C ASN D 50 -20.14 -10.07 -3.35
N VAL D 51 -19.06 -10.45 -2.67
CA VAL D 51 -19.01 -10.17 -1.24
C VAL D 51 -17.71 -9.47 -0.87
N LEU D 52 -16.66 -9.67 -1.67
CA LEU D 52 -15.39 -8.97 -1.48
C LEU D 52 -15.08 -8.07 -2.68
N ASP D 53 -14.20 -7.09 -2.44
CA ASP D 53 -13.87 -6.07 -3.43
C ASP D 53 -13.23 -6.66 -4.68
N GLY D 54 -13.63 -6.15 -5.82
CA GLY D 54 -13.14 -6.62 -7.10
C GLY D 54 -14.22 -6.54 -8.17
N LEU D 55 -13.87 -7.02 -9.35
CA LEU D 55 -14.75 -7.15 -10.49
C LEU D 55 -14.76 -8.61 -10.95
N GLU D 56 -15.94 -9.13 -11.31
CA GLU D 56 -16.09 -10.50 -11.82
C GLU D 56 -16.84 -10.46 -13.15
N GLU D 57 -16.33 -11.18 -14.15
CA GLU D 57 -16.87 -11.13 -15.51
C GLU D 57 -17.46 -12.48 -15.87
N LYS D 58 -18.74 -12.49 -16.30
CA LYS D 58 -19.41 -13.69 -16.84
C LYS D 58 -19.81 -13.34 -18.26
N GLY D 59 -18.88 -13.51 -19.19
CA GLY D 59 -19.16 -13.16 -20.58
C GLY D 59 -19.28 -11.66 -20.75
N ARG D 60 -20.32 -11.23 -21.48
CA ARG D 60 -20.54 -9.81 -21.72
C ARG D 60 -20.88 -9.02 -20.45
N PHE D 61 -21.25 -9.70 -19.35
CA PHE D 61 -21.68 -9.04 -18.12
C PHE D 61 -20.59 -9.15 -17.08
N SER D 62 -20.30 -8.03 -16.41
CA SER D 62 -19.39 -8.03 -15.27
C SER D 62 -20.06 -7.27 -14.13
N SER D 63 -19.72 -7.65 -12.90
CA SER D 63 -20.24 -7.00 -11.71
C SER D 63 -19.09 -6.65 -10.78
N PHE D 64 -19.20 -5.49 -10.12
CA PHE D 64 -18.12 -4.89 -9.36
C PHE D 64 -18.63 -4.51 -7.98
N LEU D 65 -17.84 -4.77 -6.95
CA LEU D 65 -18.21 -4.41 -5.59
C LEU D 65 -17.12 -3.56 -4.94
N SER D 66 -17.53 -2.48 -4.28
CA SER D 66 -16.60 -1.70 -3.48
C SER D 66 -17.13 -1.61 -2.06
N ARG D 67 -16.41 -2.22 -1.11
CA ARG D 67 -16.89 -2.33 0.24
C ARG D 67 -16.81 -1.02 1.01
N SER D 68 -15.70 -0.30 0.89
CA SER D 68 -15.61 0.95 1.65
C SER D 68 -16.58 2.00 1.10
N LYS D 69 -16.88 1.95 -0.20
CA LYS D 69 -17.80 2.92 -0.79
C LYS D 69 -19.26 2.45 -0.81
N GLY D 70 -19.54 1.20 -0.46
CA GLY D 70 -20.93 0.76 -0.38
C GLY D 70 -21.68 0.86 -1.70
N TYR D 71 -21.01 0.56 -2.81
CA TYR D 71 -21.73 0.48 -4.07
C TYR D 71 -21.22 -0.68 -4.89
N SER D 72 -22.10 -1.16 -5.75
CA SER D 72 -21.79 -2.10 -6.80
C SER D 72 -22.28 -1.49 -8.11
N TYR D 73 -21.73 -1.92 -9.22
CA TYR D 73 -22.35 -1.64 -10.50
C TYR D 73 -22.39 -2.92 -11.33
N LEU D 74 -23.40 -3.03 -12.17
CA LEU D 74 -23.46 -4.08 -13.15
C LEU D 74 -23.18 -3.44 -14.49
N LEU D 75 -22.27 -4.04 -15.24
CA LEU D 75 -21.75 -3.46 -16.46
C LEU D 75 -22.03 -4.42 -17.60
N LEU D 76 -22.56 -3.90 -18.70
CA LEU D 76 -22.90 -4.71 -19.87
C LEU D 76 -22.12 -4.18 -21.07
N LYS D 77 -21.45 -5.08 -21.78
CA LYS D 77 -20.71 -4.72 -22.97
C LYS D 77 -21.46 -5.20 -24.20
N GLU D 78 -21.30 -4.47 -25.29
CA GLU D 78 -21.86 -4.84 -26.60
C GLU D 78 -23.36 -5.12 -26.48
N LEU D 79 -24.07 -4.12 -25.95
CA LEU D 79 -25.50 -4.21 -25.72
C LEU D 79 -26.23 -4.79 -26.92
N GLN D 80 -26.95 -5.86 -26.71
CA GLN D 80 -27.90 -6.33 -27.71
C GLN D 80 -29.29 -5.90 -27.30
N MET D 81 -30.20 -5.90 -28.26
CA MET D 81 -31.58 -5.53 -27.96
C MET D 81 -32.14 -6.42 -26.88
N LYS D 82 -31.79 -7.71 -26.92
CA LYS D 82 -32.28 -8.73 -26.01
C LYS D 82 -31.86 -8.49 -24.56
N ASP D 83 -31.06 -7.46 -24.31
CA ASP D 83 -30.71 -7.06 -22.96
C ASP D 83 -31.65 -6.01 -22.40
N SER D 84 -32.73 -5.69 -23.11
CA SER D 84 -33.82 -4.89 -22.52
C SER D 84 -34.46 -5.71 -21.42
N ALA D 85 -34.44 -5.18 -20.19
CA ALA D 85 -34.91 -5.92 -19.02
C ALA D 85 -34.87 -5.04 -17.79
N SER D 86 -35.28 -5.57 -16.65
CA SER D 86 -35.11 -4.89 -15.38
C SER D 86 -33.97 -5.57 -14.64
N TYR D 87 -33.15 -4.78 -13.96
CA TYR D 87 -32.00 -5.31 -13.25
C TYR D 87 -32.22 -4.96 -11.79
N LEU D 88 -32.41 -6.00 -11.00
CA LEU D 88 -32.73 -5.88 -9.60
C LEU D 88 -31.46 -6.16 -8.82
N CYS D 89 -31.17 -5.31 -7.86
CA CYS D 89 -30.00 -5.41 -7.01
C CYS D 89 -30.42 -5.70 -5.57
N ALA D 90 -29.82 -6.72 -4.96
CA ALA D 90 -30.21 -7.13 -3.60
C ALA D 90 -28.99 -7.34 -2.72
N VAL D 91 -29.10 -6.96 -1.46
CA VAL D 91 -28.03 -7.06 -0.48
C VAL D 91 -28.50 -7.89 0.72
N LYS D 92 -27.72 -8.91 1.11
CA LYS D 92 -27.98 -9.62 2.36
C LYS D 92 -27.38 -8.83 3.52
N ASP D 93 -28.22 -8.42 4.47
CA ASP D 93 -27.75 -7.67 5.64
C ASP D 93 -27.14 -8.64 6.66
N SER D 94 -26.86 -8.14 7.87
CA SER D 94 -26.18 -8.94 8.87
C SER D 94 -27.06 -10.04 9.46
N ASN D 95 -28.37 -9.97 9.25
CA ASN D 95 -29.30 -11.00 9.69
C ASN D 95 -29.67 -11.94 8.56
N TYR D 96 -28.99 -11.85 7.43
CA TYR D 96 -29.21 -12.67 6.24
C TYR D 96 -30.53 -12.37 5.54
N GLN D 97 -31.20 -11.28 5.89
CA GLN D 97 -32.37 -10.85 5.12
C GLN D 97 -31.91 -10.07 3.89
N LEU D 98 -32.48 -10.42 2.73
CA LEU D 98 -32.31 -9.61 1.53
C LEU D 98 -33.01 -8.26 1.69
N ILE D 99 -32.39 -7.20 1.16
CA ILE D 99 -33.02 -5.91 0.94
C ILE D 99 -33.01 -5.72 -0.57
N TRP D 100 -34.16 -5.47 -1.17
CA TRP D 100 -34.23 -5.38 -2.62
C TRP D 100 -34.31 -3.93 -3.06
N GLY D 101 -33.51 -3.56 -4.05
CA GLY D 101 -33.74 -2.31 -4.74
C GLY D 101 -34.95 -2.42 -5.64
N ALA D 102 -35.47 -1.26 -6.03
CA ALA D 102 -36.70 -1.22 -6.80
C ALA D 102 -36.48 -1.54 -8.26
N GLY D 103 -35.25 -1.88 -8.64
CA GLY D 103 -34.96 -2.27 -9.99
C GLY D 103 -34.66 -1.07 -10.87
N THR D 104 -33.91 -1.35 -11.94
CA THR D 104 -33.60 -0.40 -13.00
C THR D 104 -34.10 -0.98 -14.32
N LYS D 105 -35.01 -0.25 -14.98
CA LYS D 105 -35.48 -0.64 -16.30
C LYS D 105 -34.48 -0.15 -17.33
N LEU D 106 -33.99 -1.06 -18.16
CA LEU D 106 -32.96 -0.73 -19.14
C LEU D 106 -33.60 -0.76 -20.52
N ILE D 107 -33.53 0.37 -21.22
CA ILE D 107 -34.05 0.53 -22.57
C ILE D 107 -32.86 0.61 -23.52
N ILE D 108 -32.96 -0.09 -24.65
CA ILE D 108 -31.89 -0.12 -25.64
C ILE D 108 -32.43 0.46 -26.93
N LYS D 109 -31.93 1.63 -27.30
CA LYS D 109 -32.23 2.13 -28.63
C LYS D 109 -31.41 1.38 -29.68
N PRO D 110 -32.02 0.98 -30.78
CA PRO D 110 -31.25 0.38 -31.88
C PRO D 110 -30.69 1.44 -32.81
N ASP D 111 -29.51 1.16 -33.38
CA ASP D 111 -28.91 2.08 -34.35
C ASP D 111 -29.51 1.81 -35.73
N ILE D 112 -30.33 2.73 -36.21
CA ILE D 112 -31.08 2.53 -37.45
C ILE D 112 -30.19 2.92 -38.63
N GLN D 113 -29.91 1.95 -39.50
CA GLN D 113 -29.06 2.21 -40.65
C GLN D 113 -29.70 3.25 -41.56
N ASN D 114 -30.86 2.95 -42.13
CA ASN D 114 -31.49 3.86 -43.09
C ASN D 114 -32.80 4.40 -42.57
N PRO D 115 -32.82 5.59 -41.94
CA PRO D 115 -34.10 6.17 -41.52
C PRO D 115 -35.02 6.42 -42.71
N ASP D 116 -36.32 6.26 -42.47
CA ASP D 116 -37.33 6.46 -43.51
C ASP D 116 -38.66 6.89 -42.90
N PRO D 117 -38.71 7.95 -42.09
CA PRO D 117 -39.95 8.29 -41.38
C PRO D 117 -41.13 8.48 -42.31
N ALA D 118 -42.28 7.95 -41.89
CA ALA D 118 -43.51 7.97 -42.67
C ALA D 118 -44.68 7.64 -41.76
N VAL D 119 -45.90 7.99 -42.20
CA VAL D 119 -47.11 7.73 -41.43
C VAL D 119 -48.19 7.17 -42.36
N TYR D 120 -48.35 5.84 -42.35
CA TYR D 120 -49.30 5.18 -43.22
C TYR D 120 -50.65 4.96 -42.53
N GLN D 121 -51.66 4.65 -43.33
CA GLN D 121 -52.99 4.33 -42.79
C GLN D 121 -53.38 2.91 -43.18
N LEU D 122 -53.98 2.18 -42.24
CA LEU D 122 -54.41 0.79 -42.44
C LEU D 122 -55.93 0.67 -42.24
N ARG D 123 -56.51 -0.39 -42.82
CA ARG D 123 -57.96 -0.59 -42.80
C ARG D 123 -58.31 -1.98 -42.27
N ASP D 124 -59.62 -2.20 -42.09
CA ASP D 124 -60.21 -3.50 -41.68
C ASP D 124 -60.11 -3.73 -40.16
N SER D 131 -58.85 2.08 -39.54
CA SER D 131 -59.11 3.17 -38.62
C SER D 131 -57.85 3.52 -37.80
N VAL D 132 -56.69 3.00 -38.23
CA VAL D 132 -55.46 3.00 -37.44
C VAL D 132 -54.31 3.58 -38.25
N CYS D 133 -53.54 4.49 -37.63
CA CYS D 133 -52.42 5.21 -38.26
C CYS D 133 -51.10 4.74 -37.66
N LEU D 134 -50.18 4.29 -38.52
CA LEU D 134 -48.89 3.76 -38.13
C LEU D 134 -47.78 4.76 -38.43
N PHE D 135 -47.02 5.14 -37.40
CA PHE D 135 -45.79 5.92 -37.54
C PHE D 135 -44.64 4.92 -37.45
N THR D 136 -43.77 4.93 -38.46
CA THR D 136 -42.76 3.89 -38.54
C THR D 136 -41.46 4.43 -39.12
N ASP D 137 -40.44 3.57 -39.11
CA ASP D 137 -39.16 3.74 -39.81
C ASP D 137 -38.39 4.99 -39.39
N PHE D 138 -38.62 5.51 -38.20
CA PHE D 138 -37.90 6.71 -37.79
C PHE D 138 -36.61 6.33 -37.05
N ASP D 139 -35.84 7.35 -36.71
CA ASP D 139 -34.60 7.15 -35.95
C ASP D 139 -34.88 7.16 -34.45
N SER D 140 -34.10 6.37 -33.71
CA SER D 140 -34.32 6.18 -32.29
C SER D 140 -34.07 7.44 -31.47
N GLN D 141 -33.49 8.48 -32.07
CA GLN D 141 -33.44 9.76 -31.39
C GLN D 141 -34.85 10.28 -31.11
N THR D 142 -35.79 10.01 -32.02
CA THR D 142 -37.17 10.49 -31.86
C THR D 142 -37.81 9.92 -30.61
N ASN D 143 -38.42 10.80 -29.81
CA ASN D 143 -39.24 10.44 -28.69
C ASN D 143 -40.70 10.72 -29.04
N VAL D 144 -41.61 9.89 -28.55
CA VAL D 144 -43.03 9.94 -28.92
C VAL D 144 -43.87 10.40 -27.74
N SER D 145 -44.62 11.49 -27.92
CA SER D 145 -45.48 12.00 -26.87
C SER D 145 -46.79 11.21 -26.81
N GLN D 146 -47.40 11.19 -25.62
CA GLN D 146 -48.67 10.51 -25.44
C GLN D 146 -49.79 11.31 -26.11
N SER D 147 -51.02 10.83 -25.98
CA SER D 147 -52.17 11.47 -26.59
C SER D 147 -52.81 12.47 -25.62
N LYS D 148 -53.11 13.65 -26.15
CA LYS D 148 -53.82 14.67 -25.39
C LYS D 148 -55.33 14.63 -25.69
N ASP D 149 -55.96 13.48 -25.45
CA ASP D 149 -57.38 13.39 -25.79
C ASP D 149 -58.04 12.21 -25.09
N SER D 150 -59.38 12.31 -25.00
CA SER D 150 -60.19 11.33 -24.25
C SER D 150 -60.30 10.03 -25.01
N ASP D 151 -60.56 10.10 -26.32
CA ASP D 151 -60.75 8.91 -27.14
C ASP D 151 -59.67 8.79 -28.21
N VAL D 152 -58.52 9.42 -28.02
CA VAL D 152 -57.38 9.26 -28.92
C VAL D 152 -56.31 8.50 -28.18
N TYR D 153 -55.95 7.33 -28.71
CA TYR D 153 -55.02 6.40 -28.06
C TYR D 153 -53.75 6.30 -28.88
N ILE D 154 -52.61 6.61 -28.26
CA ILE D 154 -51.29 6.50 -28.88
C ILE D 154 -50.40 5.62 -28.01
N THR D 155 -49.76 4.61 -28.63
CA THR D 155 -48.92 3.66 -27.93
C THR D 155 -47.45 4.06 -27.99
N ASP D 156 -46.69 3.58 -26.99
CA ASP D 156 -45.26 3.85 -26.96
C ASP D 156 -44.56 3.13 -28.12
N LYS D 157 -43.35 3.59 -28.46
CA LYS D 157 -42.65 3.07 -29.61
C LYS D 157 -42.10 1.67 -29.35
N CYS D 158 -41.99 0.89 -30.42
CA CYS D 158 -41.70 -0.54 -30.36
C CYS D 158 -40.66 -0.89 -31.42
N VAL D 159 -39.67 -1.72 -31.06
CA VAL D 159 -38.64 -2.20 -31.99
C VAL D 159 -38.97 -3.63 -32.43
N LEU D 160 -39.00 -3.85 -33.75
CA LEU D 160 -39.07 -5.19 -34.30
C LEU D 160 -37.80 -5.50 -35.07
N ASP D 161 -37.43 -6.78 -35.12
CA ASP D 161 -36.23 -7.24 -35.82
C ASP D 161 -36.64 -8.36 -36.77
N MET D 162 -36.64 -8.08 -38.07
CA MET D 162 -36.78 -9.14 -39.06
C MET D 162 -35.47 -9.91 -39.13
N ARG D 163 -35.47 -11.13 -38.59
CA ARG D 163 -34.21 -11.86 -38.46
C ARG D 163 -33.57 -12.16 -39.80
N SER D 164 -34.37 -12.60 -40.80
CA SER D 164 -33.80 -13.12 -42.04
C SER D 164 -33.32 -12.01 -42.97
N MET D 165 -34.02 -10.88 -43.05
CA MET D 165 -33.49 -9.76 -43.81
C MET D 165 -32.49 -8.92 -43.01
N ASP D 166 -32.24 -9.26 -41.75
CA ASP D 166 -31.32 -8.55 -40.83
C ASP D 166 -31.57 -7.04 -40.81
N PHE D 167 -32.79 -6.68 -40.40
CA PHE D 167 -33.34 -5.32 -40.45
C PHE D 167 -34.09 -5.05 -39.14
N LYS D 168 -33.81 -3.92 -38.50
CA LYS D 168 -34.54 -3.48 -37.32
C LYS D 168 -35.33 -2.22 -37.63
N SER D 169 -36.37 -1.98 -36.83
CA SER D 169 -37.34 -0.95 -37.17
C SER D 169 -38.00 -0.43 -35.90
N ASN D 170 -38.29 0.88 -35.87
CA ASN D 170 -39.15 1.49 -34.86
C ASN D 170 -40.57 1.65 -35.40
N SER D 171 -41.53 1.78 -34.48
CA SER D 171 -42.92 2.01 -34.85
C SER D 171 -43.74 2.37 -33.61
N ALA D 172 -44.64 3.35 -33.76
CA ALA D 172 -45.69 3.62 -32.81
C ALA D 172 -47.04 3.60 -33.53
N VAL D 173 -48.12 3.39 -32.78
CA VAL D 173 -49.46 3.25 -33.35
C VAL D 173 -50.41 4.21 -32.64
N ALA D 174 -51.31 4.82 -33.41
CA ALA D 174 -52.38 5.65 -32.90
C ALA D 174 -53.71 5.26 -33.54
N TRP D 175 -54.79 5.29 -32.76
CA TRP D 175 -56.11 5.01 -33.31
C TRP D 175 -57.18 5.77 -32.51
N SER D 176 -58.37 5.91 -33.10
CA SER D 176 -59.46 6.54 -32.37
C SER D 176 -60.81 6.07 -32.92
N ASN D 177 -61.84 6.22 -32.07
CA ASN D 177 -63.21 5.82 -32.40
C ASN D 177 -63.87 6.82 -33.32
N LYS D 178 -63.70 8.11 -33.05
CA LYS D 178 -64.29 9.16 -33.86
C LYS D 178 -63.54 9.38 -35.17
N ALA D 182 -58.66 10.95 -38.98
CA ALA D 182 -57.92 12.09 -38.47
C ALA D 182 -56.39 11.88 -38.51
N CYS D 183 -55.80 11.58 -39.67
CA CYS D 183 -54.49 10.91 -39.70
C CYS D 183 -53.27 11.82 -39.83
N ALA D 184 -53.36 12.95 -40.55
CA ALA D 184 -52.19 13.82 -40.64
C ALA D 184 -51.86 14.45 -39.30
N ASN D 185 -52.89 14.84 -38.55
CA ASN D 185 -52.75 15.41 -37.22
C ASN D 185 -52.58 14.35 -36.12
N ALA D 186 -52.27 13.09 -36.49
CA ALA D 186 -52.27 12.00 -35.52
C ALA D 186 -51.21 12.21 -34.45
N PHE D 187 -49.99 12.56 -34.86
CA PHE D 187 -48.86 12.60 -33.94
C PHE D 187 -48.41 14.03 -33.65
N ASN D 188 -49.35 14.98 -33.63
CA ASN D 188 -49.01 16.38 -33.45
C ASN D 188 -48.46 16.68 -32.06
N ASN D 189 -48.74 15.82 -31.07
CA ASN D 189 -48.17 16.02 -29.74
C ASN D 189 -46.67 15.77 -29.73
N SER D 190 -46.18 14.88 -30.58
CA SER D 190 -44.79 14.50 -30.60
C SER D 190 -43.97 15.43 -31.50
N ILE D 191 -42.65 15.30 -31.41
CA ILE D 191 -41.74 16.05 -32.24
C ILE D 191 -41.27 15.10 -33.34
N ILE D 192 -41.85 15.22 -34.53
CA ILE D 192 -41.61 14.28 -35.62
C ILE D 192 -40.48 14.78 -36.53
N PRO D 193 -39.83 13.90 -37.29
CA PRO D 193 -38.86 14.38 -38.30
C PRO D 193 -39.51 15.29 -39.32
N GLU D 194 -38.76 16.32 -39.75
CA GLU D 194 -39.28 17.29 -40.71
C GLU D 194 -39.56 16.67 -42.07
N ASP D 195 -39.08 15.45 -42.33
CA ASP D 195 -39.25 14.76 -43.59
C ASP D 195 -40.17 13.55 -43.48
N THR D 196 -41.04 13.52 -42.46
CA THR D 196 -41.95 12.40 -42.28
C THR D 196 -42.95 12.35 -43.44
N PHE D 197 -42.90 11.26 -44.21
CA PHE D 197 -43.69 11.08 -45.43
C PHE D 197 -45.15 10.81 -45.10
N PHE D 198 -46.04 11.74 -45.48
CA PHE D 198 -47.49 11.56 -45.36
C PHE D 198 -48.11 11.30 -46.73
N PRO D 199 -48.48 10.06 -47.06
CA PRO D 199 -49.27 9.89 -48.31
C PRO D 199 -50.72 10.37 -48.14
N GLY E 4 -37.85 -26.44 -12.61
CA GLY E 4 -37.22 -26.13 -11.33
C GLY E 4 -38.16 -25.83 -10.16
N VAL E 5 -38.74 -24.64 -10.16
CA VAL E 5 -39.70 -24.23 -9.15
C VAL E 5 -41.03 -23.94 -9.85
N THR E 6 -42.08 -24.63 -9.40
CA THR E 6 -43.38 -24.59 -10.06
C THR E 6 -44.43 -24.01 -9.11
N GLN E 7 -45.18 -23.03 -9.60
CA GLN E 7 -46.27 -22.43 -8.84
C GLN E 7 -47.51 -22.27 -9.72
N THR E 8 -48.68 -22.25 -9.08
CA THR E 8 -49.95 -22.16 -9.79
C THR E 8 -50.92 -21.33 -8.97
N PRO E 9 -51.84 -20.60 -9.62
CA PRO E 9 -52.01 -20.50 -11.08
C PRO E 9 -51.27 -19.31 -11.70
N LYS E 10 -51.07 -19.31 -13.01
CA LYS E 10 -50.45 -18.16 -13.66
C LYS E 10 -51.31 -16.91 -13.52
N PHE E 11 -52.63 -17.06 -13.56
CA PHE E 11 -53.58 -15.94 -13.47
C PHE E 11 -54.75 -16.35 -12.57
N GLN E 12 -55.44 -15.33 -12.03
CA GLN E 12 -56.61 -15.56 -11.19
C GLN E 12 -57.38 -14.27 -10.92
N VAL E 13 -58.71 -14.30 -11.03
CA VAL E 13 -59.58 -13.18 -10.67
C VAL E 13 -60.31 -13.56 -9.39
N LEU E 14 -60.47 -12.59 -8.49
CA LEU E 14 -61.10 -12.85 -7.21
C LEU E 14 -62.06 -11.72 -6.85
N LYS E 15 -63.25 -12.08 -6.39
CA LYS E 15 -64.16 -11.10 -5.82
C LYS E 15 -63.79 -10.86 -4.36
N THR E 16 -63.88 -9.60 -3.92
CA THR E 16 -63.50 -9.24 -2.55
C THR E 16 -64.16 -10.16 -1.53
N GLY E 17 -63.36 -10.65 -0.59
CA GLY E 17 -63.82 -11.56 0.43
C GLY E 17 -63.56 -13.03 0.14
N GLN E 18 -63.30 -13.39 -1.13
CA GLN E 18 -63.08 -14.78 -1.50
C GLN E 18 -61.82 -15.33 -0.84
N SER E 19 -61.61 -16.63 -1.02
CA SER E 19 -60.44 -17.33 -0.54
C SER E 19 -59.59 -17.77 -1.74
N MET E 20 -58.27 -17.78 -1.54
CA MET E 20 -57.35 -18.21 -2.58
C MET E 20 -56.20 -18.98 -1.93
N THR E 21 -55.76 -20.05 -2.57
CA THR E 21 -54.53 -20.70 -2.16
C THR E 21 -53.59 -20.81 -3.35
N LEU E 22 -52.38 -20.30 -3.18
CA LEU E 22 -51.35 -20.38 -4.19
C LEU E 22 -50.39 -21.54 -3.85
N GLN E 23 -50.13 -22.38 -4.85
CA GLN E 23 -49.30 -23.57 -4.68
C GLN E 23 -47.91 -23.34 -5.24
N CYS E 24 -46.91 -23.83 -4.52
CA CYS E 24 -45.52 -23.76 -4.97
C CYS E 24 -44.80 -25.05 -4.62
N ALA E 25 -44.11 -25.62 -5.60
CA ALA E 25 -43.38 -26.87 -5.42
C ALA E 25 -42.02 -26.80 -6.11
N GLN E 26 -41.00 -27.38 -5.48
CA GLN E 26 -39.65 -27.43 -6.03
C GLN E 26 -39.05 -28.82 -5.85
N ASP E 27 -38.51 -29.39 -6.94
CA ASP E 27 -37.78 -30.66 -6.87
C ASP E 27 -36.25 -30.46 -6.77
N MET E 28 -35.79 -29.43 -6.07
CA MET E 28 -34.36 -29.15 -5.98
C MET E 28 -33.72 -29.65 -4.68
N ASN E 29 -34.49 -30.24 -3.79
CA ASN E 29 -34.02 -30.58 -2.44
C ASN E 29 -33.55 -29.32 -1.70
N HIS E 30 -34.25 -28.23 -1.95
CA HIS E 30 -33.97 -26.97 -1.27
C HIS E 30 -34.69 -26.93 0.07
N ASN E 31 -34.10 -26.22 1.01
CA ASN E 31 -34.66 -26.16 2.35
C ASN E 31 -35.44 -24.90 2.61
N SER E 32 -34.98 -23.76 2.09
CA SER E 32 -35.65 -22.49 2.33
C SER E 32 -36.59 -22.18 1.18
N MET E 33 -37.77 -21.63 1.51
CA MET E 33 -38.70 -21.19 0.49
C MET E 33 -39.32 -19.89 0.93
N TYR E 34 -39.74 -19.08 -0.06
CA TYR E 34 -40.11 -17.70 0.16
C TYR E 34 -41.37 -17.36 -0.63
N TRP E 35 -42.22 -16.50 -0.07
CA TRP E 35 -43.33 -15.90 -0.80
C TRP E 35 -43.14 -14.39 -0.86
N TYR E 36 -43.03 -13.87 -2.09
CA TYR E 36 -42.80 -12.47 -2.40
C TYR E 36 -43.95 -11.92 -3.21
N ARG E 37 -44.17 -10.61 -3.11
CA ARG E 37 -45.06 -9.96 -4.05
C ARG E 37 -44.35 -8.76 -4.65
N GLN E 38 -44.65 -8.47 -5.91
CA GLN E 38 -43.96 -7.44 -6.68
C GLN E 38 -44.95 -6.39 -7.14
N ASP E 39 -44.83 -5.19 -6.62
CA ASP E 39 -45.68 -4.09 -7.00
C ASP E 39 -44.86 -3.01 -7.66
N PRO E 40 -45.43 -2.30 -8.63
CA PRO E 40 -44.65 -1.29 -9.36
C PRO E 40 -44.05 -0.22 -8.45
N GLY E 41 -42.83 0.19 -8.79
CA GLY E 41 -42.17 1.25 -8.07
C GLY E 41 -41.46 0.85 -6.78
N MET E 42 -41.45 -0.42 -6.43
CA MET E 42 -40.78 -0.84 -5.22
C MET E 42 -40.25 -2.24 -5.41
N GLY E 43 -39.29 -2.60 -4.57
CA GLY E 43 -38.66 -3.89 -4.68
C GLY E 43 -39.51 -4.98 -4.07
N LEU E 44 -39.20 -6.22 -4.44
CA LEU E 44 -39.82 -7.39 -3.86
C LEU E 44 -39.98 -7.24 -2.36
N ARG E 45 -41.19 -7.48 -1.86
CA ARG E 45 -41.44 -7.52 -0.43
C ARG E 45 -41.81 -8.94 -0.03
N LEU E 46 -41.12 -9.44 0.98
CA LEU E 46 -41.34 -10.79 1.49
C LEU E 46 -42.60 -10.81 2.33
N ILE E 47 -43.47 -11.79 2.07
CA ILE E 47 -44.69 -12.00 2.85
C ILE E 47 -44.44 -12.96 4.01
N TYR E 48 -44.12 -14.22 3.69
CA TYR E 48 -43.70 -15.25 4.63
C TYR E 48 -42.53 -16.03 4.02
N TYR E 49 -41.70 -16.62 4.89
CA TYR E 49 -40.64 -17.53 4.46
C TYR E 49 -40.63 -18.78 5.34
N SER E 50 -39.98 -19.83 4.84
CA SER E 50 -39.78 -21.05 5.61
C SER E 50 -38.30 -21.43 5.55
N ALA E 51 -37.58 -21.23 6.65
CA ALA E 51 -36.12 -21.40 6.61
C ALA E 51 -35.74 -22.84 6.30
N SER E 52 -36.60 -23.79 6.64
CA SER E 52 -36.43 -25.20 6.34
C SER E 52 -37.72 -25.86 6.75
N GLU E 53 -37.89 -27.10 6.29
CA GLU E 53 -39.09 -27.88 6.62
C GLU E 53 -39.33 -27.89 8.12
N GLY E 54 -40.57 -27.61 8.52
CA GLY E 54 -40.92 -27.64 9.92
C GLY E 54 -40.93 -26.30 10.63
N THR E 55 -40.69 -25.20 9.93
CA THR E 55 -40.79 -23.87 10.53
C THR E 55 -41.19 -22.88 9.44
N THR E 56 -41.95 -21.87 9.83
CA THR E 56 -42.20 -20.73 8.98
C THR E 56 -42.20 -19.49 9.86
N ASP E 57 -41.94 -18.33 9.26
CA ASP E 57 -42.08 -17.08 9.98
C ASP E 57 -42.47 -15.96 9.03
N LYS E 58 -43.00 -14.90 9.62
CA LYS E 58 -43.55 -13.80 8.84
C LYS E 58 -42.43 -12.94 8.27
N GLY E 59 -42.78 -12.18 7.24
CA GLY E 59 -41.86 -11.23 6.63
C GLY E 59 -42.34 -9.79 6.72
N GLU E 60 -42.10 -9.03 5.67
CA GLU E 60 -42.34 -7.58 5.71
C GLU E 60 -43.82 -7.25 5.76
N VAL E 61 -44.62 -7.95 4.98
CA VAL E 61 -46.03 -7.61 4.82
C VAL E 61 -46.85 -8.89 5.01
N PRO E 62 -47.08 -9.34 6.23
CA PRO E 62 -47.78 -10.62 6.41
C PRO E 62 -49.29 -10.49 6.56
N ASN E 63 -49.79 -9.27 6.83
CA ASN E 63 -51.21 -9.08 7.15
C ASN E 63 -52.09 -9.41 5.95
N GLY E 64 -53.04 -10.32 6.14
CA GLY E 64 -53.90 -10.76 5.08
C GLY E 64 -53.56 -12.13 4.51
N TYR E 65 -52.46 -12.73 4.94
CA TYR E 65 -52.05 -14.03 4.42
C TYR E 65 -51.63 -14.93 5.58
N ASN E 66 -51.52 -16.22 5.27
CA ASN E 66 -50.76 -17.16 6.08
C ASN E 66 -50.20 -18.21 5.14
N VAL E 67 -49.25 -19.00 5.64
CA VAL E 67 -48.52 -19.95 4.82
C VAL E 67 -48.46 -21.27 5.55
N SER E 68 -48.27 -22.34 4.78
CA SER E 68 -48.12 -23.67 5.34
C SER E 68 -47.00 -24.40 4.63
N ARG E 69 -45.94 -24.72 5.37
CA ARG E 69 -44.87 -25.56 4.85
C ARG E 69 -45.30 -27.01 5.02
N LEU E 70 -45.84 -27.60 3.96
CA LEU E 70 -46.45 -28.93 4.08
C LEU E 70 -45.40 -30.02 4.14
N ASN E 71 -44.32 -29.85 3.40
CA ASN E 71 -43.24 -30.83 3.36
C ASN E 71 -42.05 -30.08 2.78
N LYS E 72 -40.93 -30.79 2.64
CA LYS E 72 -39.70 -30.14 2.20
C LYS E 72 -39.88 -29.48 0.83
N ARG E 73 -40.80 -29.98 0.01
CA ARG E 73 -40.93 -29.50 -1.36
C ARG E 73 -42.01 -28.45 -1.60
N GLU E 74 -42.98 -28.29 -0.70
CA GLU E 74 -44.16 -27.51 -1.02
C GLU E 74 -44.47 -26.46 0.04
N PHE E 75 -44.87 -25.29 -0.42
CA PHE E 75 -45.05 -24.12 0.44
C PHE E 75 -46.23 -23.32 -0.09
N SER E 76 -47.33 -23.31 0.65
CA SER E 76 -48.59 -22.74 0.21
C SER E 76 -48.78 -21.34 0.77
N LEU E 77 -49.42 -20.49 -0.04
CA LEU E 77 -49.83 -19.15 0.37
C LEU E 77 -51.35 -19.08 0.30
N ARG E 78 -51.98 -18.80 1.44
CA ARG E 78 -53.43 -18.71 1.53
C ARG E 78 -53.84 -17.27 1.76
N LEU E 79 -54.77 -16.77 0.94
CA LEU E 79 -55.40 -15.48 1.16
C LEU E 79 -56.69 -15.70 1.93
N GLU E 80 -56.76 -15.12 3.14
CA GLU E 80 -57.85 -15.43 4.05
C GLU E 80 -59.15 -14.79 3.60
N SER E 81 -59.10 -13.51 3.25
CA SER E 81 -60.30 -12.76 2.85
C SER E 81 -59.81 -11.64 1.91
N ALA E 82 -59.88 -11.90 0.62
CA ALA E 82 -59.17 -11.08 -0.36
C ALA E 82 -59.64 -9.63 -0.35
N ALA E 83 -58.69 -8.71 -0.41
CA ALA E 83 -58.94 -7.29 -0.55
C ALA E 83 -58.33 -6.79 -1.85
N PRO E 84 -58.82 -5.68 -2.39
CA PRO E 84 -58.23 -5.15 -3.61
C PRO E 84 -56.76 -4.81 -3.46
N SER E 85 -56.31 -4.36 -2.29
CA SER E 85 -54.90 -4.04 -2.14
C SER E 85 -54.00 -5.27 -2.26
N GLN E 86 -54.57 -6.47 -2.20
CA GLN E 86 -53.82 -7.70 -2.45
C GLN E 86 -53.68 -8.01 -3.94
N THR E 87 -54.10 -7.12 -4.84
CA THR E 87 -53.83 -7.31 -6.26
C THR E 87 -52.34 -7.08 -6.49
N SER E 88 -51.65 -8.08 -7.05
CA SER E 88 -50.20 -8.03 -7.17
C SER E 88 -49.74 -9.21 -8.00
N VAL E 89 -48.44 -9.24 -8.30
CA VAL E 89 -47.79 -10.39 -8.91
C VAL E 89 -47.01 -11.13 -7.83
N TYR E 90 -47.25 -12.41 -7.70
CA TYR E 90 -46.78 -13.18 -6.55
C TYR E 90 -45.68 -14.13 -7.00
N PHE E 91 -44.57 -14.14 -6.26
CA PHE E 91 -43.41 -14.94 -6.62
C PHE E 91 -43.05 -15.85 -5.47
N CYS E 92 -43.04 -17.15 -5.74
CA CYS E 92 -42.45 -18.14 -4.87
C CYS E 92 -41.02 -18.40 -5.31
N ALA E 93 -40.13 -18.53 -4.33
CA ALA E 93 -38.72 -18.79 -4.58
C ALA E 93 -38.18 -19.74 -3.53
N SER E 94 -37.09 -20.44 -3.87
CA SER E 94 -36.38 -21.29 -2.93
C SER E 94 -34.88 -21.13 -3.09
N SER E 95 -34.16 -21.40 -1.98
CA SER E 95 -32.70 -21.45 -1.92
C SER E 95 -32.29 -22.74 -1.21
N VAL E 96 -30.98 -23.04 -1.21
CA VAL E 96 -30.54 -24.29 -0.58
C VAL E 96 -30.62 -24.19 0.95
N TRP E 97 -30.07 -23.12 1.54
CA TRP E 97 -30.28 -22.79 2.94
C TRP E 97 -30.27 -21.28 3.10
N THR E 98 -31.06 -20.79 4.05
CA THR E 98 -31.09 -19.37 4.37
C THR E 98 -29.74 -18.86 4.87
N GLY E 99 -29.09 -19.64 5.74
CA GLY E 99 -27.94 -19.13 6.48
C GLY E 99 -26.72 -18.87 5.62
N GLU E 100 -26.46 -19.73 4.63
CA GLU E 100 -25.29 -19.58 3.78
C GLU E 100 -25.42 -18.30 2.95
N GLY E 101 -24.45 -17.39 3.12
CA GLY E 101 -24.61 -16.07 2.54
C GLY E 101 -24.50 -16.02 1.04
N SER E 102 -23.93 -17.04 0.41
CA SER E 102 -23.67 -16.93 -1.01
C SER E 102 -24.84 -17.37 -1.87
N GLY E 103 -25.71 -18.24 -1.36
CA GLY E 103 -26.65 -18.92 -2.24
C GLY E 103 -27.75 -17.98 -2.72
N GLU E 104 -28.15 -18.19 -3.98
CA GLU E 104 -29.13 -17.33 -4.62
C GLU E 104 -30.54 -17.91 -4.56
N LEU E 105 -31.48 -17.10 -5.03
CA LEU E 105 -32.87 -17.47 -5.12
C LEU E 105 -33.17 -18.03 -6.50
N PHE E 106 -34.00 -19.07 -6.53
CA PHE E 106 -34.62 -19.56 -7.75
C PHE E 106 -36.11 -19.23 -7.68
N PHE E 107 -36.63 -18.58 -8.71
CA PHE E 107 -37.98 -18.04 -8.68
C PHE E 107 -38.91 -18.88 -9.54
N GLY E 108 -40.18 -18.97 -9.10
CA GLY E 108 -41.20 -19.57 -9.95
C GLY E 108 -41.75 -18.59 -10.98
N GLU E 109 -42.57 -19.10 -11.89
CA GLU E 109 -42.99 -18.29 -13.03
C GLU E 109 -43.84 -17.09 -12.62
N GLY E 110 -44.45 -17.09 -11.43
CA GLY E 110 -45.25 -15.97 -11.00
C GLY E 110 -46.74 -16.21 -11.11
N SER E 111 -47.51 -15.53 -10.25
CA SER E 111 -48.97 -15.62 -10.21
C SER E 111 -49.61 -14.24 -10.32
N ARG E 112 -50.12 -13.88 -11.49
CA ARG E 112 -50.77 -12.58 -11.67
C ARG E 112 -52.20 -12.67 -11.16
N LEU E 113 -52.51 -11.93 -10.11
CA LEU E 113 -53.72 -12.11 -9.33
C LEU E 113 -54.40 -10.77 -9.11
N THR E 114 -55.64 -10.66 -9.58
CA THR E 114 -56.38 -9.40 -9.62
C THR E 114 -57.69 -9.53 -8.83
N VAL E 115 -57.91 -8.60 -7.90
CA VAL E 115 -59.00 -8.68 -6.93
C VAL E 115 -59.93 -7.49 -7.16
N LEU E 116 -61.23 -7.79 -7.29
CA LEU E 116 -62.27 -6.83 -7.65
C LEU E 116 -63.42 -6.91 -6.66
N GLU E 117 -64.20 -5.81 -6.58
CA GLU E 117 -65.40 -5.85 -5.75
C GLU E 117 -66.60 -6.49 -6.48
N ASP E 118 -66.76 -6.20 -7.77
CA ASP E 118 -67.85 -6.74 -8.58
C ASP E 118 -67.26 -7.38 -9.83
N LEU E 119 -67.55 -8.65 -10.06
CA LEU E 119 -67.03 -9.27 -11.27
C LEU E 119 -67.67 -8.73 -12.54
N LYS E 120 -68.51 -7.71 -12.47
CA LYS E 120 -69.29 -7.29 -13.63
C LYS E 120 -68.49 -6.47 -14.62
N ASN E 121 -67.32 -5.95 -14.23
CA ASN E 121 -66.51 -5.17 -15.16
CA ASN E 121 -66.46 -5.16 -15.09
C ASN E 121 -65.48 -6.03 -15.89
N VAL E 122 -65.52 -7.34 -15.72
CA VAL E 122 -64.59 -8.24 -16.41
C VAL E 122 -65.05 -8.44 -17.84
N PHE E 123 -64.23 -8.02 -18.80
CA PHE E 123 -64.58 -8.07 -20.23
C PHE E 123 -63.45 -8.71 -21.01
N PRO E 124 -63.75 -9.64 -21.93
CA PRO E 124 -62.71 -10.15 -22.83
C PRO E 124 -62.32 -9.09 -23.84
N PRO E 125 -61.30 -9.31 -24.65
CA PRO E 125 -60.94 -8.31 -25.66
C PRO E 125 -61.69 -8.52 -26.97
N GLU E 126 -61.82 -7.43 -27.71
CA GLU E 126 -62.16 -7.48 -29.12
C GLU E 126 -60.89 -7.36 -29.94
N VAL E 127 -60.62 -8.35 -30.80
CA VAL E 127 -59.40 -8.40 -31.59
C VAL E 127 -59.73 -8.05 -33.02
N ALA E 128 -58.91 -7.18 -33.63
CA ALA E 128 -59.04 -6.82 -35.05
C ALA E 128 -57.67 -6.66 -35.70
N VAL E 129 -57.53 -7.17 -36.92
CA VAL E 129 -56.29 -7.08 -37.70
C VAL E 129 -56.44 -5.95 -38.72
N PHE E 130 -55.32 -5.30 -39.05
CA PHE E 130 -55.35 -4.20 -40.00
C PHE E 130 -54.34 -4.49 -41.10
N GLU E 131 -54.82 -4.53 -42.37
CA GLU E 131 -54.03 -4.94 -43.52
C GLU E 131 -53.05 -3.84 -43.92
N PRO E 132 -51.89 -4.23 -44.45
CA PRO E 132 -50.83 -3.25 -44.74
C PRO E 132 -51.28 -2.16 -45.70
N SER E 133 -50.69 -0.97 -45.52
CA SER E 133 -50.96 0.15 -46.40
C SER E 133 -50.29 -0.05 -47.76
N GLU E 134 -51.03 0.27 -48.83
CA GLU E 134 -50.45 0.16 -50.16
C GLU E 134 -49.31 1.17 -50.35
N ALA E 135 -49.37 2.31 -49.64
CA ALA E 135 -48.27 3.27 -49.69
C ALA E 135 -46.99 2.72 -49.10
N GLU E 136 -47.10 2.02 -47.95
CA GLU E 136 -45.91 1.45 -47.31
C GLU E 136 -45.29 0.35 -48.17
N ILE E 137 -46.11 -0.47 -48.82
CA ILE E 137 -45.60 -1.55 -49.64
C ILE E 137 -44.76 -1.00 -50.78
N SER E 138 -45.18 0.12 -51.36
CA SER E 138 -44.43 0.74 -52.46
C SER E 138 -43.23 1.55 -51.97
N HIS E 139 -43.32 2.15 -50.78
CA HIS E 139 -42.28 3.05 -50.32
C HIS E 139 -41.12 2.31 -49.66
N THR E 140 -41.33 1.08 -49.17
CA THR E 140 -40.31 0.35 -48.43
C THR E 140 -40.12 -1.09 -48.87
N GLN E 141 -41.01 -1.63 -49.70
CA GLN E 141 -41.07 -3.05 -50.06
C GLN E 141 -41.24 -3.97 -48.85
N LYS E 142 -41.62 -3.42 -47.70
CA LYS E 142 -42.00 -4.17 -46.52
C LYS E 142 -43.46 -3.86 -46.21
N ALA E 143 -44.15 -4.80 -45.55
CA ALA E 143 -45.58 -4.68 -45.26
C ALA E 143 -45.82 -4.88 -43.78
N THR E 144 -46.44 -3.89 -43.14
CA THR E 144 -46.73 -3.91 -41.70
C THR E 144 -48.22 -4.12 -41.49
N LEU E 145 -48.60 -5.19 -40.79
CA LEU E 145 -49.96 -5.35 -40.32
C LEU E 145 -49.99 -5.34 -38.80
N VAL E 146 -51.05 -4.75 -38.25
CA VAL E 146 -51.13 -4.36 -36.86
C VAL E 146 -52.35 -5.03 -36.23
N CYS E 147 -52.19 -5.51 -35.01
CA CYS E 147 -53.26 -6.19 -34.30
C CYS E 147 -53.70 -5.38 -33.09
N LEU E 148 -55.00 -5.24 -32.89
CA LEU E 148 -55.56 -4.47 -31.79
C LEU E 148 -56.49 -5.32 -30.93
N ALA E 149 -56.22 -5.33 -29.62
CA ALA E 149 -57.10 -5.96 -28.64
C ALA E 149 -57.53 -4.86 -27.69
N THR E 150 -58.84 -4.63 -27.60
CA THR E 150 -59.34 -3.45 -26.92
C THR E 150 -60.45 -3.78 -25.92
N GLY E 151 -60.62 -2.86 -24.99
CA GLY E 151 -61.74 -2.89 -24.05
C GLY E 151 -61.83 -4.13 -23.19
N PHE E 152 -60.69 -4.65 -22.74
CA PHE E 152 -60.71 -5.81 -21.86
C PHE E 152 -60.31 -5.41 -20.45
N TYR E 153 -60.60 -6.31 -19.51
CA TYR E 153 -60.38 -6.14 -18.08
C TYR E 153 -60.54 -7.48 -17.36
N PRO E 154 -59.62 -7.85 -16.47
CA PRO E 154 -58.39 -7.14 -16.11
C PRO E 154 -57.28 -7.33 -17.14
N ASP E 155 -56.07 -6.83 -16.85
CA ASP E 155 -54.91 -6.94 -17.75
C ASP E 155 -54.32 -8.35 -17.64
N HIS E 156 -54.89 -9.27 -18.42
CA HIS E 156 -54.65 -10.70 -18.30
C HIS E 156 -54.51 -11.29 -19.72
N VAL E 157 -53.62 -10.73 -20.53
CA VAL E 157 -53.54 -11.11 -21.94
C VAL E 157 -52.16 -11.66 -22.30
N GLU E 158 -52.14 -12.39 -23.42
CA GLU E 158 -50.92 -12.80 -24.10
C GLU E 158 -51.20 -12.79 -25.59
N LEU E 159 -50.46 -11.99 -26.35
CA LEU E 159 -50.68 -11.84 -27.78
C LEU E 159 -49.62 -12.60 -28.57
N SER E 160 -50.05 -13.31 -29.61
CA SER E 160 -49.15 -14.04 -30.47
C SER E 160 -49.61 -13.92 -31.91
N TRP E 161 -48.67 -14.01 -32.84
CA TRP E 161 -48.99 -13.99 -34.26
C TRP E 161 -48.78 -15.38 -34.86
N TRP E 162 -49.72 -15.80 -35.69
CA TRP E 162 -49.70 -17.12 -36.30
C TRP E 162 -49.83 -16.97 -37.81
N VAL E 163 -48.82 -17.43 -38.55
CA VAL E 163 -48.84 -17.36 -40.01
C VAL E 163 -48.88 -18.77 -40.57
N ASN E 164 -49.84 -18.99 -41.49
CA ASN E 164 -50.00 -20.27 -42.19
C ASN E 164 -50.08 -21.44 -41.22
N GLY E 165 -50.68 -21.22 -40.05
CA GLY E 165 -50.91 -22.25 -39.08
C GLY E 165 -49.83 -22.42 -38.03
N LYS E 166 -48.61 -21.91 -38.28
CA LYS E 166 -47.53 -22.01 -37.31
C LYS E 166 -47.24 -20.63 -36.74
N GLU E 167 -47.03 -20.57 -35.42
CA GLU E 167 -46.76 -19.30 -34.76
C GLU E 167 -45.44 -18.70 -35.23
N VAL E 168 -45.33 -17.36 -35.18
CA VAL E 168 -44.16 -16.61 -35.64
C VAL E 168 -43.61 -15.72 -34.53
N HIS E 169 -42.31 -15.43 -34.62
CA HIS E 169 -41.65 -14.50 -33.71
C HIS E 169 -40.84 -13.42 -34.39
N SER E 170 -40.20 -13.75 -35.51
CA SER E 170 -39.50 -12.76 -36.31
C SER E 170 -40.48 -11.72 -36.84
N GLY E 171 -40.04 -10.47 -36.86
CA GLY E 171 -40.85 -9.41 -37.43
C GLY E 171 -41.97 -8.92 -36.55
N VAL E 172 -41.90 -9.15 -35.24
CA VAL E 172 -43.01 -8.91 -34.33
C VAL E 172 -42.59 -8.00 -33.19
N CYS E 173 -43.41 -6.98 -32.93
CA CYS E 173 -43.30 -6.20 -31.71
C CYS E 173 -44.68 -6.09 -31.09
N THR E 174 -44.78 -6.45 -29.81
CA THR E 174 -45.98 -6.22 -29.01
C THR E 174 -45.61 -5.29 -27.85
N ASP E 175 -46.50 -4.33 -27.55
CA ASP E 175 -46.25 -3.43 -26.45
C ASP E 175 -46.14 -4.21 -25.15
N PRO E 176 -45.23 -3.82 -24.24
CA PRO E 176 -45.07 -4.56 -22.98
C PRO E 176 -46.22 -4.32 -22.01
N GLN E 177 -46.61 -3.06 -21.88
CA GLN E 177 -47.69 -2.65 -21.01
C GLN E 177 -48.84 -2.13 -21.86
N PRO E 178 -50.06 -2.59 -21.64
CA PRO E 178 -51.21 -2.01 -22.35
C PRO E 178 -51.56 -0.63 -21.82
N LEU E 179 -52.39 0.09 -22.56
CA LEU E 179 -52.79 1.43 -22.13
C LEU E 179 -54.23 1.42 -21.61
N LYS E 180 -54.56 2.48 -20.87
CA LYS E 180 -55.85 2.60 -20.22
C LYS E 180 -56.80 3.39 -21.12
N GLU E 181 -57.97 2.80 -21.39
CA GLU E 181 -58.92 3.43 -22.30
C GLU E 181 -59.68 4.57 -21.63
N GLN E 182 -59.94 4.48 -20.33
CA GLN E 182 -60.51 5.58 -19.54
C GLN E 182 -59.50 5.88 -18.44
N PRO E 183 -58.41 6.59 -18.76
CA PRO E 183 -57.29 6.70 -17.79
C PRO E 183 -57.67 7.36 -16.48
N ALA E 184 -58.77 8.12 -16.44
CA ALA E 184 -59.18 8.82 -15.22
C ALA E 184 -59.75 7.88 -14.16
N LEU E 185 -60.32 6.74 -14.57
CA LEU E 185 -61.03 5.86 -13.66
C LEU E 185 -60.09 4.83 -13.03
N ASN E 186 -60.44 4.38 -11.81
CA ASN E 186 -59.67 3.31 -11.19
C ASN E 186 -59.74 2.05 -12.06
N ASP E 187 -60.95 1.61 -12.41
CA ASP E 187 -61.19 0.33 -13.06
C ASP E 187 -61.23 0.42 -14.59
N SER E 188 -60.46 1.33 -15.19
CA SER E 188 -60.42 1.49 -16.64
C SER E 188 -60.15 0.16 -17.34
N ARG E 189 -60.65 0.03 -18.58
CA ARG E 189 -60.33 -1.11 -19.42
C ARG E 189 -59.05 -0.84 -20.23
N TYR E 190 -58.56 -1.90 -20.89
CA TYR E 190 -57.22 -1.91 -21.47
C TYR E 190 -57.25 -2.11 -22.97
N ALA E 191 -56.21 -1.60 -23.63
CA ALA E 191 -56.00 -1.80 -25.05
C ALA E 191 -54.54 -2.16 -25.31
N LEU E 192 -54.33 -3.23 -26.09
CA LEU E 192 -53.00 -3.71 -26.46
C LEU E 192 -52.87 -3.76 -27.97
N SER E 193 -51.65 -3.55 -28.47
CA SER E 193 -51.41 -3.56 -29.91
C SER E 193 -50.10 -4.28 -30.22
N SER E 194 -49.91 -4.61 -31.48
CA SER E 194 -48.77 -5.44 -31.88
C SER E 194 -48.56 -5.31 -33.38
N ARG E 195 -47.33 -5.57 -33.82
CA ARG E 195 -46.96 -5.45 -35.22
C ARG E 195 -46.36 -6.76 -35.73
N LEU E 196 -46.72 -7.12 -36.95
CA LEU E 196 -46.01 -8.14 -37.71
C LEU E 196 -45.66 -7.52 -39.05
N ARG E 197 -44.36 -7.41 -39.33
CA ARG E 197 -43.88 -6.85 -40.59
C ARG E 197 -43.17 -7.94 -41.38
N VAL E 198 -43.55 -8.08 -42.65
CA VAL E 198 -42.99 -9.11 -43.50
C VAL E 198 -42.69 -8.50 -44.87
N SER E 199 -42.05 -9.29 -45.72
CA SER E 199 -41.76 -8.89 -47.09
C SER E 199 -43.03 -8.55 -47.84
N ALA E 200 -42.92 -7.66 -48.82
CA ALA E 200 -44.08 -7.33 -49.64
C ALA E 200 -44.52 -8.54 -50.48
N THR E 201 -43.56 -9.29 -51.03
CA THR E 201 -43.93 -10.46 -51.81
C THR E 201 -44.67 -11.50 -50.97
N PHE E 202 -44.30 -11.65 -49.69
CA PHE E 202 -45.00 -12.58 -48.81
C PHE E 202 -46.45 -12.16 -48.62
N TRP E 203 -46.69 -10.86 -48.41
CA TRP E 203 -48.05 -10.36 -48.24
C TRP E 203 -48.87 -10.51 -49.51
N GLN E 204 -48.25 -10.33 -50.68
CA GLN E 204 -49.01 -10.37 -51.93
C GLN E 204 -49.32 -11.79 -52.40
N ASN E 205 -48.75 -12.83 -51.79
CA ASN E 205 -49.10 -14.23 -52.04
C ASN E 205 -50.36 -14.59 -51.25
N PRO E 206 -51.51 -14.78 -51.92
CA PRO E 206 -52.75 -15.06 -51.19
C PRO E 206 -52.82 -16.46 -50.60
N ARG E 207 -51.86 -17.33 -50.88
CA ARG E 207 -51.76 -18.61 -50.19
C ARG E 207 -51.20 -18.45 -48.77
N ASN E 208 -51.14 -17.20 -48.31
CA ASN E 208 -50.61 -16.86 -47.00
C ASN E 208 -51.70 -16.27 -46.12
N HIS E 209 -51.95 -16.94 -44.99
CA HIS E 209 -53.00 -16.58 -44.04
C HIS E 209 -52.32 -16.09 -42.77
N PHE E 210 -52.76 -14.93 -42.28
CA PHE E 210 -52.20 -14.30 -41.09
C PHE E 210 -53.26 -14.22 -40.01
N ARG E 211 -52.92 -14.68 -38.80
CA ARG E 211 -53.85 -14.68 -37.68
C ARG E 211 -53.17 -14.10 -36.45
N CYS E 212 -53.81 -13.12 -35.84
CA CYS E 212 -53.41 -12.56 -34.55
C CYS E 212 -54.27 -13.19 -33.46
N GLN E 213 -53.64 -13.68 -32.41
CA GLN E 213 -54.32 -14.47 -31.38
C GLN E 213 -54.08 -13.85 -30.02
N VAL E 214 -55.16 -13.63 -29.27
CA VAL E 214 -55.08 -13.11 -27.91
C VAL E 214 -55.66 -14.16 -26.96
N GLN E 215 -54.83 -14.61 -26.01
CA GLN E 215 -55.29 -15.42 -24.90
C GLN E 215 -55.72 -14.48 -23.77
N PHE E 216 -56.95 -14.63 -23.31
CA PHE E 216 -57.51 -13.82 -22.21
C PHE E 216 -57.76 -14.72 -21.03
N TYR E 217 -57.40 -14.24 -19.84
CA TYR E 217 -57.55 -15.02 -18.61
C TYR E 217 -58.63 -14.34 -17.76
N GLY E 218 -59.81 -14.96 -17.72
CA GLY E 218 -60.96 -14.36 -17.05
C GLY E 218 -61.55 -15.17 -15.91
N LEU E 219 -62.86 -15.41 -15.97
CA LEU E 219 -63.57 -16.09 -14.90
C LEU E 219 -63.48 -17.60 -15.11
N SER E 220 -63.55 -18.33 -13.99
CA SER E 220 -63.52 -19.79 -14.02
C SER E 220 -64.95 -20.34 -14.13
N GLU E 221 -65.05 -21.67 -14.18
CA GLU E 221 -66.37 -22.29 -14.17
C GLU E 221 -67.01 -22.26 -12.78
N ASN E 222 -66.21 -22.05 -11.72
CA ASN E 222 -66.72 -21.98 -10.35
C ASN E 222 -67.42 -20.65 -10.05
N ASP E 223 -67.00 -19.55 -10.67
CA ASP E 223 -67.68 -18.27 -10.49
C ASP E 223 -69.09 -18.35 -11.08
N GLU E 224 -70.04 -17.70 -10.41
CA GLU E 224 -71.44 -17.72 -10.86
C GLU E 224 -71.77 -16.41 -11.56
N TRP E 225 -72.50 -16.53 -12.67
CA TRP E 225 -72.70 -15.42 -13.59
C TRP E 225 -74.19 -15.27 -13.89
N THR E 226 -74.70 -14.05 -13.74
CA THR E 226 -76.14 -13.76 -13.82
C THR E 226 -76.50 -12.74 -14.89
N GLN E 227 -75.56 -12.32 -15.73
CA GLN E 227 -75.81 -11.19 -16.64
C GLN E 227 -76.39 -11.66 -17.96
N ASP E 228 -76.99 -10.72 -18.68
CA ASP E 228 -77.48 -11.03 -20.02
C ASP E 228 -76.32 -11.36 -20.96
N ARG E 229 -75.25 -10.56 -20.93
CA ARG E 229 -74.10 -10.85 -21.77
C ARG E 229 -73.39 -12.10 -21.30
N ALA E 230 -72.63 -12.71 -22.22
CA ALA E 230 -72.03 -14.01 -21.95
C ALA E 230 -70.99 -13.93 -20.84
N LYS E 231 -70.84 -15.03 -20.13
CA LYS E 231 -69.88 -15.12 -19.05
C LYS E 231 -68.46 -14.89 -19.59
N PRO E 232 -67.73 -13.91 -19.06
CA PRO E 232 -66.38 -13.57 -19.60
C PRO E 232 -65.31 -14.55 -19.13
N VAL E 233 -65.39 -15.78 -19.61
CA VAL E 233 -64.47 -16.81 -19.16
C VAL E 233 -63.15 -16.70 -19.93
N THR E 234 -62.12 -17.35 -19.39
CA THR E 234 -60.88 -17.60 -20.10
C THR E 234 -61.17 -18.10 -21.52
N GLN E 235 -60.43 -17.57 -22.48
CA GLN E 235 -60.80 -17.79 -23.88
C GLN E 235 -59.74 -17.21 -24.82
N ILE E 236 -59.76 -17.68 -26.07
CA ILE E 236 -58.93 -17.14 -27.14
C ILE E 236 -59.81 -16.25 -28.00
N VAL E 237 -59.29 -15.08 -28.39
CA VAL E 237 -59.95 -14.21 -29.35
C VAL E 237 -58.97 -13.87 -30.47
N SER E 238 -59.40 -14.08 -31.71
CA SER E 238 -58.52 -13.98 -32.87
C SER E 238 -59.15 -13.13 -33.96
N ALA E 239 -58.30 -12.66 -34.86
CA ALA E 239 -58.70 -11.98 -36.08
C ALA E 239 -57.66 -12.31 -37.14
N GLU E 240 -58.05 -12.26 -38.40
CA GLU E 240 -57.19 -12.83 -39.43
C GLU E 240 -57.26 -12.03 -40.73
N ALA E 241 -56.26 -12.28 -41.57
CA ALA E 241 -56.15 -11.63 -42.87
C ALA E 241 -55.45 -12.56 -43.84
N TRP E 242 -55.70 -12.32 -45.14
CA TRP E 242 -55.13 -13.10 -46.23
C TRP E 242 -54.36 -12.18 -47.16
N GLY E 243 -53.33 -12.73 -47.80
CA GLY E 243 -52.60 -11.98 -48.80
C GLY E 243 -53.41 -11.47 -49.97
N ARG E 244 -53.37 -10.16 -50.21
CA ARG E 244 -54.10 -9.45 -51.26
C ARG E 244 -53.14 -9.11 -52.41
N ALA E 245 -53.61 -8.28 -53.35
CA ALA E 245 -52.79 -7.86 -54.49
C ALA E 245 -53.17 -6.45 -54.97
N ILE F 2 -12.58 -41.44 20.17
CA ILE F 2 -11.83 -41.36 21.43
C ILE F 2 -12.65 -40.63 22.50
N GLN F 3 -12.88 -41.33 23.62
CA GLN F 3 -13.57 -40.80 24.79
C GLN F 3 -12.56 -40.21 25.78
N ARG F 4 -13.01 -39.20 26.52
CA ARG F 4 -12.15 -38.53 27.49
C ARG F 4 -12.86 -38.48 28.84
N THR F 5 -12.13 -38.90 29.93
CA THR F 5 -12.89 -38.99 31.17
C THR F 5 -12.82 -37.66 31.93
N PRO F 6 -13.82 -37.32 32.74
CA PRO F 6 -13.82 -35.98 33.35
C PRO F 6 -12.70 -35.78 34.36
N LYS F 7 -12.14 -34.58 34.33
CA LYS F 7 -11.32 -34.08 35.42
C LYS F 7 -12.24 -33.43 36.45
N ILE F 8 -12.03 -33.74 37.72
CA ILE F 8 -12.94 -33.31 38.78
C ILE F 8 -12.13 -32.56 39.81
N GLN F 9 -12.48 -31.31 40.06
CA GLN F 9 -11.76 -30.46 41.00
C GLN F 9 -12.74 -29.86 42.00
N VAL F 10 -12.44 -30.01 43.28
CA VAL F 10 -13.34 -29.58 44.34
C VAL F 10 -12.59 -28.58 45.21
N TYR F 11 -13.11 -27.36 45.29
CA TYR F 11 -12.40 -26.28 45.96
C TYR F 11 -13.43 -25.29 46.49
N SER F 12 -13.00 -24.44 47.43
CA SER F 12 -13.88 -23.41 47.95
C SER F 12 -13.69 -22.07 47.21
N ARG F 13 -14.73 -21.25 47.27
CA ARG F 13 -14.70 -19.95 46.61
C ARG F 13 -13.64 -19.04 47.23
N HIS F 14 -13.56 -19.01 48.56
CA HIS F 14 -12.56 -18.25 49.30
C HIS F 14 -11.73 -19.19 50.16
N PRO F 15 -10.53 -18.78 50.57
CA PRO F 15 -9.77 -19.57 51.55
C PRO F 15 -10.65 -19.96 52.72
N ALA F 16 -10.70 -21.27 53.01
CA ALA F 16 -11.70 -21.79 53.92
C ALA F 16 -11.28 -21.55 55.36
N GLU F 17 -12.20 -21.02 56.17
CA GLU F 17 -12.08 -20.95 57.61
C GLU F 17 -13.19 -21.80 58.19
N ASN F 18 -12.84 -22.69 59.13
CA ASN F 18 -13.85 -23.50 59.80
C ASN F 18 -14.85 -22.60 60.50
N GLY F 19 -16.12 -22.77 60.16
CA GLY F 19 -17.15 -21.98 60.80
C GLY F 19 -17.52 -20.68 60.11
N LYS F 20 -16.94 -20.38 58.95
CA LYS F 20 -17.24 -19.16 58.22
C LYS F 20 -17.98 -19.48 56.93
N SER F 21 -19.08 -18.76 56.66
CA SER F 21 -19.89 -19.01 55.47
C SER F 21 -19.04 -18.90 54.20
N ASN F 22 -19.40 -19.71 53.20
CA ASN F 22 -18.54 -19.95 52.04
C ASN F 22 -19.36 -20.63 50.94
N PHE F 23 -18.68 -20.97 49.85
CA PHE F 23 -19.27 -21.70 48.75
C PHE F 23 -18.34 -22.84 48.35
N LEU F 24 -18.90 -24.03 48.15
CA LEU F 24 -18.13 -25.18 47.70
C LEU F 24 -18.35 -25.37 46.22
N ASN F 25 -17.28 -25.69 45.50
CA ASN F 25 -17.28 -25.74 44.05
C ASN F 25 -16.84 -27.11 43.54
N CYS F 26 -17.56 -27.62 42.54
CA CYS F 26 -17.12 -28.77 41.77
C CYS F 26 -17.03 -28.38 40.30
N TYR F 27 -15.81 -28.35 39.78
CA TYR F 27 -15.55 -28.02 38.40
C TYR F 27 -15.22 -29.32 37.68
N VAL F 28 -16.07 -29.71 36.74
CA VAL F 28 -15.92 -30.94 36.00
C VAL F 28 -15.60 -30.55 34.56
N SER F 29 -14.51 -31.06 34.01
CA SER F 29 -14.02 -30.53 32.74
C SER F 29 -13.23 -31.59 31.98
N GLY F 30 -13.06 -31.34 30.69
CA GLY F 30 -12.19 -32.17 29.88
C GLY F 30 -12.80 -33.46 29.43
N PHE F 31 -14.12 -33.59 29.53
CA PHE F 31 -14.75 -34.86 29.22
C PHE F 31 -15.40 -34.83 27.85
N HIS F 32 -15.57 -36.00 27.30
CA HIS F 32 -16.23 -36.20 26.02
C HIS F 32 -16.57 -37.69 25.91
N PRO F 33 -17.83 -38.05 25.57
CA PRO F 33 -18.97 -37.19 25.19
C PRO F 33 -19.63 -36.39 26.33
N SER F 34 -20.80 -35.78 26.04
CA SER F 34 -21.35 -34.68 26.82
C SER F 34 -22.28 -35.11 27.94
N ASP F 35 -22.82 -36.32 27.91
CA ASP F 35 -23.77 -36.77 28.90
C ASP F 35 -23.04 -37.08 30.21
N ILE F 36 -23.44 -36.41 31.29
CA ILE F 36 -22.72 -36.50 32.55
C ILE F 36 -23.69 -36.15 33.67
N GLU F 37 -23.53 -36.83 34.81
CA GLU F 37 -24.31 -36.59 36.02
C GLU F 37 -23.37 -36.07 37.12
N VAL F 38 -23.81 -35.04 37.84
CA VAL F 38 -23.00 -34.47 38.93
C VAL F 38 -23.91 -34.17 40.11
N ASP F 39 -23.49 -34.59 41.32
CA ASP F 39 -24.15 -34.24 42.58
C ASP F 39 -23.10 -33.87 43.61
N LEU F 40 -23.49 -33.05 44.59
CA LEU F 40 -22.63 -32.67 45.71
C LEU F 40 -23.11 -33.37 46.98
N LEU F 41 -22.17 -33.95 47.72
CA LEU F 41 -22.47 -34.77 48.88
C LEU F 41 -22.05 -34.06 50.16
N LYS F 42 -22.83 -34.24 51.23
CA LYS F 42 -22.44 -33.84 52.57
C LYS F 42 -22.51 -35.07 53.48
N ASN F 43 -21.35 -35.55 53.93
CA ASN F 43 -21.25 -36.80 54.69
C ASN F 43 -21.93 -37.96 53.98
N GLY F 44 -21.94 -37.96 52.64
CA GLY F 44 -22.49 -39.05 51.86
C GLY F 44 -23.87 -38.79 51.28
N GLU F 45 -24.67 -37.92 51.88
CA GLU F 45 -25.99 -37.62 51.38
C GLU F 45 -25.93 -36.47 50.39
N ARG F 46 -26.76 -36.55 49.35
CA ARG F 46 -26.81 -35.53 48.30
C ARG F 46 -27.44 -34.22 48.81
N ILE F 47 -26.80 -33.08 48.49
CA ILE F 47 -27.35 -31.75 48.77
C ILE F 47 -28.40 -31.40 47.72
N GLU F 48 -29.44 -30.67 48.12
CA GLU F 48 -30.54 -30.39 47.20
C GLU F 48 -30.58 -28.95 46.67
N LYS F 49 -30.08 -27.96 47.41
CA LYS F 49 -30.00 -26.59 46.89
C LYS F 49 -28.64 -26.40 46.23
N VAL F 50 -28.51 -26.91 44.99
CA VAL F 50 -27.23 -26.96 44.29
C VAL F 50 -27.35 -26.22 42.96
N GLU F 51 -26.64 -25.10 42.83
CA GLU F 51 -26.58 -24.39 41.57
C GLU F 51 -25.62 -25.09 40.60
N HIS F 52 -25.77 -24.79 39.31
CA HIS F 52 -24.80 -25.28 38.34
C HIS F 52 -24.90 -24.51 37.02
N SER F 53 -23.80 -24.50 36.30
CA SER F 53 -23.76 -23.83 35.01
C SER F 53 -24.34 -24.73 33.92
N ASP F 54 -24.64 -24.12 32.79
CA ASP F 54 -24.99 -24.88 31.60
C ASP F 54 -23.76 -25.65 31.12
N LEU F 55 -23.98 -26.63 30.26
CA LEU F 55 -22.86 -27.30 29.61
C LEU F 55 -22.08 -26.29 28.75
N SER F 56 -20.76 -26.42 28.74
CA SER F 56 -19.91 -25.41 28.14
C SER F 56 -18.86 -26.05 27.23
N PHE F 57 -18.38 -25.27 26.29
CA PHE F 57 -17.59 -25.81 25.19
C PHE F 57 -16.15 -25.30 25.24
N SER F 58 -15.21 -26.21 25.04
CA SER F 58 -13.80 -25.90 25.01
C SER F 58 -13.31 -25.92 23.58
N LYS F 59 -12.23 -25.18 23.31
CA LYS F 59 -11.67 -25.11 21.97
C LYS F 59 -11.17 -26.47 21.50
N ASP F 60 -10.93 -27.42 22.42
CA ASP F 60 -10.40 -28.74 22.11
C ASP F 60 -11.49 -29.80 22.03
N TRP F 61 -12.74 -29.37 21.93
CA TRP F 61 -13.95 -30.16 21.68
C TRP F 61 -14.47 -30.88 22.93
N SER F 62 -13.87 -30.67 24.09
CA SER F 62 -14.41 -31.28 25.31
C SER F 62 -15.40 -30.31 25.96
N PHE F 63 -15.96 -30.71 27.09
CA PHE F 63 -16.97 -29.92 27.76
C PHE F 63 -16.62 -29.76 29.23
N TYR F 64 -17.21 -28.74 29.87
CA TYR F 64 -16.99 -28.46 31.28
C TYR F 64 -18.24 -27.87 31.90
N LEU F 65 -18.37 -28.03 33.21
CA LEU F 65 -19.51 -27.58 33.99
C LEU F 65 -19.01 -27.12 35.35
N LEU F 66 -19.80 -26.30 36.01
CA LEU F 66 -19.49 -25.85 37.36
C LEU F 66 -20.71 -26.06 38.24
N TYR F 67 -20.54 -26.79 39.33
CA TYR F 67 -21.59 -27.03 40.32
C TYR F 67 -21.16 -26.40 41.64
N TYR F 68 -22.04 -25.61 42.25
CA TYR F 68 -21.68 -24.99 43.52
C TYR F 68 -22.87 -24.98 44.48
N THR F 69 -22.54 -24.83 45.76
CA THR F 69 -23.53 -24.80 46.83
C THR F 69 -22.97 -23.94 47.95
N GLU F 70 -23.85 -23.34 48.74
CA GLU F 70 -23.41 -22.60 49.91
C GLU F 70 -23.19 -23.55 51.07
N PHE F 71 -22.10 -23.36 51.80
CA PHE F 71 -21.84 -24.21 52.96
C PHE F 71 -21.01 -23.47 53.98
N THR F 72 -21.02 -23.99 55.21
CA THR F 72 -20.12 -23.55 56.26
C THR F 72 -19.20 -24.71 56.64
N PRO F 73 -17.90 -24.61 56.30
CA PRO F 73 -16.97 -25.72 56.58
C PRO F 73 -16.81 -25.93 58.08
N THR F 74 -17.13 -27.13 58.53
CA THR F 74 -16.86 -27.56 59.90
C THR F 74 -15.78 -28.64 59.87
N GLU F 75 -15.19 -28.90 61.05
CA GLU F 75 -14.20 -29.98 61.12
C GLU F 75 -14.86 -31.34 61.01
N LYS F 76 -16.12 -31.45 61.44
CA LYS F 76 -16.83 -32.73 61.40
C LYS F 76 -17.34 -33.06 59.99
N ASP F 77 -17.76 -32.06 59.23
CA ASP F 77 -18.39 -32.33 57.93
C ASP F 77 -17.37 -32.75 56.88
N GLU F 78 -17.68 -33.84 56.18
CA GLU F 78 -16.95 -34.28 54.99
C GLU F 78 -17.79 -33.93 53.76
N TYR F 79 -17.18 -33.23 52.80
CA TYR F 79 -17.87 -32.88 51.57
C TYR F 79 -17.19 -33.57 50.40
N ALA F 80 -17.93 -33.74 49.31
CA ALA F 80 -17.38 -34.40 48.15
C ALA F 80 -18.26 -34.11 46.96
N CYS F 81 -17.78 -34.56 45.80
CA CYS F 81 -18.47 -34.39 44.53
C CYS F 81 -18.48 -35.72 43.81
N ARG F 82 -19.66 -36.15 43.36
CA ARG F 82 -19.86 -37.46 42.75
C ARG F 82 -20.32 -37.30 41.30
N VAL F 83 -19.65 -38.02 40.39
CA VAL F 83 -19.73 -37.74 38.96
C VAL F 83 -19.82 -39.06 38.21
N ASN F 84 -20.75 -39.16 37.26
CA ASN F 84 -20.82 -40.32 36.39
C ASN F 84 -20.79 -39.93 34.92
N HIS F 85 -20.16 -40.80 34.15
CA HIS F 85 -19.88 -40.58 32.75
C HIS F 85 -19.66 -41.96 32.12
N VAL F 86 -19.93 -42.06 30.82
CA VAL F 86 -19.76 -43.32 30.09
C VAL F 86 -18.36 -43.90 30.23
N THR F 87 -17.35 -43.07 30.50
CA THR F 87 -16.02 -43.63 30.70
C THR F 87 -15.85 -44.26 32.08
N LEU F 88 -16.83 -44.15 32.96
CA LEU F 88 -16.71 -44.67 34.30
C LEU F 88 -17.59 -45.92 34.48
N SER F 89 -17.00 -46.98 35.07
CA SER F 89 -17.77 -48.17 35.46
C SER F 89 -18.79 -47.84 36.54
N GLN F 90 -18.32 -47.24 37.63
CA GLN F 90 -19.20 -46.81 38.71
C GLN F 90 -19.00 -45.32 38.94
N PRO F 91 -19.88 -44.65 39.68
CA PRO F 91 -19.66 -43.23 39.97
C PRO F 91 -18.36 -42.99 40.73
N LYS F 92 -17.69 -41.89 40.40
CA LYS F 92 -16.49 -41.43 41.09
C LYS F 92 -16.87 -40.36 42.11
N ILE F 93 -16.60 -40.62 43.37
CA ILE F 93 -16.80 -39.66 44.46
C ILE F 93 -15.44 -39.07 44.82
N VAL F 94 -15.29 -37.75 44.64
CA VAL F 94 -14.04 -37.05 44.89
C VAL F 94 -14.22 -36.18 46.13
N LYS F 95 -13.36 -36.38 47.13
CA LYS F 95 -13.50 -35.63 48.39
C LYS F 95 -12.83 -34.25 48.30
N TRP F 96 -13.41 -33.28 49.01
CA TRP F 96 -12.82 -31.95 49.16
C TRP F 96 -11.58 -32.01 50.06
N ASP F 97 -10.43 -31.55 49.55
CA ASP F 97 -9.19 -31.67 50.32
C ASP F 97 -9.09 -30.68 51.47
N ARG F 98 -10.11 -29.82 51.65
CA ARG F 98 -10.20 -28.82 52.73
C ARG F 98 -9.18 -27.71 52.59
N ASP F 99 -8.83 -27.33 51.36
CA ASP F 99 -7.84 -26.29 51.06
C ASP F 99 -6.48 -26.62 51.69
N MET F 100 -6.15 -27.91 51.79
CA MET F 100 -4.85 -28.34 52.30
C MET F 100 -3.82 -28.47 51.16
N GLY G 2 36.18 9.93 -12.95
CA GLY G 2 35.56 8.83 -12.23
C GLY G 2 34.85 7.81 -13.13
N GLN G 3 35.46 6.64 -13.31
CA GLN G 3 34.74 5.58 -14.02
C GLN G 3 34.87 4.17 -13.44
N ASN G 4 35.66 3.91 -12.40
CA ASN G 4 35.79 2.51 -11.99
C ASN G 4 36.17 2.36 -10.52
N ILE G 5 35.32 1.66 -9.76
CA ILE G 5 35.60 1.24 -8.38
C ILE G 5 35.41 -0.26 -8.32
N ASP G 6 36.26 -0.94 -7.57
CA ASP G 6 36.16 -2.39 -7.43
C ASP G 6 36.43 -2.79 -5.99
N GLN G 7 35.54 -3.61 -5.44
CA GLN G 7 35.69 -4.21 -4.14
C GLN G 7 35.18 -5.65 -4.25
N PRO G 8 35.54 -6.52 -3.30
CA PRO G 8 35.05 -7.90 -3.37
C PRO G 8 33.55 -8.01 -3.16
N THR G 9 32.96 -9.06 -3.72
CA THR G 9 31.53 -9.29 -3.53
C THR G 9 31.19 -9.72 -2.10
N GLU G 10 31.82 -10.79 -1.60
CA GLU G 10 31.60 -11.26 -0.23
C GLU G 10 32.92 -11.54 0.49
N MET G 11 32.89 -11.44 1.82
CA MET G 11 33.97 -11.94 2.65
C MET G 11 33.40 -12.66 3.86
N THR G 12 34.06 -13.73 4.28
CA THR G 12 33.67 -14.47 5.47
C THR G 12 34.86 -14.56 6.41
N ALA G 13 34.67 -14.14 7.66
CA ALA G 13 35.67 -14.26 8.72
C ALA G 13 34.98 -14.81 9.97
N THR G 14 35.76 -14.98 11.04
CA THR G 14 35.26 -15.57 12.27
C THR G 14 35.16 -14.53 13.37
N GLU G 15 34.14 -14.66 14.19
CA GLU G 15 33.99 -13.86 15.39
C GLU G 15 35.32 -13.75 16.14
N GLY G 16 35.72 -12.50 16.44
CA GLY G 16 36.94 -12.25 17.16
C GLY G 16 38.16 -12.03 16.30
N ALA G 17 38.09 -12.37 15.02
CA ALA G 17 39.22 -12.22 14.14
C ALA G 17 39.30 -10.79 13.59
N ILE G 18 40.33 -10.52 12.78
CA ILE G 18 40.46 -9.26 12.04
C ILE G 18 40.11 -9.55 10.58
N VAL G 19 39.58 -8.56 9.88
CA VAL G 19 39.27 -8.69 8.47
C VAL G 19 39.53 -7.37 7.78
N GLN G 20 39.91 -7.44 6.50
CA GLN G 20 40.43 -6.28 5.78
C GLN G 20 39.77 -6.19 4.41
N ILE G 21 38.92 -5.17 4.22
CA ILE G 21 38.12 -5.04 3.02
C ILE G 21 38.79 -4.04 2.09
N ASN G 22 39.09 -4.45 0.86
CA ASN G 22 39.88 -3.62 -0.03
C ASN G 22 38.99 -2.91 -1.04
N CYS G 23 39.42 -1.71 -1.43
CA CYS G 23 38.74 -0.92 -2.46
C CYS G 23 39.78 -0.31 -3.39
N THR G 24 39.67 -0.60 -4.68
CA THR G 24 40.61 -0.06 -5.67
C THR G 24 39.84 0.78 -6.68
N TYR G 25 40.17 2.07 -6.75
CA TYR G 25 39.49 3.01 -7.61
C TYR G 25 40.44 3.49 -8.70
N GLN G 26 39.91 3.56 -9.91
CA GLN G 26 40.58 4.18 -11.04
C GLN G 26 39.61 5.28 -11.50
N THR G 27 39.91 6.51 -11.10
CA THR G 27 39.02 7.66 -11.31
C THR G 27 39.80 8.83 -11.87
N SER G 28 39.08 9.73 -12.54
CA SER G 28 39.65 10.97 -13.08
C SER G 28 39.46 12.05 -12.03
N GLY G 29 40.56 12.42 -11.36
CA GLY G 29 40.51 13.28 -10.21
C GLY G 29 40.32 12.49 -8.94
N PHE G 30 40.50 13.17 -7.81
CA PHE G 30 40.30 12.50 -6.52
C PHE G 30 40.10 13.55 -5.45
N ASN G 31 38.90 13.61 -4.89
CA ASN G 31 38.64 14.53 -3.78
C ASN G 31 38.26 13.79 -2.50
N GLY G 32 38.57 12.51 -2.39
CA GLY G 32 38.32 11.77 -1.17
C GLY G 32 37.59 10.45 -1.31
N LEU G 33 37.86 9.53 -0.41
CA LEU G 33 37.30 8.19 -0.42
C LEU G 33 36.55 7.97 0.88
N PHE G 34 35.29 7.54 0.78
CA PHE G 34 34.38 7.35 1.91
C PHE G 34 34.11 5.88 2.10
N TRP G 35 33.88 5.48 3.36
CA TRP G 35 33.31 4.17 3.65
C TRP G 35 31.94 4.31 4.32
N TYR G 36 30.94 3.59 3.81
CA TYR G 36 29.63 3.49 4.45
C TYR G 36 29.34 2.05 4.89
N GLN G 37 28.55 1.92 5.95
CA GLN G 37 28.08 0.62 6.43
C GLN G 37 26.61 0.46 6.09
N GLN G 38 26.19 -0.72 5.64
CA GLN G 38 24.77 -0.92 5.33
C GLN G 38 24.32 -2.27 5.88
N HIS G 39 23.70 -2.26 7.07
CA HIS G 39 23.08 -3.47 7.58
C HIS G 39 21.93 -3.87 6.68
N ALA G 40 21.63 -5.17 6.64
CA ALA G 40 20.67 -5.66 5.64
C ALA G 40 19.29 -5.06 5.86
N GLY G 41 18.67 -4.60 4.77
CA GLY G 41 17.37 -3.96 4.85
C GLY G 41 17.35 -2.53 5.34
N GLU G 42 18.49 -1.94 5.66
CA GLU G 42 18.54 -0.60 6.23
C GLU G 42 19.35 0.35 5.33
N ALA G 43 19.51 1.65 5.82
CA ALA G 43 20.17 2.75 5.12
C ALA G 43 21.68 2.75 5.35
N PRO G 44 22.49 3.19 4.37
CA PRO G 44 23.92 3.31 4.60
C PRO G 44 24.24 4.41 5.61
N THR G 45 25.31 4.18 6.37
CA THR G 45 25.76 5.13 7.39
C THR G 45 27.24 5.40 7.21
N PHE G 46 27.62 6.67 7.36
CA PHE G 46 29.00 7.08 7.18
C PHE G 46 29.90 6.43 8.22
N LEU G 47 30.94 5.73 7.75
CA LEU G 47 31.97 5.17 8.64
C LEU G 47 33.24 6.02 8.68
N SER G 48 33.81 6.38 7.54
CA SER G 48 35.08 7.11 7.58
C SER G 48 35.34 7.82 6.26
N TYR G 49 36.36 8.69 6.30
CA TYR G 49 36.80 9.47 5.17
C TYR G 49 38.32 9.55 5.19
N ASN G 50 38.97 9.33 4.04
CA ASN G 50 40.41 9.54 3.92
C ASN G 50 40.68 10.32 2.64
N VAL G 51 41.51 11.37 2.73
CA VAL G 51 41.85 12.10 1.53
C VAL G 51 43.35 12.12 1.30
N LEU G 52 44.14 12.05 2.38
CA LEU G 52 45.58 11.92 2.29
C LEU G 52 46.04 10.53 2.66
N ASP G 53 47.28 10.24 2.29
CA ASP G 53 47.83 8.92 2.51
C ASP G 53 47.96 8.65 4.00
N GLY G 54 47.83 7.38 4.37
CA GLY G 54 47.97 7.02 5.77
C GLY G 54 46.78 6.26 6.33
N LEU G 55 46.64 6.30 7.65
CA LEU G 55 45.77 5.37 8.35
C LEU G 55 45.13 6.08 9.53
N GLU G 56 43.80 6.15 9.54
CA GLU G 56 43.03 6.77 10.61
C GLU G 56 42.23 5.71 11.37
N GLU G 57 42.35 5.69 12.70
CA GLU G 57 41.66 4.74 13.55
C GLU G 57 40.40 5.37 14.13
N LYS G 58 39.36 4.53 14.32
CA LYS G 58 38.13 4.96 14.98
C LYS G 58 37.51 3.76 15.70
N GLY G 59 37.98 3.51 16.93
CA GLY G 59 37.60 2.30 17.61
C GLY G 59 38.12 1.04 16.93
N ARG G 60 37.25 0.02 16.86
CA ARG G 60 37.57 -1.25 16.23
C ARG G 60 37.78 -1.13 14.72
N PHE G 61 37.45 0.03 14.12
CA PHE G 61 37.54 0.27 12.68
C PHE G 61 38.66 1.28 12.41
N SER G 62 39.57 0.94 11.52
CA SER G 62 40.49 1.91 10.96
C SER G 62 40.48 1.79 9.45
N SER G 63 40.77 2.88 8.75
CA SER G 63 40.75 2.89 7.30
C SER G 63 42.02 3.53 6.77
N PHE G 64 42.53 2.95 5.68
CA PHE G 64 43.84 3.23 5.13
C PHE G 64 43.67 3.76 3.71
N LEU G 65 44.54 4.69 3.31
CA LEU G 65 44.48 5.22 1.95
C LEU G 65 45.89 5.34 1.37
N SER G 66 46.04 4.92 0.11
CA SER G 66 47.26 5.11 -0.67
C SER G 66 46.89 5.79 -1.98
N ARG G 67 47.05 7.10 -2.03
CA ARG G 67 46.64 7.85 -3.21
C ARG G 67 47.41 7.42 -4.46
N SER G 68 48.72 7.19 -4.34
CA SER G 68 49.49 6.78 -5.51
C SER G 68 49.01 5.42 -6.02
N LYS G 69 48.95 4.42 -5.13
CA LYS G 69 48.57 3.07 -5.53
C LYS G 69 47.10 2.95 -5.91
N GLY G 70 46.28 3.94 -5.59
CA GLY G 70 44.84 3.89 -5.87
C GLY G 70 44.05 2.87 -5.09
N TYR G 71 44.35 2.69 -3.80
CA TYR G 71 43.55 1.77 -3.03
C TYR G 71 43.43 2.22 -1.58
N SER G 72 42.29 1.84 -1.00
CA SER G 72 42.00 1.99 0.41
C SER G 72 41.56 0.63 0.95
N TYR G 73 41.71 0.44 2.24
CA TYR G 73 41.08 -0.71 2.88
C TYR G 73 40.44 -0.28 4.18
N LEU G 74 39.43 -1.03 4.58
CA LEU G 74 38.75 -0.81 5.84
C LEU G 74 39.06 -2.02 6.71
N LEU G 75 39.65 -1.77 7.88
CA LEU G 75 40.12 -2.80 8.80
C LEU G 75 39.18 -2.88 9.98
N LEU G 76 38.61 -4.06 10.22
CA LEU G 76 37.75 -4.29 11.37
C LEU G 76 38.47 -5.25 12.31
N LYS G 77 38.77 -4.79 13.52
CA LYS G 77 39.42 -5.60 14.54
C LYS G 77 38.36 -6.23 15.43
N GLU G 78 38.72 -7.38 16.03
CA GLU G 78 37.92 -8.01 17.09
C GLU G 78 36.46 -8.18 16.69
N LEU G 79 36.23 -8.95 15.64
CA LEU G 79 34.93 -8.99 14.98
C LEU G 79 33.83 -9.47 15.90
N GLN G 80 32.69 -8.77 15.85
CA GLN G 80 31.47 -9.14 16.55
C GLN G 80 30.38 -9.47 15.54
N MET G 81 29.34 -10.16 16.02
CA MET G 81 28.28 -10.61 15.12
C MET G 81 27.59 -9.44 14.44
N LYS G 82 27.52 -8.29 15.12
CA LYS G 82 26.80 -7.11 14.64
C LYS G 82 27.53 -6.36 13.54
N ASP G 83 28.73 -6.80 13.18
CA ASP G 83 29.43 -6.24 12.04
C ASP G 83 29.02 -6.91 10.74
N SER G 84 28.05 -7.82 10.77
CA SER G 84 27.56 -8.42 9.54
C SER G 84 26.72 -7.37 8.82
N ALA G 85 27.33 -6.70 7.86
CA ALA G 85 26.62 -5.79 6.98
C ALA G 85 27.29 -5.86 5.61
N SER G 86 26.82 -5.01 4.70
CA SER G 86 27.59 -4.64 3.52
C SER G 86 28.39 -3.40 3.81
N TYR G 87 29.60 -3.33 3.24
CA TYR G 87 30.46 -2.17 3.39
C TYR G 87 30.71 -1.57 2.00
N LEU G 88 30.23 -0.34 1.83
CA LEU G 88 30.23 0.36 0.55
C LEU G 88 31.37 1.36 0.47
N CYS G 89 32.01 1.38 -0.67
CA CYS G 89 33.14 2.24 -0.95
C CYS G 89 32.71 3.30 -1.96
N ALA G 90 33.07 4.56 -1.72
CA ALA G 90 32.74 5.62 -2.68
C ALA G 90 33.87 6.64 -2.79
N VAL G 91 34.12 7.13 -4.01
CA VAL G 91 35.19 8.06 -4.32
C VAL G 91 34.60 9.32 -4.96
N LYS G 92 35.00 10.50 -4.45
CA LYS G 92 34.65 11.77 -5.09
C LYS G 92 35.64 12.05 -6.21
N ASP G 93 35.16 12.27 -7.43
CA ASP G 93 36.07 12.51 -8.54
C ASP G 93 36.35 14.03 -8.63
N SER G 94 36.99 14.42 -9.73
CA SER G 94 37.41 15.80 -9.92
C SER G 94 36.24 16.78 -9.91
N ASN G 95 35.02 16.31 -10.19
CA ASN G 95 33.85 17.17 -10.23
C ASN G 95 32.91 16.94 -9.05
N TYR G 96 33.42 16.35 -7.97
CA TYR G 96 32.67 16.16 -6.70
C TYR G 96 31.47 15.24 -6.88
N GLN G 97 31.61 14.25 -7.75
CA GLN G 97 30.57 13.26 -8.00
C GLN G 97 31.03 11.94 -7.39
N LEU G 98 30.22 11.39 -6.49
CA LEU G 98 30.52 10.11 -5.87
C LEU G 98 30.45 8.96 -6.87
N ILE G 99 31.35 8.00 -6.71
CA ILE G 99 31.41 6.81 -7.55
C ILE G 99 31.34 5.63 -6.59
N TRP G 100 30.28 4.84 -6.67
CA TRP G 100 30.01 3.83 -5.67
C TRP G 100 30.52 2.48 -6.14
N GLY G 101 31.27 1.81 -5.28
CA GLY G 101 31.50 0.40 -5.45
C GLY G 101 30.26 -0.42 -5.13
N ALA G 102 30.27 -1.67 -5.60
CA ALA G 102 29.11 -2.54 -5.51
C ALA G 102 28.79 -2.95 -4.09
N GLY G 103 29.72 -2.78 -3.17
CA GLY G 103 29.55 -3.21 -1.80
C GLY G 103 30.30 -4.50 -1.52
N THR G 104 30.59 -4.73 -0.26
CA THR G 104 31.08 -6.04 0.18
C THR G 104 30.17 -6.50 1.31
N LYS G 105 29.44 -7.61 1.07
CA LYS G 105 28.70 -8.30 2.11
C LYS G 105 29.67 -9.06 3.02
N LEU G 106 29.60 -8.81 4.32
CA LEU G 106 30.55 -9.39 5.28
C LEU G 106 29.79 -10.32 6.20
N ILE G 107 30.05 -11.61 6.09
CA ILE G 107 29.41 -12.67 6.88
C ILE G 107 30.33 -13.05 8.04
N ILE G 108 29.79 -13.15 9.25
CA ILE G 108 30.55 -13.49 10.44
C ILE G 108 30.14 -14.86 10.96
N LYS G 109 31.08 -15.78 11.01
CA LYS G 109 30.84 -17.07 11.65
CA LYS G 109 30.83 -17.07 11.65
C LYS G 109 30.92 -16.91 13.16
N PRO G 110 29.90 -17.32 13.92
CA PRO G 110 29.99 -17.25 15.38
C PRO G 110 30.89 -18.33 15.95
N ASP G 111 31.54 -17.98 17.05
CA ASP G 111 32.35 -18.92 17.83
C ASP G 111 31.40 -19.79 18.67
N ILE G 112 31.11 -21.00 18.19
CA ILE G 112 30.23 -21.92 18.91
C ILE G 112 31.04 -22.70 19.93
N GLN G 113 30.69 -22.56 21.20
CA GLN G 113 31.50 -23.12 22.28
C GLN G 113 31.28 -24.63 22.45
N ASN G 114 30.02 -25.06 22.55
CA ASN G 114 29.70 -26.46 22.79
C ASN G 114 28.77 -26.96 21.69
N PRO G 115 29.31 -27.49 20.60
CA PRO G 115 28.47 -28.05 19.54
C PRO G 115 27.67 -29.26 20.04
N ASP G 116 26.36 -29.23 19.75
CA ASP G 116 25.46 -30.34 20.01
C ASP G 116 24.57 -30.53 18.77
N PRO G 117 25.15 -30.90 17.64
CA PRO G 117 24.36 -30.93 16.39
C PRO G 117 23.28 -32.00 16.41
N ALA G 118 22.08 -31.62 15.98
CA ALA G 118 20.87 -32.42 16.07
C ALA G 118 19.88 -32.01 14.98
N VAL G 119 19.07 -32.96 14.54
CA VAL G 119 17.92 -32.67 13.68
C VAL G 119 16.67 -33.06 14.45
N TYR G 120 15.86 -32.07 14.80
CA TYR G 120 14.63 -32.31 15.51
C TYR G 120 13.43 -32.22 14.58
N GLN G 121 12.37 -32.94 14.92
CA GLN G 121 11.09 -32.84 14.23
C GLN G 121 10.15 -31.98 15.06
N LEU G 122 9.63 -30.91 14.47
CA LEU G 122 8.75 -30.03 15.22
C LEU G 122 7.31 -30.51 15.17
N ARG G 123 6.55 -30.13 16.21
CA ARG G 123 5.15 -30.56 16.29
C ARG G 123 4.39 -30.03 15.08
N ASP G 124 3.50 -30.86 14.54
CA ASP G 124 2.67 -30.44 13.42
C ASP G 124 1.69 -29.36 13.88
N SER G 125 1.27 -28.52 12.92
CA SER G 125 0.30 -27.46 13.19
C SER G 125 -1.08 -27.89 12.73
N LYS G 126 -2.10 -27.67 13.58
CA LYS G 126 -3.47 -28.01 13.20
C LYS G 126 -3.94 -27.29 11.95
N SER G 127 -3.18 -26.29 11.48
CA SER G 127 -3.63 -25.40 10.42
C SER G 127 -2.74 -25.46 9.19
N SER G 128 -1.78 -26.38 9.14
CA SER G 128 -0.92 -26.56 7.98
C SER G 128 -0.76 -28.03 7.67
N ASP G 129 -0.42 -28.32 6.42
CA ASP G 129 -0.10 -29.69 5.98
C ASP G 129 1.40 -29.94 5.86
N LYS G 130 2.22 -29.01 6.33
CA LYS G 130 3.67 -29.16 6.27
C LYS G 130 4.18 -29.97 7.45
N SER G 131 5.27 -30.68 7.22
CA SER G 131 6.09 -31.24 8.28
C SER G 131 7.40 -30.47 8.29
N VAL G 132 7.90 -30.16 9.49
CA VAL G 132 8.95 -29.16 9.64
C VAL G 132 10.10 -29.73 10.47
N CYS G 133 11.31 -29.76 9.89
CA CYS G 133 12.51 -30.25 10.56
C CYS G 133 13.46 -29.08 10.79
N LEU G 134 14.13 -29.10 11.94
CA LEU G 134 15.06 -28.06 12.32
C LEU G 134 16.42 -28.70 12.59
N PHE G 135 17.43 -28.30 11.84
CA PHE G 135 18.81 -28.71 12.06
C PHE G 135 19.47 -27.60 12.85
N THR G 136 20.03 -27.92 14.02
CA THR G 136 20.37 -26.89 14.98
C THR G 136 21.62 -27.29 15.76
N ASP G 137 22.31 -26.28 16.28
CA ASP G 137 23.40 -26.36 17.24
C ASP G 137 24.70 -26.91 16.67
N PHE G 138 24.89 -26.81 15.34
CA PHE G 138 26.14 -27.20 14.70
C PHE G 138 27.19 -26.09 14.76
N ASP G 139 28.43 -26.47 14.48
CA ASP G 139 29.52 -25.50 14.44
C ASP G 139 29.50 -24.75 13.11
N SER G 140 30.07 -23.55 13.12
CA SER G 140 30.02 -22.66 11.97
C SER G 140 30.73 -23.24 10.75
N GLN G 141 31.56 -24.26 10.93
CA GLN G 141 32.20 -24.91 9.79
C GLN G 141 31.17 -25.51 8.83
N THR G 142 29.98 -25.86 9.32
CA THR G 142 28.99 -26.60 8.52
C THR G 142 28.24 -25.69 7.56
N ASN G 143 28.14 -26.13 6.30
CA ASN G 143 27.32 -25.45 5.29
C ASN G 143 26.03 -26.22 5.05
N VAL G 144 24.95 -25.48 4.80
CA VAL G 144 23.63 -26.05 4.53
C VAL G 144 23.32 -25.78 3.06
N SER G 145 23.10 -26.85 2.30
CA SER G 145 22.87 -26.76 0.87
C SER G 145 21.40 -26.97 0.52
N GLN G 146 20.97 -26.31 -0.57
CA GLN G 146 19.59 -26.28 -1.01
C GLN G 146 19.08 -27.69 -1.26
N SER G 147 17.77 -27.84 -1.38
CA SER G 147 17.24 -29.17 -1.60
C SER G 147 17.51 -29.63 -3.03
N LYS G 148 17.56 -30.95 -3.21
CA LYS G 148 17.55 -31.50 -4.55
C LYS G 148 16.13 -31.73 -5.05
N ASP G 149 15.23 -32.21 -4.20
CA ASP G 149 13.81 -32.37 -4.55
C ASP G 149 13.12 -31.00 -4.60
N SER G 150 12.22 -30.83 -5.57
CA SER G 150 11.53 -29.57 -5.75
C SER G 150 10.41 -29.35 -4.74
N ASP G 151 9.96 -30.41 -4.07
CA ASP G 151 8.88 -30.33 -3.10
C ASP G 151 9.39 -30.27 -1.67
N VAL G 152 10.70 -30.15 -1.48
CA VAL G 152 11.31 -29.91 -0.17
C VAL G 152 11.99 -28.55 -0.24
N TYR G 153 11.85 -27.78 0.84
CA TYR G 153 12.37 -26.41 0.91
C TYR G 153 13.30 -26.34 2.12
N ILE G 154 14.54 -25.92 1.90
CA ILE G 154 15.56 -25.86 2.94
C ILE G 154 16.11 -24.44 3.00
N THR G 155 15.90 -23.77 4.12
CA THR G 155 16.46 -22.45 4.29
C THR G 155 17.92 -22.57 4.70
N ASP G 156 18.66 -21.47 4.49
CA ASP G 156 20.07 -21.42 4.80
C ASP G 156 20.27 -21.16 6.30
N LYS G 157 21.53 -21.26 6.72
CA LYS G 157 21.91 -21.16 8.11
C LYS G 157 21.61 -19.76 8.64
N CYS G 158 21.23 -19.68 9.91
CA CYS G 158 20.85 -18.45 10.57
C CYS G 158 21.45 -18.50 11.98
N VAL G 159 21.96 -17.39 12.49
CA VAL G 159 22.55 -17.34 13.83
C VAL G 159 21.61 -16.62 14.78
N LEU G 160 21.26 -17.24 15.90
CA LEU G 160 20.48 -16.49 16.88
C LEU G 160 21.25 -16.35 18.18
N ASP G 161 20.88 -15.31 18.92
CA ASP G 161 21.52 -14.94 20.17
C ASP G 161 20.45 -14.88 21.25
N MET G 162 20.54 -15.77 22.24
CA MET G 162 19.71 -15.68 23.44
C MET G 162 20.46 -14.77 24.41
N ARG G 163 20.11 -13.48 24.41
CA ARG G 163 20.85 -12.48 25.16
C ARG G 163 20.96 -12.85 26.64
N SER G 164 19.84 -13.25 27.23
CA SER G 164 19.82 -13.62 28.65
C SER G 164 20.82 -14.72 28.98
N MET G 165 20.65 -15.91 28.38
CA MET G 165 21.59 -17.01 28.59
C MET G 165 22.98 -16.74 28.03
N ASP G 166 23.19 -15.63 27.30
CA ASP G 166 24.41 -15.37 26.54
C ASP G 166 24.83 -16.59 25.74
N PHE G 167 24.05 -16.96 24.74
CA PHE G 167 24.20 -18.23 24.06
C PHE G 167 23.92 -18.00 22.58
N LYS G 168 24.67 -18.70 21.72
CA LYS G 168 24.54 -18.52 20.29
C LYS G 168 24.42 -19.88 19.63
N SER G 169 23.49 -19.99 18.68
CA SER G 169 23.33 -21.23 17.91
C SER G 169 23.07 -20.94 16.44
N ASN G 170 23.59 -21.84 15.58
CA ASN G 170 23.21 -21.91 14.17
C ASN G 170 21.98 -22.79 14.02
N SER G 171 21.24 -22.55 12.94
CA SER G 171 20.07 -23.38 12.66
C SER G 171 19.63 -23.18 11.21
N ALA G 172 19.06 -24.25 10.65
CA ALA G 172 18.45 -24.25 9.34
C ALA G 172 17.15 -25.03 9.44
N VAL G 173 16.19 -24.69 8.58
CA VAL G 173 14.88 -25.30 8.60
C VAL G 173 14.59 -25.95 7.25
N ALA G 174 13.95 -27.12 7.27
CA ALA G 174 13.49 -27.79 6.07
C ALA G 174 12.04 -28.23 6.25
N TRP G 175 11.23 -28.10 5.21
CA TRP G 175 9.83 -28.46 5.34
C TRP G 175 9.29 -28.97 4.01
N SER G 176 8.18 -29.68 4.08
CA SER G 176 7.53 -30.27 2.91
C SER G 176 6.16 -30.80 3.32
N ASN G 177 5.30 -31.01 2.33
CA ASN G 177 4.07 -31.77 2.51
C ASN G 177 4.10 -33.09 1.74
N LYS G 178 5.27 -33.50 1.26
CA LYS G 178 5.39 -34.81 0.63
C LYS G 178 5.14 -35.90 1.65
N SER G 179 4.56 -37.01 1.18
CA SER G 179 4.31 -38.14 2.06
C SER G 179 5.62 -38.73 2.57
N ASP G 180 6.62 -38.84 1.69
CA ASP G 180 7.88 -39.49 2.04
C ASP G 180 8.68 -38.71 3.07
N PHE G 181 8.53 -37.37 3.12
CA PHE G 181 9.46 -36.49 3.84
C PHE G 181 9.58 -36.85 5.31
N ALA G 182 10.82 -37.07 5.75
CA ALA G 182 11.13 -37.35 7.14
C ALA G 182 12.37 -36.56 7.51
N CYS G 183 12.49 -36.27 8.80
CA CYS G 183 13.64 -35.50 9.28
C CYS G 183 14.93 -36.28 9.09
N ALA G 184 14.88 -37.60 9.29
CA ALA G 184 16.06 -38.45 9.15
C ALA G 184 16.70 -38.33 7.78
N ASN G 185 16.00 -37.70 6.82
CA ASN G 185 16.44 -37.54 5.44
C ASN G 185 16.38 -36.11 4.94
N ALA G 186 15.89 -35.16 5.75
CA ALA G 186 15.63 -33.82 5.26
C ALA G 186 16.91 -33.16 4.75
N PHE G 187 18.04 -33.37 5.43
CA PHE G 187 19.30 -32.71 5.09
C PHE G 187 20.33 -33.67 4.49
N ASN G 188 19.87 -34.73 3.80
CA ASN G 188 20.77 -35.69 3.18
C ASN G 188 21.70 -35.06 2.17
N ASN G 189 21.23 -34.04 1.46
CA ASN G 189 22.05 -33.41 0.43
C ASN G 189 23.09 -32.46 1.02
N SER G 190 23.26 -32.47 2.35
CA SER G 190 24.22 -31.61 3.01
C SER G 190 25.23 -32.47 3.75
N ILE G 191 26.44 -31.92 3.88
CA ILE G 191 27.54 -32.57 4.61
C ILE G 191 27.41 -32.14 6.06
N ILE G 192 26.80 -32.99 6.88
CA ILE G 192 26.48 -32.67 8.27
C ILE G 192 27.44 -33.42 9.19
N PRO G 193 27.63 -32.96 10.44
CA PRO G 193 28.58 -33.63 11.35
C PRO G 193 28.28 -35.11 11.55
N GLU G 194 29.34 -35.91 11.70
CA GLU G 194 29.15 -37.35 11.88
C GLU G 194 28.39 -37.67 13.16
N ASP G 195 28.59 -36.86 14.20
CA ASP G 195 27.98 -37.04 15.51
C ASP G 195 26.54 -36.48 15.61
N THR G 196 25.85 -36.19 14.51
CA THR G 196 24.59 -35.47 14.61
C THR G 196 23.54 -36.35 15.22
N PHE G 197 22.91 -35.84 16.28
CA PHE G 197 21.82 -36.52 16.99
C PHE G 197 20.56 -36.56 16.14
N PHE G 198 20.03 -37.75 15.90
CA PHE G 198 18.69 -37.91 15.34
C PHE G 198 17.82 -38.62 16.36
N PRO G 199 17.04 -37.89 17.19
CA PRO G 199 16.21 -38.57 18.20
C PRO G 199 15.22 -39.51 17.54
N SER G 200 14.92 -40.61 18.24
CA SER G 200 14.08 -41.64 17.63
C SER G 200 12.67 -41.11 17.43
N PRO G 201 12.04 -41.39 16.29
CA PRO G 201 10.69 -40.86 16.02
C PRO G 201 9.62 -41.63 16.78
N GLU G 202 8.34 -41.33 16.51
CA GLU G 202 7.24 -42.05 17.14
C GLU G 202 6.51 -42.95 16.13
N ASN H 2 15.49 15.72 16.55
CA ASN H 2 15.93 15.60 15.16
C ASN H 2 15.46 14.27 14.53
N ALA H 3 14.72 14.37 13.42
CA ALA H 3 14.10 13.22 12.76
C ALA H 3 14.97 12.58 11.69
N GLY H 4 16.02 13.27 11.23
CA GLY H 4 16.90 12.76 10.19
C GLY H 4 16.28 12.90 8.81
N VAL H 5 16.44 11.88 7.97
CA VAL H 5 15.89 11.88 6.63
C VAL H 5 14.69 10.94 6.61
N THR H 6 13.51 11.49 6.33
CA THR H 6 12.25 10.76 6.31
C THR H 6 11.80 10.60 4.88
N GLN H 7 11.67 9.34 4.43
CA GLN H 7 11.07 9.09 3.13
C GLN H 7 9.91 8.10 3.25
N THR H 8 9.01 8.16 2.28
CA THR H 8 7.79 7.37 2.22
C THR H 8 7.42 7.19 0.75
N PRO H 9 6.77 6.08 0.39
CA PRO H 9 6.35 4.94 1.21
C PRO H 9 7.48 3.93 1.44
N LYS H 10 7.36 3.02 2.42
CA LYS H 10 8.40 2.01 2.63
C LYS H 10 8.30 0.88 1.62
N PHE H 11 7.09 0.59 1.12
CA PHE H 11 6.87 -0.48 0.16
C PHE H 11 5.81 -0.05 -0.85
N GLN H 12 5.89 -0.59 -2.08
CA GLN H 12 4.91 -0.23 -3.09
C GLN H 12 4.90 -1.24 -4.22
N VAL H 13 3.69 -1.66 -4.61
CA VAL H 13 3.47 -2.48 -5.80
C VAL H 13 2.82 -1.56 -6.85
N LEU H 14 3.29 -1.66 -8.09
CA LEU H 14 2.76 -0.85 -9.18
C LEU H 14 2.59 -1.70 -10.43
N LYS H 15 1.54 -1.40 -11.18
CA LYS H 15 1.30 -2.04 -12.46
C LYS H 15 1.97 -1.18 -13.53
N THR H 16 2.55 -1.84 -14.54
CA THR H 16 3.18 -1.14 -15.66
C THR H 16 2.37 0.08 -16.08
N GLY H 17 3.04 1.21 -16.21
CA GLY H 17 2.38 2.43 -16.63
C GLY H 17 1.72 3.22 -15.53
N GLN H 18 1.76 2.74 -14.29
CA GLN H 18 1.13 3.48 -13.20
C GLN H 18 2.00 4.67 -12.78
N SER H 19 1.37 5.67 -12.16
CA SER H 19 2.08 6.82 -11.64
C SER H 19 2.42 6.65 -10.17
N MET H 20 3.49 7.32 -9.72
CA MET H 20 3.78 7.31 -8.30
C MET H 20 4.74 8.43 -7.95
N THR H 21 4.85 8.69 -6.66
CA THR H 21 5.65 9.80 -6.16
C THR H 21 6.20 9.44 -4.79
N LEU H 22 7.52 9.38 -4.66
CA LEU H 22 8.16 9.17 -3.38
C LEU H 22 8.50 10.51 -2.74
N GLN H 23 8.27 10.62 -1.44
CA GLN H 23 8.48 11.85 -0.70
C GLN H 23 9.74 11.75 0.14
N CYS H 24 10.38 12.90 0.37
CA CYS H 24 11.55 12.92 1.23
C CYS H 24 11.61 14.26 1.95
N ALA H 25 11.77 14.22 3.26
CA ALA H 25 12.00 15.41 4.06
C ALA H 25 13.22 15.22 4.94
N GLN H 26 13.89 16.33 5.24
CA GLN H 26 15.00 16.31 6.18
C GLN H 26 14.89 17.55 7.05
N ASP H 27 15.00 17.36 8.37
CA ASP H 27 14.93 18.45 9.32
C ASP H 27 16.32 18.84 9.84
N MET H 28 17.37 18.52 9.09
CA MET H 28 18.75 18.79 9.48
C MET H 28 19.25 20.12 8.95
N ASN H 29 18.40 20.88 8.27
CA ASN H 29 18.77 22.16 7.67
C ASN H 29 19.89 22.00 6.63
N HIS H 30 19.81 20.93 5.85
CA HIS H 30 20.79 20.70 4.80
C HIS H 30 20.39 21.47 3.56
N ASN H 31 21.34 21.64 2.64
CA ASN H 31 21.09 22.34 1.39
C ASN H 31 21.11 21.44 0.18
N SER H 32 21.81 20.31 0.21
CA SER H 32 21.91 19.39 -0.91
C SER H 32 21.08 18.13 -0.64
N MET H 33 20.38 17.65 -1.67
CA MET H 33 19.53 16.47 -1.54
C MET H 33 19.61 15.62 -2.79
N TYR H 34 19.53 14.30 -2.61
CA TYR H 34 19.83 13.32 -3.64
C TYR H 34 18.78 12.21 -3.65
N TRP H 35 18.56 11.62 -4.82
CA TRP H 35 17.77 10.40 -4.99
C TRP H 35 18.63 9.35 -5.68
N TYR H 36 18.90 8.24 -4.98
CA TYR H 36 19.67 7.13 -5.52
C TYR H 36 18.74 5.95 -5.81
N ARG H 37 19.23 5.01 -6.61
CA ARG H 37 18.58 3.71 -6.71
C ARG H 37 19.62 2.62 -6.53
N GLN H 38 19.31 1.66 -5.67
CA GLN H 38 20.19 0.52 -5.39
C GLN H 38 19.68 -0.71 -6.14
N ASP H 39 20.56 -1.35 -6.87
CA ASP H 39 20.16 -2.55 -7.57
C ASP H 39 21.17 -3.65 -7.33
N PRO H 40 20.73 -4.90 -7.31
CA PRO H 40 21.65 -6.02 -7.07
C PRO H 40 22.85 -5.99 -8.00
N GLY H 41 24.03 -6.15 -7.40
CA GLY H 41 25.28 -6.24 -8.12
C GLY H 41 25.89 -4.95 -8.58
N MET H 42 25.21 -3.82 -8.40
CA MET H 42 25.75 -2.53 -8.79
C MET H 42 25.90 -1.65 -7.57
N GLY H 43 26.80 -0.67 -7.69
CA GLY H 43 26.86 0.37 -6.71
C GLY H 43 25.78 1.40 -6.96
N LEU H 44 25.31 2.03 -5.87
CA LEU H 44 24.32 3.11 -5.95
C LEU H 44 24.50 3.98 -7.18
N ARG H 45 23.40 4.30 -7.86
CA ARG H 45 23.41 5.17 -9.01
C ARG H 45 22.51 6.36 -8.70
N LEU H 46 22.98 7.55 -9.02
CA LEU H 46 22.24 8.77 -8.78
C LEU H 46 21.21 8.95 -9.88
N ILE H 47 20.03 9.43 -9.50
CA ILE H 47 18.93 9.67 -10.43
C ILE H 47 18.77 11.17 -10.70
N TYR H 48 18.49 11.95 -9.66
CA TYR H 48 18.48 13.40 -9.72
C TYR H 48 19.13 13.93 -8.46
N TYR H 49 19.59 15.17 -8.51
CA TYR H 49 20.11 15.80 -7.30
C TYR H 49 19.69 17.26 -7.29
N SER H 50 19.68 17.84 -6.10
CA SER H 50 19.34 19.25 -5.92
C SER H 50 20.43 19.88 -5.05
N ALA H 51 21.34 20.62 -5.69
CA ALA H 51 22.53 21.13 -5.01
C ALA H 51 22.21 22.18 -3.96
N SER H 52 21.15 22.95 -4.16
CA SER H 52 20.57 23.74 -3.08
C SER H 52 19.14 24.11 -3.47
N GLU H 53 18.39 24.57 -2.49
CA GLU H 53 17.01 24.99 -2.73
C GLU H 53 16.98 25.99 -3.86
N GLY H 54 16.33 25.65 -4.96
CA GLY H 54 16.30 26.53 -6.11
C GLY H 54 16.90 25.95 -7.37
N THR H 55 17.43 24.73 -7.34
CA THR H 55 18.02 24.14 -8.53
C THR H 55 18.02 22.61 -8.38
N THR H 56 17.87 21.92 -9.51
CA THR H 56 17.92 20.48 -9.59
C THR H 56 18.60 20.10 -10.89
N ASP H 57 19.12 18.87 -10.96
CA ASP H 57 19.80 18.47 -12.19
C ASP H 57 19.82 16.95 -12.33
N LYS H 58 20.04 16.51 -13.56
CA LYS H 58 20.15 15.09 -13.89
C LYS H 58 21.33 14.46 -13.16
N GLY H 59 21.21 13.16 -12.92
CA GLY H 59 22.26 12.36 -12.34
C GLY H 59 22.73 11.41 -13.40
N GLU H 60 23.04 10.16 -13.03
CA GLU H 60 23.52 9.18 -13.99
C GLU H 60 22.38 8.49 -14.75
N VAL H 61 21.22 8.28 -14.12
CA VAL H 61 20.12 7.52 -14.75
C VAL H 61 18.76 8.23 -14.62
N PRO H 62 18.56 9.36 -15.30
CA PRO H 62 17.37 10.18 -15.05
C PRO H 62 16.15 9.83 -15.89
N ASN H 63 16.27 8.85 -16.78
CA ASN H 63 15.25 8.59 -17.78
C ASN H 63 14.11 7.79 -17.17
N GLY H 64 12.93 8.38 -17.17
CA GLY H 64 11.79 7.80 -16.50
C GLY H 64 11.49 8.40 -15.16
N TYR H 65 12.10 9.53 -14.80
CA TYR H 65 11.90 10.18 -13.52
C TYR H 65 11.92 11.70 -13.69
N ASN H 66 11.30 12.38 -12.73
CA ASN H 66 11.39 13.82 -12.57
C ASN H 66 11.42 14.09 -11.06
N VAL H 67 11.79 15.29 -10.67
CA VAL H 67 11.94 15.60 -9.23
C VAL H 67 11.40 16.99 -8.97
N SER H 68 11.27 17.31 -7.70
CA SER H 68 10.78 18.63 -7.33
C SER H 68 11.33 18.99 -5.96
N ARG H 69 12.25 19.96 -5.94
CA ARG H 69 12.79 20.51 -4.70
C ARG H 69 11.78 21.54 -4.19
N LEU H 70 10.71 21.03 -3.58
CA LEU H 70 9.56 21.88 -3.26
C LEU H 70 9.96 23.04 -2.36
N ASN H 71 10.78 22.77 -1.34
CA ASN H 71 11.32 23.82 -0.49
C ASN H 71 12.69 23.35 -0.04
N LYS H 72 13.24 23.98 1.01
CA LYS H 72 14.53 23.52 1.49
C LYS H 72 14.43 22.12 2.08
N ARG H 73 13.34 21.83 2.81
CA ARG H 73 13.19 20.56 3.51
C ARG H 73 12.92 19.37 2.59
N GLU H 74 12.22 19.55 1.47
CA GLU H 74 11.58 18.43 0.78
C GLU H 74 11.97 18.33 -0.69
N PHE H 75 12.14 17.09 -1.15
CA PHE H 75 12.68 16.78 -2.47
C PHE H 75 12.05 15.47 -2.92
N SER H 76 11.07 15.53 -3.81
CA SER H 76 10.28 14.35 -4.12
C SER H 76 10.62 13.83 -5.52
N LEU H 77 10.45 12.51 -5.69
CA LEU H 77 10.85 11.78 -6.88
C LEU H 77 9.62 11.17 -7.51
N ARG H 78 9.29 11.61 -8.71
CA ARG H 78 8.08 11.21 -9.39
C ARG H 78 8.44 10.29 -10.54
N LEU H 79 7.75 9.15 -10.60
CA LEU H 79 7.73 8.27 -11.76
C LEU H 79 6.38 8.48 -12.40
N GLU H 80 6.34 8.73 -13.72
CA GLU H 80 5.05 8.99 -14.33
C GLU H 80 4.49 7.82 -15.11
N SER H 81 5.32 6.91 -15.58
CA SER H 81 4.79 5.71 -16.22
C SER H 81 5.73 4.56 -15.86
N ALA H 82 5.42 3.90 -14.74
CA ALA H 82 6.29 2.87 -14.21
C ALA H 82 6.62 1.79 -15.23
N ALA H 83 7.85 1.29 -15.15
CA ALA H 83 8.38 0.22 -15.98
C ALA H 83 8.92 -0.89 -15.12
N PRO H 84 8.88 -2.12 -15.59
CA PRO H 84 9.48 -3.22 -14.82
C PRO H 84 10.94 -2.98 -14.46
N SER H 85 11.72 -2.30 -15.33
CA SER H 85 13.11 -1.99 -15.01
C SER H 85 13.25 -1.00 -13.85
N GLN H 86 12.19 -0.27 -13.51
CA GLN H 86 12.26 0.63 -12.35
C GLN H 86 11.98 -0.09 -11.05
N THR H 87 11.82 -1.41 -11.08
CA THR H 87 11.78 -2.20 -9.86
C THR H 87 13.16 -2.17 -9.22
N SER H 88 13.23 -1.66 -7.99
CA SER H 88 14.48 -1.32 -7.34
C SER H 88 14.14 -0.83 -5.94
N VAL H 89 15.18 -0.56 -5.15
CA VAL H 89 15.06 0.09 -3.86
C VAL H 89 15.61 1.51 -4.00
N TYR H 90 14.82 2.51 -3.61
CA TYR H 90 15.18 3.91 -3.80
C TYR H 90 15.54 4.53 -2.46
N PHE H 91 16.66 5.25 -2.43
CA PHE H 91 17.13 5.92 -1.24
C PHE H 91 17.24 7.41 -1.50
N CYS H 92 16.83 8.17 -0.50
CA CYS H 92 16.97 9.61 -0.47
C CYS H 92 18.11 9.95 0.48
N ALA H 93 18.88 10.99 0.13
CA ALA H 93 20.03 11.36 0.93
C ALA H 93 20.11 12.88 1.03
N SER H 94 20.90 13.37 1.98
CA SER H 94 21.11 14.80 2.10
C SER H 94 22.50 15.07 2.67
N SER H 95 23.03 16.26 2.37
CA SER H 95 24.31 16.71 2.90
C SER H 95 24.25 18.21 3.06
N VAL H 96 25.14 18.75 3.88
CA VAL H 96 25.05 20.15 4.28
C VAL H 96 25.19 21.06 3.08
N TRP H 97 26.24 20.85 2.29
CA TRP H 97 26.50 21.49 1.00
C TRP H 97 27.01 20.43 0.06
N THR H 98 26.82 20.64 -1.24
CA THR H 98 27.48 19.79 -2.23
C THR H 98 28.75 20.48 -2.69
N GLY H 99 29.80 19.69 -2.86
CA GLY H 99 31.09 20.22 -3.26
C GLY H 99 32.01 20.55 -2.11
N GLU H 100 31.66 20.16 -0.89
CA GLU H 100 32.55 20.33 0.25
C GLU H 100 33.62 19.26 0.32
N GLY H 101 33.54 18.22 -0.51
CA GLY H 101 34.56 17.20 -0.47
C GLY H 101 34.46 16.26 0.72
N SER H 102 34.63 16.78 1.94
CA SER H 102 34.58 15.91 3.11
C SER H 102 33.16 15.65 3.63
N GLY H 103 32.18 16.42 3.18
CA GLY H 103 30.83 16.27 3.72
C GLY H 103 30.20 14.93 3.36
N GLU H 104 29.72 14.23 4.39
CA GLU H 104 29.15 12.90 4.25
C GLU H 104 27.67 12.95 3.89
N LEU H 105 27.17 11.82 3.38
CA LEU H 105 25.77 11.66 3.02
C LEU H 105 24.99 11.06 4.18
N PHE H 106 23.73 11.51 4.34
CA PHE H 106 22.79 11.01 5.36
C PHE H 106 21.59 10.43 4.63
N PHE H 107 21.34 9.15 4.80
CA PHE H 107 20.31 8.48 4.01
C PHE H 107 18.96 8.36 4.73
N GLY H 108 17.90 8.27 3.91
CA GLY H 108 16.59 7.88 4.40
C GLY H 108 16.47 6.36 4.46
N GLU H 109 15.35 5.90 5.00
CA GLU H 109 15.22 4.48 5.29
C GLU H 109 15.02 3.63 4.03
N GLY H 110 14.77 4.23 2.88
CA GLY H 110 14.65 3.48 1.65
C GLY H 110 13.20 3.17 1.30
N SER H 111 12.97 2.90 0.01
CA SER H 111 11.65 2.57 -0.52
C SER H 111 11.81 1.40 -1.47
N ARG H 112 11.08 0.32 -1.22
CA ARG H 112 11.16 -0.87 -2.04
C ARG H 112 10.00 -0.85 -3.02
N LEU H 113 10.31 -0.91 -4.31
CA LEU H 113 9.34 -0.77 -5.38
C LEU H 113 9.38 -2.01 -6.24
N THR H 114 8.21 -2.54 -6.57
CA THR H 114 8.09 -3.63 -7.53
C THR H 114 7.08 -3.23 -8.58
N VAL H 115 7.49 -3.30 -9.85
CA VAL H 115 6.62 -2.98 -10.96
C VAL H 115 6.34 -4.28 -11.70
N LEU H 116 5.05 -4.62 -11.80
CA LEU H 116 4.57 -5.83 -12.44
C LEU H 116 3.75 -5.49 -13.68
N GLU H 117 3.76 -6.40 -14.66
CA GLU H 117 2.94 -6.20 -15.85
C GLU H 117 1.45 -6.22 -15.50
N ASP H 118 1.02 -7.24 -14.74
CA ASP H 118 -0.30 -7.25 -14.14
C ASP H 118 -0.19 -7.79 -12.73
N LEU H 119 -1.25 -7.59 -11.94
CA LEU H 119 -1.17 -7.91 -10.53
C LEU H 119 -1.67 -9.31 -10.19
N LYS H 120 -1.88 -10.17 -11.21
CA LYS H 120 -2.29 -11.55 -10.97
C LYS H 120 -1.27 -12.33 -10.15
N ASN H 121 -0.03 -11.85 -10.04
CA ASN H 121 1.00 -12.60 -9.32
C ASN H 121 1.07 -12.26 -7.84
N VAL H 122 0.35 -11.23 -7.40
CA VAL H 122 0.45 -10.76 -6.02
C VAL H 122 -0.28 -11.69 -5.06
N PHE H 123 0.41 -12.16 -4.03
CA PHE H 123 -0.12 -13.11 -3.04
C PHE H 123 0.23 -12.74 -1.61
N PRO H 124 -0.73 -12.67 -0.70
CA PRO H 124 -0.37 -12.56 0.71
C PRO H 124 0.23 -13.87 1.18
N PRO H 125 0.91 -13.88 2.32
CA PRO H 125 1.54 -15.12 2.78
C PRO H 125 0.63 -15.95 3.67
N GLU H 126 0.78 -17.28 3.56
CA GLU H 126 0.26 -18.18 4.57
C GLU H 126 1.24 -18.17 5.73
N VAL H 127 0.72 -18.22 6.97
CA VAL H 127 1.56 -18.20 8.15
C VAL H 127 1.19 -19.38 9.01
N ALA H 128 2.19 -20.11 9.52
CA ALA H 128 1.94 -21.25 10.38
C ALA H 128 3.02 -21.33 11.46
N VAL H 129 2.62 -21.58 12.71
CA VAL H 129 3.56 -21.69 13.81
C VAL H 129 3.66 -23.14 14.22
N PHE H 130 4.89 -23.62 14.40
CA PHE H 130 5.15 -25.01 14.77
C PHE H 130 5.80 -25.07 16.14
N GLU H 131 5.27 -25.90 17.02
CA GLU H 131 5.69 -25.93 18.41
C GLU H 131 6.96 -26.76 18.59
N PRO H 132 7.67 -26.56 19.71
CA PRO H 132 9.00 -27.18 19.89
C PRO H 132 8.96 -28.69 19.97
N SER H 133 10.10 -29.28 19.60
CA SER H 133 10.33 -30.71 19.70
C SER H 133 10.56 -31.11 21.15
N GLU H 134 9.86 -32.15 21.60
CA GLU H 134 10.10 -32.67 22.94
C GLU H 134 11.52 -33.25 23.06
N ALA H 135 12.00 -33.90 22.01
CA ALA H 135 13.38 -34.37 22.01
C ALA H 135 14.35 -33.21 22.29
N GLU H 136 14.11 -32.05 21.66
CA GLU H 136 14.97 -30.90 21.87
C GLU H 136 14.91 -30.40 23.31
N ILE H 137 13.70 -30.28 23.87
CA ILE H 137 13.57 -29.77 25.23
C ILE H 137 14.31 -30.67 26.20
N SER H 138 14.16 -31.99 26.02
CA SER H 138 14.80 -32.96 26.90
C SER H 138 16.32 -32.96 26.73
N HIS H 139 16.80 -32.71 25.52
CA HIS H 139 18.22 -32.84 25.24
C HIS H 139 19.02 -31.59 25.60
N THR H 140 18.42 -30.42 25.42
CA THR H 140 19.14 -29.17 25.49
C THR H 140 18.53 -28.18 26.45
N GLN H 141 17.41 -28.52 27.08
CA GLN H 141 16.70 -27.64 28.00
C GLN H 141 16.32 -26.31 27.36
N LYS H 142 16.07 -26.32 26.04
CA LYS H 142 15.71 -25.13 25.28
C LYS H 142 14.61 -25.49 24.29
N ALA H 143 13.73 -24.54 23.98
CA ALA H 143 12.61 -24.81 23.09
C ALA H 143 12.65 -23.87 21.90
N THR H 144 12.48 -24.41 20.69
CA THR H 144 12.54 -23.62 19.46
C THR H 144 11.22 -23.76 18.71
N LEU H 145 10.44 -22.68 18.69
CA LEU H 145 9.30 -22.52 17.79
C LEU H 145 9.79 -22.02 16.43
N VAL H 146 8.99 -22.25 15.41
CA VAL H 146 9.32 -21.85 14.05
C VAL H 146 8.07 -21.27 13.41
N CYS H 147 8.26 -20.19 12.66
CA CYS H 147 7.19 -19.54 11.92
C CYS H 147 7.56 -19.59 10.44
N LEU H 148 6.65 -20.10 9.60
CA LEU H 148 6.90 -20.18 8.16
C LEU H 148 5.89 -19.31 7.44
N ALA H 149 6.38 -18.34 6.67
CA ALA H 149 5.56 -17.54 5.76
C ALA H 149 5.84 -18.00 4.35
N THR H 150 4.82 -18.48 3.65
CA THR H 150 5.01 -19.17 2.39
C THR H 150 4.03 -18.66 1.35
N GLY H 151 4.44 -18.74 0.09
CA GLY H 151 3.63 -18.43 -1.06
C GLY H 151 3.36 -16.98 -1.32
N PHE H 152 4.07 -16.04 -0.70
CA PHE H 152 3.79 -14.63 -0.94
C PHE H 152 4.59 -14.09 -2.14
N TYR H 153 4.17 -12.93 -2.63
CA TYR H 153 4.77 -12.23 -3.75
C TYR H 153 4.15 -10.84 -3.88
N PRO H 154 4.92 -9.78 -4.11
CA PRO H 154 6.37 -9.62 -4.14
C PRO H 154 6.96 -9.75 -2.73
N ASP H 155 8.27 -9.57 -2.54
CA ASP H 155 8.91 -9.74 -1.24
C ASP H 155 8.76 -8.48 -0.36
N HIS H 156 7.52 -8.13 -0.02
CA HIS H 156 7.20 -6.98 0.84
C HIS H 156 6.60 -7.47 2.14
N VAL H 157 7.43 -7.99 3.05
CA VAL H 157 6.95 -8.62 4.28
C VAL H 157 7.78 -8.14 5.46
N GLU H 158 7.13 -8.08 6.62
CA GLU H 158 7.80 -7.80 7.89
C GLU H 158 7.23 -8.77 8.93
N LEU H 159 8.06 -9.73 9.34
CA LEU H 159 7.69 -10.76 10.28
C LEU H 159 8.21 -10.39 11.67
N SER H 160 7.37 -10.56 12.68
CA SER H 160 7.75 -10.26 14.05
C SER H 160 7.14 -11.32 14.97
N TRP H 161 7.65 -11.37 16.19
CA TRP H 161 7.24 -12.36 17.18
C TRP H 161 6.69 -11.62 18.38
N TRP H 162 5.55 -12.05 18.88
CA TRP H 162 4.87 -11.39 19.99
C TRP H 162 4.70 -12.38 21.13
N VAL H 163 5.39 -12.15 22.24
CA VAL H 163 5.31 -13.02 23.40
C VAL H 163 4.55 -12.30 24.50
N ASN H 164 3.43 -12.90 24.94
CA ASN H 164 2.53 -12.31 25.93
C ASN H 164 2.13 -10.89 25.53
N GLY H 165 1.83 -10.70 24.26
CA GLY H 165 1.36 -9.43 23.81
C GLY H 165 2.42 -8.40 23.48
N LYS H 166 3.66 -8.60 23.95
CA LYS H 166 4.74 -7.65 23.67
C LYS H 166 5.67 -8.20 22.59
N GLU H 167 6.03 -7.36 21.63
CA GLU H 167 7.01 -7.76 20.63
C GLU H 167 8.32 -8.15 21.30
N VAL H 168 9.01 -9.15 20.74
CA VAL H 168 10.29 -9.56 21.29
C VAL H 168 11.29 -9.65 20.15
N HIS H 169 12.57 -9.47 20.51
CA HIS H 169 13.71 -9.60 19.60
C HIS H 169 14.81 -10.50 20.15
N SER H 170 14.96 -10.65 21.46
CA SER H 170 15.99 -11.54 21.96
C SER H 170 15.60 -12.98 21.65
N GLY H 171 16.52 -13.73 21.05
CA GLY H 171 16.29 -15.13 20.77
C GLY H 171 15.59 -15.42 19.47
N VAL H 172 15.68 -14.53 18.49
CA VAL H 172 14.96 -14.60 17.22
C VAL H 172 15.98 -14.65 16.08
N CYS H 173 15.67 -15.40 15.03
CA CYS H 173 16.47 -15.41 13.81
C CYS H 173 15.52 -15.55 12.63
N THR H 174 15.39 -14.50 11.84
CA THR H 174 14.60 -14.51 10.62
C THR H 174 15.56 -14.47 9.46
N ASP H 175 15.19 -15.12 8.37
CA ASP H 175 16.11 -15.19 7.25
C ASP H 175 16.39 -13.80 6.71
N PRO H 176 17.61 -13.53 6.25
CA PRO H 176 17.91 -12.23 5.64
C PRO H 176 17.46 -12.14 4.19
N GLN H 177 17.24 -13.26 3.53
CA GLN H 177 16.68 -13.24 2.19
C GLN H 177 15.64 -14.34 2.08
N PRO H 178 14.64 -14.16 1.23
CA PRO H 178 13.59 -15.18 1.09
C PRO H 178 13.92 -16.28 0.10
N LEU H 179 13.44 -17.48 0.45
CA LEU H 179 13.51 -18.63 -0.43
C LEU H 179 12.55 -18.46 -1.60
N LYS H 180 13.09 -18.42 -2.82
CA LYS H 180 12.26 -18.64 -4.01
C LYS H 180 11.72 -20.07 -3.99
N GLU H 181 10.39 -20.21 -4.04
CA GLU H 181 9.81 -21.54 -3.93
C GLU H 181 10.09 -22.38 -5.17
N GLN H 182 10.11 -21.74 -6.34
CA GLN H 182 10.45 -22.40 -7.61
C GLN H 182 11.59 -21.60 -8.25
N PRO H 183 12.85 -21.97 -7.98
CA PRO H 183 13.96 -21.06 -8.28
C PRO H 183 14.17 -20.74 -9.75
N ALA H 184 13.68 -21.57 -10.68
CA ALA H 184 13.85 -21.27 -12.10
C ALA H 184 12.95 -20.13 -12.56
N LEU H 185 11.68 -20.13 -12.15
CA LEU H 185 10.71 -19.15 -12.66
C LEU H 185 11.04 -17.73 -12.19
N ASN H 186 10.83 -16.76 -13.10
CA ASN H 186 11.10 -15.37 -12.78
C ASN H 186 10.09 -14.79 -11.80
N ASP H 187 8.83 -15.24 -11.88
CA ASP H 187 7.73 -14.72 -11.07
C ASP H 187 7.46 -15.57 -9.83
N SER H 188 8.44 -16.35 -9.37
CA SER H 188 8.21 -17.34 -8.33
C SER H 188 7.85 -16.71 -6.98
N ARG H 189 6.96 -17.36 -6.26
CA ARG H 189 6.53 -16.90 -4.95
C ARG H 189 7.61 -17.21 -3.91
N TYR H 190 7.46 -16.64 -2.72
CA TYR H 190 8.53 -16.63 -1.75
C TYR H 190 8.13 -17.40 -0.49
N ALA H 191 9.15 -17.79 0.27
CA ALA H 191 8.98 -18.41 1.58
C ALA H 191 10.01 -17.81 2.51
N LEU H 192 9.65 -17.64 3.77
CA LEU H 192 10.49 -16.98 4.74
C LEU H 192 10.31 -17.71 6.07
N SER H 193 11.41 -18.10 6.71
CA SER H 193 11.33 -18.81 7.99
C SER H 193 11.95 -17.98 9.10
N SER H 194 11.63 -18.36 10.34
CA SER H 194 12.05 -17.58 11.48
C SER H 194 11.91 -18.43 12.74
N ARG H 195 12.83 -18.28 13.68
CA ARG H 195 12.84 -19.10 14.87
C ARG H 195 12.83 -18.21 16.11
N LEU H 196 12.17 -18.70 17.15
CA LEU H 196 12.25 -18.08 18.47
C LEU H 196 12.70 -19.19 19.41
N ARG H 197 13.80 -18.98 20.11
CA ARG H 197 14.29 -20.00 21.00
C ARG H 197 14.22 -19.44 22.41
N VAL H 198 13.57 -20.18 23.30
CA VAL H 198 13.35 -19.76 24.66
C VAL H 198 13.84 -20.89 25.55
N SER H 199 13.98 -20.59 26.83
CA SER H 199 14.29 -21.65 27.79
C SER H 199 13.09 -22.59 27.91
N ALA H 200 13.39 -23.86 28.22
CA ALA H 200 12.31 -24.82 28.40
C ALA H 200 11.39 -24.44 29.56
N THR H 201 11.94 -23.80 30.60
CA THR H 201 11.08 -23.30 31.68
C THR H 201 10.02 -22.34 31.15
N PHE H 202 10.43 -21.42 30.28
CA PHE H 202 9.49 -20.48 29.68
C PHE H 202 8.47 -21.20 28.81
N TRP H 203 8.91 -22.18 28.02
CA TRP H 203 7.97 -22.89 27.16
C TRP H 203 6.91 -23.62 27.98
N GLN H 204 7.32 -24.15 29.13
CA GLN H 204 6.51 -25.05 29.95
C GLN H 204 5.57 -24.32 30.91
N ASN H 205 5.56 -22.98 30.89
CA ASN H 205 4.51 -22.23 31.56
C ASN H 205 3.28 -22.20 30.66
N PRO H 206 2.17 -22.80 31.08
CA PRO H 206 0.98 -22.84 30.21
C PRO H 206 0.34 -21.48 29.98
N ARG H 207 0.61 -20.48 30.82
CA ARG H 207 0.02 -19.18 30.64
CA ARG H 207 0.04 -19.15 30.68
C ARG H 207 0.78 -18.28 29.66
N ASN H 208 1.92 -18.76 29.13
CA ASN H 208 2.70 -18.00 28.15
C ASN H 208 2.13 -18.17 26.74
N HIS H 209 2.04 -17.07 26.00
CA HIS H 209 1.38 -17.02 24.70
C HIS H 209 2.35 -16.48 23.66
N PHE H 210 2.51 -17.21 22.56
CA PHE H 210 3.44 -16.87 21.49
C PHE H 210 2.68 -16.59 20.20
N ARG H 211 3.12 -15.60 19.44
CA ARG H 211 2.46 -15.28 18.18
C ARG H 211 3.49 -14.74 17.22
N CYS H 212 3.55 -15.29 16.03
CA CYS H 212 4.33 -14.67 14.97
C CYS H 212 3.37 -14.01 14.00
N GLN H 213 3.72 -12.81 13.55
CA GLN H 213 2.83 -12.09 12.65
C GLN H 213 3.63 -11.52 11.50
N VAL H 214 3.07 -11.62 10.31
CA VAL H 214 3.70 -11.15 9.10
C VAL H 214 2.86 -10.01 8.59
N GLN H 215 3.52 -8.90 8.29
CA GLN H 215 2.88 -7.76 7.66
C GLN H 215 3.20 -7.83 6.19
N PHE H 216 2.16 -7.90 5.36
CA PHE H 216 2.32 -7.90 3.92
C PHE H 216 1.90 -6.54 3.37
N TYR H 217 2.63 -6.08 2.34
CA TYR H 217 2.32 -4.84 1.64
C TYR H 217 1.95 -5.21 0.22
N GLY H 218 0.68 -5.00 -0.13
CA GLY H 218 0.15 -5.38 -1.43
C GLY H 218 -0.79 -4.32 -1.93
N LEU H 219 -1.91 -4.70 -2.52
CA LEU H 219 -2.74 -3.74 -3.22
C LEU H 219 -3.48 -2.82 -2.26
N SER H 220 -4.17 -1.84 -2.83
CA SER H 220 -5.02 -0.89 -2.10
C SER H 220 -6.28 -0.65 -2.91
N GLU H 221 -7.20 0.17 -2.34
CA GLU H 221 -8.53 0.32 -2.91
C GLU H 221 -8.50 0.66 -4.39
N ASN H 222 -7.57 1.52 -4.81
CA ASN H 222 -7.54 2.00 -6.20
C ASN H 222 -7.23 0.88 -7.18
N ASP H 223 -6.51 -0.15 -6.73
CA ASP H 223 -5.98 -1.14 -7.66
C ASP H 223 -7.11 -2.00 -8.22
N GLU H 224 -7.15 -2.12 -9.54
CA GLU H 224 -8.21 -2.84 -10.21
C GLU H 224 -7.92 -4.33 -10.15
N TRP H 225 -8.81 -5.10 -9.52
CA TRP H 225 -8.66 -6.53 -9.36
C TRP H 225 -9.77 -7.26 -10.11
N THR H 226 -9.41 -8.35 -10.82
CA THR H 226 -10.35 -9.09 -11.63
C THR H 226 -10.28 -10.61 -11.45
N GLN H 227 -9.45 -11.11 -10.55
CA GLN H 227 -9.25 -12.54 -10.40
C GLN H 227 -10.37 -13.17 -9.57
N ASP H 228 -10.35 -14.50 -9.51
CA ASP H 228 -11.35 -15.25 -8.77
C ASP H 228 -11.05 -15.37 -7.29
N ARG H 229 -9.79 -15.19 -6.89
CA ARG H 229 -9.44 -15.26 -5.48
C ARG H 229 -9.59 -13.88 -4.87
N ALA H 230 -9.37 -13.81 -3.56
CA ALA H 230 -9.55 -12.56 -2.86
C ALA H 230 -8.42 -11.59 -3.23
N LYS H 231 -8.79 -10.32 -3.37
CA LYS H 231 -7.84 -9.30 -3.76
C LYS H 231 -6.76 -9.13 -2.70
N PRO H 232 -5.45 -9.23 -3.07
CA PRO H 232 -4.32 -9.31 -2.10
C PRO H 232 -3.92 -7.96 -1.50
N VAL H 233 -4.78 -7.40 -0.67
CA VAL H 233 -4.53 -6.08 -0.09
C VAL H 233 -3.42 -6.11 0.96
N THR H 234 -2.92 -4.95 1.33
CA THR H 234 -2.05 -4.86 2.51
C THR H 234 -2.79 -5.42 3.70
N GLN H 235 -2.13 -6.30 4.44
CA GLN H 235 -2.83 -7.04 5.50
C GLN H 235 -1.81 -7.66 6.44
N ILE H 236 -2.32 -8.08 7.60
CA ILE H 236 -1.54 -8.79 8.62
C ILE H 236 -2.06 -10.20 8.73
N VAL H 237 -1.18 -11.18 8.59
CA VAL H 237 -1.50 -12.58 8.69
C VAL H 237 -0.61 -13.13 9.79
N SER H 238 -1.20 -13.76 10.81
CA SER H 238 -0.46 -14.23 11.98
C SER H 238 -0.89 -15.65 12.36
N ALA H 239 -0.16 -16.25 13.29
CA ALA H 239 -0.42 -17.59 13.83
C ALA H 239 0.11 -17.65 15.26
N GLU H 240 -0.60 -18.34 16.15
CA GLU H 240 -0.25 -18.31 17.57
C GLU H 240 0.03 -19.71 18.12
N ALA H 241 0.57 -19.73 19.35
CA ALA H 241 0.74 -20.97 20.10
C ALA H 241 0.81 -20.66 21.59
N TRP H 242 0.48 -21.67 22.41
CA TRP H 242 0.49 -21.55 23.86
C TRP H 242 1.42 -22.59 24.47
N GLY H 243 2.00 -22.23 25.61
CA GLY H 243 2.88 -23.15 26.30
C GLY H 243 2.17 -24.40 26.77
N ARG H 244 2.93 -25.50 26.78
CA ARG H 244 2.44 -26.82 27.15
C ARG H 244 3.18 -27.25 28.41
N ALA H 245 2.44 -27.70 29.42
CA ALA H 245 3.08 -28.18 30.65
C ALA H 245 3.60 -29.61 30.47
C7 XIK I . 36.36 25.75 -8.58
C8 XIK I . 35.94 25.60 -9.89
O1 XIK I . 35.14 29.06 -7.77
C1 XIK I . 35.28 26.64 -10.57
C5 XIK I . 36.12 26.96 -7.92
C6 XIK I . 36.04 26.59 -5.57
C4 XIK I . 34.56 30.19 -8.38
C3 XIK I . 35.41 27.99 -8.56
C2 XIK I . 35.01 27.83 -9.88
C XIK I . 34.93 26.51 -11.98
O2 XIK I . 36.58 27.29 -6.67
C ACT J . 56.84 40.93 -32.45
O ACT J . 56.37 39.83 -32.01
OXT ACT J . 56.74 41.41 -33.63
CH3 ACT J . 57.66 41.82 -31.45
C1 GOL K . 38.28 23.42 -2.45
O1 GOL K . 38.55 24.05 -1.20
C2 GOL K . 37.59 24.44 -3.43
O2 GOL K . 38.35 25.58 -3.69
C3 GOL K . 37.33 23.63 -4.73
O3 GOL K . 37.77 24.36 -5.85
C7 XIK L . -24.37 -17.15 14.60
C8 XIK L . -25.18 -16.21 15.22
O1 XIK L . -24.95 -20.07 16.67
C1 XIK L . -26.00 -16.57 16.30
C5 XIK L . -24.35 -18.46 15.06
C6 XIK L . -22.56 -19.12 13.65
C4 XIK L . -25.54 -20.35 17.94
C3 XIK L . -25.15 -18.82 16.17
C2 XIK L . -25.97 -17.89 16.76
C XIK L . -26.88 -15.60 16.96
O2 XIK L . -23.62 -19.48 14.52
C1 GOL M . -6.16 -26.91 41.76
O1 GOL M . -6.41 -25.95 40.73
C2 GOL M . -7.48 -27.19 42.59
O2 GOL M . -7.76 -28.56 42.65
C3 GOL M . -7.21 -26.61 44.02
O3 GOL M . -8.06 -27.32 44.90
C1 GOL N . -22.81 -16.98 10.69
O1 GOL N . -23.29 -16.84 12.00
C2 GOL N . -21.78 -18.13 10.57
O2 GOL N . -22.41 -19.41 10.57
C3 GOL N . -20.93 -17.77 9.28
O3 GOL N . -20.83 -18.92 8.47
C1 GOL O . -46.21 -13.09 -13.90
O1 GOL O . -44.96 -13.25 -14.54
C2 GOL O . -47.33 -13.57 -14.87
O2 GOL O . -48.19 -14.55 -14.31
C3 GOL O . -48.08 -12.27 -15.38
O3 GOL O . -47.47 -11.13 -14.81
C1 GOL P . -9.48 -31.76 46.19
O1 GOL P . -10.49 -30.91 46.57
C2 GOL P . -9.81 -32.30 44.77
O2 GOL P . -9.87 -31.30 43.74
C3 GOL P . -8.67 -33.33 44.55
O3 GOL P . -9.05 -34.07 43.44
#